data_5A1S
#
_entry.id   5A1S
#
_cell.length_a   86.382
_cell.length_b   89.935
_cell.length_c   91.843
_cell.angle_alpha   90.44
_cell.angle_beta   113.79
_cell.angle_gamma   99.55
#
_symmetry.space_group_name_H-M   'P 1'
#
loop_
_entity.id
_entity.type
_entity.pdbx_description
1 polymer 'CITRATE-SODIUM SYMPORTER'
2 non-polymer 'SODIUM ION'
3 non-polymer 'CITRATE ANION'
4 non-polymer 'octyl beta-D-glucopyranoside'
5 non-polymer UNDECANE
6 non-polymer 'CHLORIDE ION'
7 non-polymer PHOSPHATIDYLETHANOLAMINE
8 non-polymer '2-(N-MORPHOLINO)-ETHANESULFONIC ACID'
9 water water
#
_entity_poly.entity_id   1
_entity_poly.type   'polypeptide(L)'
_entity_poly.pdbx_seq_one_letter_code
;MTNMTQASATERKGASDLLRFKIFGMPLPLYAFALITLLLSHFYNAIPTDLVGGFALMFVMGAIFGEIGKRLPIFNKYIG
GAPVMIFLVAAYFVYAGIFTQKEIDAISNVMDKSNFLNLFIAVLITGAILSVNRKLLLKSLLGYIPTILAGIVGASLFGI
VIGLCFGIPVDRIMMLYVLPIMGGGNGAGAVPLSEIYHSVTGRSREEYYSTAIAILTIANIFAIIFAALLDMVGKKYTWL
SGEGELVRKASFKTEDDEKAGQITHRETAVGMVLSTTCFLLAYVVAKKILPSIGGVSIHYFAWMVLIVAALNASGLCSPE
IKAGAKRLSDFFSKQLLWVLMVGVGVCYTDLQEIIDALTFANVVIAAIIVVGAVVGAAIGGWLIGFYPIESSITAGLCMA
NRGGSGDLEVLSACNRMNLISYAQISSRLGGGIVLVIASIVFSMMVLE
;
_entity_poly.pdbx_strand_id   A,B,C,D
#
loop_
_chem_comp.id
_chem_comp.type
_chem_comp.name
_chem_comp.formula
BOG D-saccharide 'octyl beta-D-glucopyranoside' 'C14 H28 O6'
CL non-polymer 'CHLORIDE ION' 'Cl -1'
FLC non-polymer 'CITRATE ANION' 'C6 H5 O7 -3'
MES non-polymer '2-(N-MORPHOLINO)-ETHANESULFONIC ACID' 'C6 H13 N O4 S'
NA non-polymer 'SODIUM ION' 'Na 1'
PTY non-polymer PHOSPHATIDYLETHANOLAMINE 'C40 H80 N O8 P'
UND non-polymer UNDECANE 'C11 H24'
#
# COMPACT_ATOMS: atom_id res chain seq x y z
N SER A 16 15.84 -22.27 -7.52
CA SER A 16 16.49 -22.83 -8.71
C SER A 16 16.22 -22.00 -9.95
N ASP A 17 14.96 -22.02 -10.40
CA ASP A 17 14.58 -21.32 -11.63
C ASP A 17 14.65 -19.81 -11.48
N LEU A 18 15.54 -19.19 -12.25
CA LEU A 18 15.68 -17.75 -12.27
C LEU A 18 14.99 -17.19 -13.52
N LEU A 19 14.74 -18.07 -14.48
CA LEU A 19 14.13 -17.69 -15.75
C LEU A 19 12.67 -17.25 -15.60
N ARG A 20 12.11 -17.47 -14.41
CA ARG A 20 10.79 -16.96 -14.07
C ARG A 20 10.89 -15.50 -13.64
N PHE A 21 12.00 -15.16 -12.97
CA PHE A 21 12.18 -13.85 -12.37
C PHE A 21 12.29 -12.73 -13.40
N LYS A 22 11.64 -11.61 -13.10
CA LYS A 22 11.57 -10.49 -14.04
C LYS A 22 12.31 -9.25 -13.55
N ILE A 23 12.91 -8.52 -14.49
CA ILE A 23 13.52 -7.22 -14.21
C ILE A 23 12.89 -6.17 -15.12
N PHE A 24 12.17 -5.24 -14.50
CA PHE A 24 11.35 -4.26 -15.22
C PHE A 24 10.41 -4.96 -16.21
N GLY A 25 9.68 -5.94 -15.70
CA GLY A 25 8.72 -6.68 -16.51
C GLY A 25 9.36 -7.62 -17.52
N MET A 26 10.69 -7.66 -17.55
CA MET A 26 11.42 -8.51 -18.48
C MET A 26 12.01 -9.73 -17.79
N PRO A 27 11.66 -10.93 -18.27
CA PRO A 27 12.25 -12.17 -17.75
C PRO A 27 13.76 -12.16 -17.97
N LEU A 28 14.52 -12.69 -17.01
CA LEU A 28 15.99 -12.68 -17.06
C LEU A 28 16.65 -12.97 -18.43
N PRO A 29 16.17 -14.00 -19.15
CA PRO A 29 16.76 -14.23 -20.47
C PRO A 29 16.53 -13.05 -21.42
N LEU A 30 15.34 -12.46 -21.37
CA LEU A 30 15.02 -11.32 -22.23
C LEU A 30 15.83 -10.08 -21.85
N TYR A 31 16.03 -9.88 -20.55
CA TYR A 31 16.80 -8.73 -20.08
C TYR A 31 18.28 -8.89 -20.40
N ALA A 32 18.76 -10.13 -20.38
CA ALA A 32 20.14 -10.42 -20.74
C ALA A 32 20.42 -9.95 -22.16
N PHE A 33 19.50 -10.23 -23.07
CA PHE A 33 19.58 -9.76 -24.44
C PHE A 33 19.70 -8.24 -24.49
N ALA A 34 18.95 -7.57 -23.61
CA ALA A 34 18.99 -6.12 -23.52
C ALA A 34 20.27 -5.65 -22.82
N LEU A 35 20.65 -6.36 -21.76
CA LEU A 35 21.86 -6.02 -21.01
C LEU A 35 23.11 -6.21 -21.87
N ILE A 36 23.18 -7.33 -22.59
CA ILE A 36 24.29 -7.62 -23.50
C ILE A 36 24.35 -6.59 -24.62
N THR A 37 23.19 -6.19 -25.12
CA THR A 37 23.10 -5.16 -26.15
C THR A 37 23.74 -3.86 -25.69
N LEU A 38 23.48 -3.48 -24.44
CA LEU A 38 24.05 -2.27 -23.87
C LEU A 38 25.56 -2.41 -23.68
N LEU A 39 25.99 -3.60 -23.29
CA LEU A 39 27.41 -3.88 -23.07
C LEU A 39 28.18 -3.88 -24.38
N LEU A 40 27.57 -4.41 -25.43
CA LEU A 40 28.17 -4.41 -26.76
C LEU A 40 28.31 -2.98 -27.28
N SER A 41 27.32 -2.15 -26.97
CA SER A 41 27.36 -0.73 -27.32
C SER A 41 28.47 -0.03 -26.55
N HIS A 42 28.60 -0.37 -25.27
CA HIS A 42 29.54 0.29 -24.38
C HIS A 42 31.01 0.00 -24.71
N PHE A 43 31.28 -1.21 -25.19
CA PHE A 43 32.65 -1.63 -25.46
C PHE A 43 33.12 -1.31 -26.88
N TYR A 44 32.18 -1.36 -27.82
CA TYR A 44 32.47 -0.96 -29.19
C TYR A 44 32.38 0.56 -29.34
N ASN A 45 32.02 1.22 -28.24
CA ASN A 45 31.85 2.68 -28.22
C ASN A 45 30.95 3.16 -29.33
N ALA A 46 29.73 2.62 -29.36
CA ALA A 46 28.76 2.96 -30.39
C ALA A 46 27.35 3.14 -29.82
N ILE A 47 26.88 4.38 -29.82
CA ILE A 47 25.53 4.70 -29.40
C ILE A 47 25.10 6.03 -30.00
N PRO A 48 23.91 6.06 -30.62
CA PRO A 48 23.41 7.33 -31.14
C PRO A 48 23.08 8.24 -29.98
N THR A 49 23.49 9.50 -30.05
CA THR A 49 23.26 10.43 -28.95
C THR A 49 21.91 11.10 -29.06
N ASP A 50 20.88 10.32 -29.37
CA ASP A 50 19.52 10.81 -29.51
C ASP A 50 18.56 10.07 -28.59
N LEU A 51 17.26 10.16 -28.87
CA LEU A 51 16.23 9.52 -28.05
C LEU A 51 16.39 8.00 -27.97
N VAL A 52 16.66 7.37 -29.11
CA VAL A 52 16.79 5.92 -29.17
C VAL A 52 17.96 5.41 -28.33
N GLY A 53 19.13 5.99 -28.53
CA GLY A 53 20.31 5.60 -27.78
C GLY A 53 20.21 5.93 -26.30
N GLY A 54 19.71 7.13 -26.00
CA GLY A 54 19.50 7.54 -24.62
C GLY A 54 18.50 6.65 -23.91
N PHE A 55 17.30 6.52 -24.47
CA PHE A 55 16.26 5.71 -23.85
C PHE A 55 16.67 4.26 -23.64
N ALA A 56 17.31 3.66 -24.64
CA ALA A 56 17.81 2.30 -24.53
C ALA A 56 18.71 2.16 -23.32
N LEU A 57 19.67 3.07 -23.19
CA LEU A 57 20.60 3.10 -22.07
C LEU A 57 19.84 3.34 -20.77
N MET A 58 19.02 4.37 -20.75
CA MET A 58 18.30 4.77 -19.55
C MET A 58 17.29 3.70 -19.10
N PHE A 59 16.74 2.96 -20.06
CA PHE A 59 15.80 1.88 -19.76
C PHE A 59 16.52 0.70 -19.10
N VAL A 60 17.54 0.18 -19.77
CA VAL A 60 18.26 -1.00 -19.29
C VAL A 60 18.95 -0.76 -17.95
N MET A 61 19.71 0.33 -17.85
CA MET A 61 20.40 0.66 -16.61
C MET A 61 19.43 1.03 -15.50
N GLY A 62 18.38 1.76 -15.85
CA GLY A 62 17.35 2.12 -14.88
C GLY A 62 16.67 0.88 -14.35
N ALA A 63 16.51 -0.11 -15.22
CA ALA A 63 15.86 -1.37 -14.85
C ALA A 63 16.63 -2.12 -13.77
N ILE A 64 17.93 -2.35 -14.01
CA ILE A 64 18.74 -3.17 -13.11
C ILE A 64 18.89 -2.57 -11.71
N PHE A 65 19.17 -1.27 -11.65
CA PHE A 65 19.42 -0.62 -10.36
C PHE A 65 18.13 -0.21 -9.66
N GLY A 66 17.01 -0.33 -10.36
CA GLY A 66 15.71 -0.13 -9.75
C GLY A 66 15.32 -1.36 -8.95
N GLU A 67 15.41 -2.53 -9.58
CA GLU A 67 15.10 -3.79 -8.93
C GLU A 67 16.00 -4.03 -7.72
N ILE A 68 17.27 -3.68 -7.85
CA ILE A 68 18.23 -3.78 -6.74
C ILE A 68 17.78 -2.89 -5.57
N GLY A 69 17.54 -1.62 -5.87
CA GLY A 69 17.10 -0.67 -4.86
C GLY A 69 15.77 -1.02 -4.25
N LYS A 70 14.95 -1.76 -5.00
CA LYS A 70 13.65 -2.20 -4.51
C LYS A 70 13.81 -3.32 -3.48
N ARG A 71 14.93 -4.03 -3.56
CA ARG A 71 15.14 -5.22 -2.74
C ARG A 71 16.14 -5.08 -1.60
N LEU A 72 17.04 -4.09 -1.69
CA LEU A 72 17.99 -3.85 -0.60
C LEU A 72 17.24 -3.47 0.68
N PRO A 73 17.35 -4.34 1.71
CA PRO A 73 16.56 -4.29 2.95
C PRO A 73 16.45 -2.92 3.61
N ILE A 74 17.58 -2.36 4.03
CA ILE A 74 17.60 -1.06 4.71
C ILE A 74 17.30 0.08 3.72
N PHE A 75 17.89 -0.02 2.53
CA PHE A 75 17.76 1.01 1.50
C PHE A 75 16.32 1.19 1.03
N ASN A 76 15.56 0.09 0.99
CA ASN A 76 14.21 0.09 0.45
C ASN A 76 13.22 0.98 1.20
N LYS A 77 13.34 1.05 2.52
CA LYS A 77 12.36 1.75 3.33
C LYS A 77 12.85 3.07 3.92
N TYR A 78 14.15 3.15 4.19
CA TYR A 78 14.69 4.32 4.88
C TYR A 78 15.29 5.38 3.95
N ILE A 79 15.69 4.97 2.75
CA ILE A 79 16.41 5.87 1.85
C ILE A 79 15.61 6.28 0.61
N GLY A 80 14.79 5.38 0.09
CA GLY A 80 13.94 5.70 -1.04
C GLY A 80 13.75 4.57 -2.04
N GLY A 81 14.53 3.51 -1.87
CA GLY A 81 14.39 2.33 -2.71
C GLY A 81 14.86 2.51 -4.15
N ALA A 82 14.05 1.98 -5.07
CA ALA A 82 14.39 1.96 -6.49
C ALA A 82 14.88 3.28 -7.11
N PRO A 83 14.09 4.37 -7.01
CA PRO A 83 14.45 5.58 -7.74
C PRO A 83 15.74 6.21 -7.24
N VAL A 84 15.94 6.23 -5.93
CA VAL A 84 17.12 6.84 -5.33
C VAL A 84 18.41 6.10 -5.70
N MET A 85 18.35 4.77 -5.70
CA MET A 85 19.49 3.93 -6.10
C MET A 85 19.93 4.25 -7.52
N ILE A 86 18.98 4.18 -8.45
CA ILE A 86 19.20 4.53 -9.84
C ILE A 86 19.83 5.91 -9.95
N PHE A 87 19.24 6.85 -9.22
CA PHE A 87 19.68 8.24 -9.17
C PHE A 87 21.11 8.37 -8.65
N LEU A 88 21.42 7.68 -7.56
CA LEU A 88 22.75 7.73 -6.95
C LEU A 88 23.80 6.97 -7.77
N VAL A 89 23.43 5.79 -8.25
CA VAL A 89 24.32 4.98 -9.07
C VAL A 89 24.71 5.69 -10.36
N ALA A 90 23.74 6.31 -11.01
CA ALA A 90 23.98 7.04 -12.26
C ALA A 90 24.86 8.27 -12.04
N ALA A 91 24.71 8.91 -10.89
CA ALA A 91 25.54 10.06 -10.55
C ALA A 91 26.97 9.60 -10.25
N TYR A 92 27.09 8.34 -9.85
CA TYR A 92 28.39 7.77 -9.52
C TYR A 92 29.12 7.23 -10.76
N PHE A 93 28.36 6.78 -11.74
CA PHE A 93 28.95 6.32 -13.00
C PHE A 93 29.61 7.48 -13.74
N VAL A 94 29.15 8.69 -13.46
CA VAL A 94 29.71 9.90 -14.04
C VAL A 94 30.98 10.31 -13.29
N TYR A 95 30.89 10.33 -11.97
CA TYR A 95 32.02 10.71 -11.11
C TYR A 95 33.21 9.76 -11.24
N ALA A 96 32.91 8.46 -11.42
CA ALA A 96 33.95 7.46 -11.50
C ALA A 96 34.26 7.07 -12.95
N GLY A 97 33.66 7.77 -13.89
CA GLY A 97 33.97 7.59 -15.30
C GLY A 97 33.61 6.24 -15.92
N ILE A 98 32.58 5.60 -15.38
CA ILE A 98 32.13 4.32 -15.93
C ILE A 98 31.42 4.51 -17.27
N PHE A 99 30.63 5.57 -17.37
CA PHE A 99 30.03 5.97 -18.64
C PHE A 99 31.12 6.40 -19.60
N THR A 100 30.83 6.38 -20.90
CA THR A 100 31.70 7.02 -21.88
C THR A 100 31.14 8.41 -22.17
N GLN A 101 31.87 9.20 -22.93
CA GLN A 101 31.44 10.55 -23.27
C GLN A 101 30.14 10.53 -24.08
N LYS A 102 30.01 9.52 -24.94
CA LYS A 102 28.81 9.35 -25.76
C LYS A 102 27.59 9.04 -24.90
N GLU A 103 27.74 8.12 -23.97
CA GLU A 103 26.67 7.70 -23.08
C GLU A 103 26.13 8.86 -22.24
N ILE A 104 27.04 9.72 -21.78
CA ILE A 104 26.67 10.91 -21.04
C ILE A 104 25.99 11.92 -21.97
N ASP A 105 26.54 12.07 -23.17
CA ASP A 105 25.98 12.99 -24.15
C ASP A 105 24.62 12.51 -24.66
N ALA A 106 24.45 11.20 -24.73
CA ALA A 106 23.17 10.61 -25.14
C ALA A 106 22.09 10.94 -24.11
N ILE A 107 22.41 10.72 -22.85
CA ILE A 107 21.50 11.01 -21.74
C ILE A 107 21.24 12.51 -21.62
N SER A 108 22.30 13.30 -21.72
CA SER A 108 22.20 14.75 -21.57
C SER A 108 21.38 15.40 -22.69
N ASN A 109 21.50 14.87 -23.90
CA ASN A 109 20.74 15.39 -25.04
C ASN A 109 19.25 15.11 -24.92
N VAL A 110 18.91 13.94 -24.35
CA VAL A 110 17.52 13.60 -24.10
C VAL A 110 16.93 14.50 -23.02
N MET A 111 17.64 14.61 -21.90
CA MET A 111 17.15 15.34 -20.73
C MET A 111 17.10 16.86 -20.90
N ASP A 112 18.11 17.43 -21.54
CA ASP A 112 18.26 18.88 -21.60
C ASP A 112 18.04 19.50 -22.99
N LYS A 113 18.71 18.97 -24.01
CA LYS A 113 18.56 19.51 -25.35
C LYS A 113 17.18 19.22 -25.94
N SER A 114 16.78 17.96 -25.90
CA SER A 114 15.42 17.58 -26.30
C SER A 114 14.45 18.00 -25.22
N ASN A 115 14.98 18.23 -24.02
CA ASN A 115 14.19 18.65 -22.86
C ASN A 115 13.12 17.64 -22.45
N PHE A 116 13.53 16.38 -22.26
CA PHE A 116 12.61 15.35 -21.81
C PHE A 116 12.17 15.60 -20.36
N LEU A 117 12.99 16.34 -19.62
CA LEU A 117 12.63 16.71 -18.26
C LEU A 117 11.37 17.58 -18.24
N ASN A 118 11.33 18.58 -19.12
CA ASN A 118 10.19 19.47 -19.23
C ASN A 118 8.95 18.74 -19.73
N LEU A 119 9.14 17.82 -20.66
CA LEU A 119 8.03 17.01 -21.18
C LEU A 119 7.47 16.11 -20.09
N PHE A 120 8.35 15.56 -19.26
CA PHE A 120 7.94 14.67 -18.17
C PHE A 120 7.10 15.42 -17.14
N ILE A 121 7.57 16.59 -16.73
CA ILE A 121 6.88 17.39 -15.71
C ILE A 121 5.56 17.94 -16.24
N ALA A 122 5.55 18.33 -17.51
CA ALA A 122 4.35 18.88 -18.13
C ALA A 122 3.23 17.83 -18.21
N VAL A 123 3.60 16.60 -18.56
CA VAL A 123 2.65 15.49 -18.62
C VAL A 123 2.06 15.17 -17.24
N LEU A 124 2.92 15.15 -16.22
CA LEU A 124 2.48 14.87 -14.85
C LEU A 124 1.57 15.96 -14.28
N ILE A 125 1.88 17.21 -14.61
CA ILE A 125 1.09 18.36 -14.15
C ILE A 125 -0.31 18.35 -14.76
N THR A 126 -0.39 18.16 -16.07
CA THR A 126 -1.66 18.11 -16.78
C THR A 126 -2.51 16.95 -16.28
N GLY A 127 -1.87 15.82 -16.03
CA GLY A 127 -2.57 14.63 -15.57
C GLY A 127 -3.14 14.75 -14.18
N ALA A 128 -2.42 15.49 -13.31
CA ALA A 128 -2.82 15.62 -11.91
C ALA A 128 -3.91 16.68 -11.70
N ILE A 129 -3.76 17.81 -12.39
CA ILE A 129 -4.69 18.93 -12.23
C ILE A 129 -6.06 18.65 -12.87
N LEU A 130 -6.05 18.01 -14.04
CA LEU A 130 -7.29 17.69 -14.73
C LEU A 130 -8.12 16.62 -14.03
N SER A 131 -7.44 15.77 -13.24
CA SER A 131 -8.10 14.67 -12.57
C SER A 131 -8.97 15.09 -11.39
N VAL A 132 -8.64 16.24 -10.79
CA VAL A 132 -9.42 16.74 -9.65
C VAL A 132 -10.62 17.55 -10.12
N ASN A 133 -11.57 17.75 -9.20
CA ASN A 133 -12.74 18.58 -9.50
C ASN A 133 -12.47 20.06 -9.24
N ARG A 134 -13.02 20.91 -10.11
CA ARG A 134 -12.74 22.34 -10.09
C ARG A 134 -13.13 23.05 -8.80
N LYS A 135 -13.78 22.34 -7.88
CA LYS A 135 -14.26 22.94 -6.65
C LYS A 135 -13.16 23.13 -5.59
N LEU A 136 -12.18 22.24 -5.56
CA LEU A 136 -11.11 22.33 -4.57
C LEU A 136 -9.86 23.04 -5.11
N LEU A 137 -9.89 23.42 -6.37
CA LEU A 137 -8.75 24.09 -7.01
C LEU A 137 -8.38 25.39 -6.31
N LEU A 138 -9.32 26.31 -6.21
CA LEU A 138 -9.08 27.65 -5.68
C LEU A 138 -8.59 27.67 -4.23
N LYS A 139 -9.36 27.03 -3.34
CA LYS A 139 -9.07 27.08 -1.91
C LYS A 139 -7.83 26.26 -1.51
N SER A 140 -7.37 25.40 -2.41
CA SER A 140 -6.12 24.67 -2.18
C SER A 140 -4.94 25.62 -2.34
N LEU A 141 -4.94 26.35 -3.45
CA LEU A 141 -3.89 27.31 -3.76
C LEU A 141 -3.79 28.42 -2.71
N LEU A 142 -4.93 28.81 -2.16
CA LEU A 142 -5.00 29.91 -1.21
C LEU A 142 -4.43 29.55 0.17
N GLY A 143 -4.43 28.26 0.49
CA GLY A 143 -3.89 27.80 1.75
C GLY A 143 -2.50 27.24 1.62
N TYR A 144 -2.12 26.88 0.40
CA TYR A 144 -0.81 26.29 0.14
C TYR A 144 0.29 27.35 0.17
N ILE A 145 0.00 28.54 -0.34
CA ILE A 145 0.96 29.65 -0.35
C ILE A 145 1.40 30.08 1.07
N PRO A 146 0.45 30.21 2.02
CA PRO A 146 0.88 30.48 3.39
C PRO A 146 1.70 29.32 3.97
N THR A 147 1.44 28.11 3.51
CA THR A 147 2.19 26.93 3.95
C THR A 147 3.62 26.98 3.42
N ILE A 148 3.80 27.57 2.23
CA ILE A 148 5.13 27.80 1.68
C ILE A 148 5.88 28.81 2.55
N LEU A 149 5.20 29.89 2.89
CA LEU A 149 5.77 30.95 3.72
C LEU A 149 6.15 30.41 5.10
N ALA A 150 5.35 29.48 5.62
CA ALA A 150 5.63 28.87 6.91
C ALA A 150 6.89 28.01 6.82
N GLY A 151 7.15 27.45 5.64
CA GLY A 151 8.33 26.65 5.42
C GLY A 151 9.58 27.52 5.30
N ILE A 152 9.43 28.68 4.66
CA ILE A 152 10.52 29.64 4.53
C ILE A 152 10.91 30.23 5.89
N VAL A 153 9.89 30.55 6.69
CA VAL A 153 10.10 31.07 8.05
C VAL A 153 10.86 30.06 8.90
N GLY A 154 10.42 28.80 8.84
CA GLY A 154 11.04 27.74 9.61
C GLY A 154 12.47 27.44 9.22
N ALA A 155 12.73 27.41 7.91
CA ALA A 155 14.08 27.18 7.41
C ALA A 155 15.00 28.32 7.81
N SER A 156 14.51 29.55 7.66
CA SER A 156 15.26 30.73 8.07
C SER A 156 15.49 30.74 9.57
N LEU A 157 14.47 30.37 10.34
CA LEU A 157 14.57 30.36 11.80
C LEU A 157 15.60 29.34 12.29
N PHE A 158 15.61 28.16 11.70
CA PHE A 158 16.56 27.11 12.08
C PHE A 158 17.97 27.47 11.65
N GLY A 159 18.10 28.04 10.47
CA GLY A 159 19.41 28.49 9.99
C GLY A 159 20.00 29.59 10.85
N ILE A 160 19.18 30.59 11.16
CA ILE A 160 19.60 31.69 12.02
C ILE A 160 20.05 31.19 13.40
N VAL A 161 19.26 30.31 13.99
CA VAL A 161 19.58 29.72 15.29
C VAL A 161 20.92 28.99 15.29
N ILE A 162 21.14 28.13 14.30
CA ILE A 162 22.36 27.35 14.23
C ILE A 162 23.58 28.22 13.90
N GLY A 163 23.34 29.39 13.33
CA GLY A 163 24.40 30.35 13.07
C GLY A 163 24.76 31.09 14.34
N LEU A 164 23.71 31.56 15.05
CA LEU A 164 23.88 32.24 16.33
C LEU A 164 24.52 31.32 17.36
N CYS A 165 24.20 30.04 17.29
CA CYS A 165 24.76 29.05 18.23
C CYS A 165 26.24 28.78 17.98
N PHE A 166 26.69 28.98 16.75
CA PHE A 166 28.07 28.70 16.39
C PHE A 166 28.85 29.93 15.93
N GLY A 167 28.33 31.11 16.23
CA GLY A 167 29.03 32.35 15.93
C GLY A 167 29.18 32.67 14.45
N ILE A 168 28.45 31.94 13.61
CA ILE A 168 28.45 32.23 12.18
C ILE A 168 27.57 33.44 11.91
N PRO A 169 28.06 34.39 11.09
CA PRO A 169 27.27 35.58 10.75
C PRO A 169 25.94 35.22 10.08
N VAL A 170 24.86 35.80 10.61
CA VAL A 170 23.50 35.53 10.14
C VAL A 170 23.34 35.83 8.65
N ASP A 171 24.00 36.89 8.18
CA ASP A 171 23.93 37.25 6.77
C ASP A 171 24.54 36.18 5.86
N ARG A 172 25.56 35.48 6.35
CA ARG A 172 26.14 34.38 5.59
C ARG A 172 25.21 33.17 5.58
N ILE A 173 24.53 32.94 6.70
CA ILE A 173 23.57 31.85 6.81
C ILE A 173 22.43 32.03 5.81
N MET A 174 21.92 33.24 5.73
CA MET A 174 20.82 33.54 4.82
C MET A 174 21.26 33.57 3.35
N MET A 175 22.39 34.23 3.07
CA MET A 175 22.84 34.43 1.69
C MET A 175 23.40 33.18 1.04
N LEU A 176 24.14 32.36 1.80
CA LEU A 176 24.81 31.19 1.22
C LEU A 176 24.08 29.87 1.45
N TYR A 177 23.21 29.82 2.46
CA TYR A 177 22.55 28.58 2.82
C TYR A 177 21.04 28.62 2.60
N VAL A 178 20.33 29.35 3.47
CA VAL A 178 18.87 29.38 3.45
C VAL A 178 18.27 29.73 2.09
N LEU A 179 18.72 30.82 1.49
CA LEU A 179 18.18 31.28 0.21
C LEU A 179 18.47 30.34 -0.99
N PRO A 180 19.73 29.88 -1.16
CA PRO A 180 19.95 28.93 -2.25
C PRO A 180 19.22 27.61 -2.04
N ILE A 181 19.07 27.19 -0.79
CA ILE A 181 18.38 25.95 -0.47
C ILE A 181 16.88 26.06 -0.73
N MET A 182 16.26 27.14 -0.27
CA MET A 182 14.83 27.31 -0.40
C MET A 182 14.42 27.92 -1.74
N GLY A 183 15.40 28.33 -2.54
CA GLY A 183 15.15 28.89 -3.86
C GLY A 183 14.73 27.82 -4.86
N GLY A 184 14.30 28.27 -6.04
CA GLY A 184 13.74 27.37 -7.03
C GLY A 184 14.74 26.51 -7.78
N GLY A 185 15.78 26.04 -7.09
CA GLY A 185 16.74 25.13 -7.70
C GLY A 185 17.91 25.80 -8.39
N ASN A 186 18.19 25.36 -9.61
CA ASN A 186 19.36 25.83 -10.36
C ASN A 186 19.06 26.99 -11.31
N GLY A 187 18.50 26.68 -12.47
CA GLY A 187 18.27 27.67 -13.51
C GLY A 187 17.37 28.82 -13.10
N ALA A 188 16.53 28.59 -12.10
CA ALA A 188 15.60 29.62 -11.63
C ALA A 188 15.81 29.88 -10.15
N GLY A 189 16.92 29.37 -9.62
CA GLY A 189 17.26 29.61 -8.23
C GLY A 189 18.66 30.18 -8.09
N ALA A 190 19.66 29.31 -8.19
CA ALA A 190 21.06 29.72 -8.05
C ALA A 190 21.48 30.76 -9.09
N VAL A 191 21.04 30.57 -10.34
CA VAL A 191 21.38 31.50 -11.41
C VAL A 191 20.85 32.93 -11.18
N PRO A 192 19.53 33.09 -10.92
CA PRO A 192 19.05 34.46 -10.66
C PRO A 192 19.60 35.02 -9.35
N LEU A 193 19.82 34.16 -8.37
CA LEU A 193 20.42 34.56 -7.09
C LEU A 193 21.81 35.14 -7.29
N SER A 194 22.59 34.53 -8.18
CA SER A 194 23.93 35.00 -8.47
C SER A 194 23.91 36.36 -9.15
N GLU A 195 22.88 36.58 -9.96
CA GLU A 195 22.73 37.85 -10.67
C GLU A 195 22.40 38.98 -9.71
N ILE A 196 21.45 38.73 -8.81
CA ILE A 196 21.08 39.70 -7.78
C ILE A 196 22.29 39.98 -6.88
N TYR A 197 23.05 38.94 -6.58
CA TYR A 197 24.27 39.06 -5.79
C TYR A 197 25.25 40.01 -6.47
N HIS A 198 25.48 39.81 -7.76
CA HIS A 198 26.40 40.64 -8.53
C HIS A 198 25.88 42.07 -8.66
N SER A 199 24.56 42.23 -8.77
CA SER A 199 23.96 43.55 -8.95
C SER A 199 23.95 44.37 -7.66
N VAL A 200 24.10 43.70 -6.53
CA VAL A 200 24.10 44.35 -5.22
C VAL A 200 25.50 44.49 -4.66
N THR A 201 26.31 43.45 -4.86
CA THR A 201 27.65 43.40 -4.28
C THR A 201 28.74 43.82 -5.28
N GLY A 202 28.48 43.61 -6.56
CA GLY A 202 29.45 43.92 -7.60
C GLY A 202 30.40 42.76 -7.83
N ARG A 203 30.40 41.82 -6.90
CA ARG A 203 31.27 40.65 -6.97
C ARG A 203 30.80 39.66 -8.04
N SER A 204 31.63 38.67 -8.31
CA SER A 204 31.38 37.72 -9.39
C SER A 204 30.13 36.87 -9.18
N ARG A 205 29.48 36.50 -10.28
CA ARG A 205 28.36 35.57 -10.25
C ARG A 205 28.90 34.18 -9.95
N GLU A 206 29.98 33.82 -10.65
CA GLU A 206 30.63 32.51 -10.49
C GLU A 206 31.02 32.26 -9.04
N GLU A 207 31.42 33.31 -8.35
CA GLU A 207 31.80 33.24 -6.95
C GLU A 207 30.63 32.77 -6.08
N TYR A 208 29.48 33.43 -6.24
CA TYR A 208 28.29 33.07 -5.49
C TYR A 208 27.72 31.74 -5.98
N TYR A 209 27.57 31.62 -7.30
CA TYR A 209 26.91 30.47 -7.91
C TYR A 209 27.53 29.13 -7.52
N SER A 210 28.85 29.04 -7.62
CA SER A 210 29.54 27.77 -7.41
C SER A 210 29.42 27.29 -5.95
N THR A 211 29.35 28.25 -5.03
CA THR A 211 29.17 27.91 -3.62
C THR A 211 27.71 27.55 -3.34
N ALA A 212 26.80 28.30 -3.96
CA ALA A 212 25.38 28.13 -3.73
C ALA A 212 24.83 26.85 -4.37
N ILE A 213 25.35 26.52 -5.56
CA ILE A 213 24.91 25.32 -6.28
C ILE A 213 25.38 24.05 -5.57
N ALA A 214 26.50 24.17 -4.86
CA ALA A 214 27.05 23.03 -4.12
C ALA A 214 26.27 22.79 -2.84
N ILE A 215 25.95 23.89 -2.14
CA ILE A 215 25.20 23.82 -0.90
C ILE A 215 23.77 23.35 -1.13
N LEU A 216 23.14 23.83 -2.20
CA LEU A 216 21.77 23.44 -2.53
C LEU A 216 21.69 21.99 -3.02
N THR A 217 22.75 21.53 -3.67
CA THR A 217 22.80 20.15 -4.16
C THR A 217 23.00 19.16 -3.00
N ILE A 218 23.75 19.59 -1.99
CA ILE A 218 23.89 18.82 -0.76
C ILE A 218 22.55 18.74 -0.05
N ALA A 219 21.89 19.88 0.10
CA ALA A 219 20.60 19.96 0.75
C ALA A 219 19.53 19.15 0.01
N ASN A 220 19.66 19.08 -1.31
CA ASN A 220 18.75 18.29 -2.14
C ASN A 220 18.85 16.81 -1.83
N ILE A 221 20.07 16.34 -1.59
CA ILE A 221 20.31 14.96 -1.21
C ILE A 221 19.59 14.63 0.10
N PHE A 222 19.77 15.50 1.10
CA PHE A 222 19.13 15.32 2.40
C PHE A 222 17.61 15.34 2.30
N ALA A 223 17.08 16.21 1.44
CA ALA A 223 15.64 16.32 1.24
C ALA A 223 15.06 15.02 0.70
N ILE A 224 15.84 14.33 -0.13
CA ILE A 224 15.45 13.03 -0.64
C ILE A 224 15.41 12.00 0.49
N ILE A 225 16.47 11.98 1.29
CA ILE A 225 16.55 11.08 2.44
C ILE A 225 15.40 11.32 3.41
N PHE A 226 15.18 12.58 3.77
CA PHE A 226 14.13 12.95 4.70
C PHE A 226 12.74 12.58 4.18
N ALA A 227 12.53 12.70 2.88
CA ALA A 227 11.25 12.35 2.28
C ALA A 227 10.91 10.88 2.49
N ALA A 228 11.93 10.02 2.36
CA ALA A 228 11.75 8.60 2.61
C ALA A 228 11.50 8.33 4.09
N LEU A 229 12.16 9.11 4.94
CA LEU A 229 11.99 8.97 6.39
C LEU A 229 10.61 9.44 6.82
N LEU A 230 10.12 10.51 6.21
CA LEU A 230 8.80 11.06 6.52
C LEU A 230 7.68 10.11 6.10
N ASP A 231 7.95 9.28 5.10
CA ASP A 231 6.99 8.28 4.67
C ASP A 231 6.82 7.23 5.77
N MET A 232 7.95 6.79 6.32
CA MET A 232 7.96 5.86 7.47
C MET A 232 7.23 6.46 8.67
N VAL A 233 7.47 7.75 8.92
CA VAL A 233 6.83 8.45 10.03
C VAL A 233 5.31 8.45 9.87
N GLY A 234 4.85 8.69 8.64
CA GLY A 234 3.43 8.76 8.36
C GLY A 234 2.71 7.43 8.45
N LYS A 235 3.47 6.34 8.37
CA LYS A 235 2.90 5.01 8.49
C LYS A 235 2.97 4.52 9.93
N LYS A 236 3.85 5.16 10.71
CA LYS A 236 4.03 4.82 12.12
C LYS A 236 3.05 5.63 12.95
N TYR A 237 2.74 6.83 12.46
CA TYR A 237 1.76 7.70 13.10
C TYR A 237 0.80 8.21 12.03
N THR A 238 -0.17 7.38 11.68
CA THR A 238 -1.06 7.65 10.54
C THR A 238 -1.90 8.91 10.69
N TRP A 239 -2.00 9.43 11.92
CA TRP A 239 -2.74 10.66 12.17
C TRP A 239 -2.04 11.88 11.57
N LEU A 240 -0.74 11.75 11.31
CA LEU A 240 0.03 12.81 10.69
C LEU A 240 -0.06 12.74 9.16
N SER A 241 -0.39 11.55 8.65
CA SER A 241 -0.34 11.30 7.21
C SER A 241 -1.69 11.43 6.52
N GLY A 242 -1.66 11.81 5.25
CA GLY A 242 -2.83 11.79 4.41
C GLY A 242 -2.72 10.65 3.43
N GLU A 243 -1.63 9.89 3.56
CA GLU A 243 -1.35 8.74 2.72
C GLU A 243 -1.34 9.11 1.23
N GLY A 244 -0.79 10.28 0.92
CA GLY A 244 -0.73 10.75 -0.44
C GLY A 244 -1.63 11.94 -0.69
N GLU A 245 -2.40 12.33 0.33
CA GLU A 245 -3.30 13.48 0.22
C GLU A 245 -2.82 14.68 1.02
N LEU A 246 -2.90 15.86 0.41
CA LEU A 246 -2.53 17.09 1.10
C LEU A 246 -3.74 17.70 1.81
N VAL A 247 -4.84 17.83 1.08
CA VAL A 247 -6.07 18.42 1.62
C VAL A 247 -6.91 17.39 2.37
N ARG A 248 -7.37 17.75 3.56
CA ARG A 248 -8.15 16.85 4.39
C ARG A 248 -9.57 16.62 3.86
N LYS A 249 -10.15 17.65 3.25
CA LYS A 249 -11.48 17.56 2.68
C LYS A 249 -11.57 16.47 1.61
N ALA A 250 -10.59 16.46 0.71
CA ALA A 250 -10.54 15.51 -0.39
C ALA A 250 -10.46 14.06 0.11
N SER A 251 -9.74 13.86 1.21
CA SER A 251 -9.62 12.54 1.81
C SER A 251 -10.94 12.11 2.43
N PHE A 252 -11.62 13.05 3.07
CA PHE A 252 -12.91 12.77 3.70
C PHE A 252 -14.01 12.61 2.67
N LYS A 253 -13.86 13.30 1.53
CA LYS A 253 -14.92 13.35 0.54
C LYS A 253 -14.44 13.30 -0.91
N THR A 254 -14.98 12.33 -1.65
CA THR A 254 -14.72 12.21 -3.07
C THR A 254 -15.99 12.53 -3.83
N GLU A 255 -16.44 13.78 -3.70
CA GLU A 255 -17.74 14.18 -4.24
C GLU A 255 -17.65 14.92 -5.58
N ASP A 256 -18.22 14.30 -6.61
CA ASP A 256 -18.27 14.88 -7.94
C ASP A 256 -19.41 14.23 -8.73
N ASP A 257 -19.69 14.75 -9.92
CA ASP A 257 -20.80 14.24 -10.72
C ASP A 257 -20.31 13.44 -11.93
N GLU A 258 -19.38 14.00 -12.68
CA GLU A 258 -18.95 13.42 -13.94
C GLU A 258 -18.01 12.22 -13.79
N LYS A 259 -18.46 11.07 -14.30
CA LYS A 259 -17.65 9.86 -14.31
C LYS A 259 -17.34 9.44 -15.75
N ALA A 260 -16.08 9.08 -16.00
CA ALA A 260 -15.62 8.77 -17.35
C ALA A 260 -16.10 7.40 -17.83
N GLY A 261 -16.35 7.30 -19.13
CA GLY A 261 -16.69 6.03 -19.74
C GLY A 261 -15.43 5.22 -20.00
N GLN A 262 -15.50 4.25 -20.91
CA GLN A 262 -14.31 3.48 -21.25
C GLN A 262 -13.38 4.34 -22.10
N ILE A 263 -12.07 4.17 -21.90
CA ILE A 263 -11.07 5.05 -22.50
C ILE A 263 -10.33 4.41 -23.66
N THR A 264 -9.79 5.24 -24.56
CA THR A 264 -8.99 4.75 -25.68
C THR A 264 -7.65 5.47 -25.78
N HIS A 265 -6.83 5.08 -26.75
CA HIS A 265 -5.54 5.71 -26.99
C HIS A 265 -5.69 7.16 -27.43
N ARG A 266 -6.81 7.48 -28.07
CA ARG A 266 -7.05 8.84 -28.55
C ARG A 266 -7.17 9.82 -27.37
N GLU A 267 -7.85 9.41 -26.31
CA GLU A 267 -7.98 10.24 -25.12
C GLU A 267 -6.64 10.43 -24.42
N THR A 268 -5.76 9.44 -24.56
CA THR A 268 -4.42 9.53 -23.99
C THR A 268 -3.55 10.45 -24.83
N ALA A 269 -3.71 10.37 -26.14
CA ALA A 269 -2.98 11.23 -27.07
C ALA A 269 -3.36 12.70 -26.89
N VAL A 270 -4.63 12.95 -26.62
CA VAL A 270 -5.13 14.30 -26.38
C VAL A 270 -4.50 14.87 -25.12
N GLY A 271 -4.35 14.04 -24.09
CA GLY A 271 -3.68 14.43 -22.87
C GLY A 271 -2.26 14.90 -23.16
N MET A 272 -1.65 14.29 -24.17
CA MET A 272 -0.31 14.68 -24.62
C MET A 272 -0.38 16.00 -25.38
N VAL A 273 -1.46 16.18 -26.12
CA VAL A 273 -1.73 17.43 -26.82
C VAL A 273 -1.93 18.55 -25.80
N LEU A 274 -2.71 18.27 -24.77
CA LEU A 274 -2.97 19.25 -23.71
C LEU A 274 -1.70 19.60 -22.94
N SER A 275 -0.91 18.58 -22.60
CA SER A 275 0.33 18.78 -21.86
C SER A 275 1.29 19.73 -22.57
N THR A 276 1.45 19.52 -23.87
CA THR A 276 2.37 20.32 -24.67
C THR A 276 1.82 21.70 -25.02
N THR A 277 0.51 21.78 -25.27
CA THR A 277 -0.11 23.06 -25.65
C THR A 277 -0.35 23.97 -24.44
N CYS A 278 -0.64 23.38 -23.29
CA CYS A 278 -0.79 24.16 -22.07
C CYS A 278 0.57 24.70 -21.60
N PHE A 279 1.63 23.98 -21.93
CA PHE A 279 2.98 24.44 -21.64
C PHE A 279 3.37 25.57 -22.60
N LEU A 280 3.02 25.39 -23.87
CA LEU A 280 3.35 26.37 -24.90
C LEU A 280 2.70 27.71 -24.61
N LEU A 281 1.43 27.69 -24.22
CA LEU A 281 0.71 28.90 -23.85
C LEU A 281 1.39 29.57 -22.67
N ALA A 282 1.69 28.77 -21.65
CA ALA A 282 2.38 29.27 -20.46
C ALA A 282 3.78 29.79 -20.80
N TYR A 283 4.40 29.17 -21.81
CA TYR A 283 5.69 29.64 -22.30
C TYR A 283 5.53 31.01 -22.95
N VAL A 284 4.53 31.13 -23.82
CA VAL A 284 4.24 32.40 -24.50
C VAL A 284 3.86 33.51 -23.52
N VAL A 285 3.00 33.18 -22.55
CA VAL A 285 2.59 34.14 -21.54
C VAL A 285 3.78 34.63 -20.70
N ALA A 286 4.60 33.70 -20.25
CA ALA A 286 5.72 34.03 -19.37
C ALA A 286 6.92 34.65 -20.10
N LYS A 287 6.92 34.59 -21.42
CA LYS A 287 8.05 35.09 -22.20
C LYS A 287 7.76 36.44 -22.85
N LYS A 288 6.51 36.66 -23.25
CA LYS A 288 6.15 37.82 -24.06
C LYS A 288 4.99 38.64 -23.50
N ILE A 289 4.19 38.03 -22.62
CA ILE A 289 2.97 38.66 -22.13
C ILE A 289 3.08 39.15 -20.69
N LEU A 290 3.19 38.22 -19.76
CA LEU A 290 3.21 38.54 -18.33
C LEU A 290 4.34 37.83 -17.59
N PRO A 291 5.59 38.32 -17.73
CA PRO A 291 6.72 37.72 -17.03
C PRO A 291 6.64 37.88 -15.51
N SER A 292 5.77 38.78 -15.04
CA SER A 292 5.60 39.01 -13.61
C SER A 292 4.28 39.74 -13.29
N ILE A 293 3.44 39.11 -12.48
CA ILE A 293 2.16 39.71 -12.09
C ILE A 293 2.29 40.53 -10.80
N GLY A 294 3.53 40.73 -10.38
CA GLY A 294 3.84 41.58 -9.24
C GLY A 294 5.30 41.99 -9.32
N GLY A 295 6.04 41.79 -8.24
CA GLY A 295 7.48 41.90 -8.27
C GLY A 295 8.01 40.49 -8.44
N VAL A 296 7.13 39.54 -8.18
CA VAL A 296 7.45 38.12 -8.30
C VAL A 296 7.48 37.71 -9.76
N SER A 297 8.62 37.22 -10.21
CA SER A 297 8.73 36.66 -11.55
C SER A 297 7.91 35.38 -11.62
N ILE A 298 7.12 35.22 -12.69
CA ILE A 298 6.29 34.05 -12.83
C ILE A 298 6.90 33.04 -13.81
N HIS A 299 7.48 31.98 -13.27
CA HIS A 299 8.06 30.90 -14.06
C HIS A 299 6.99 30.30 -14.97
N TYR A 300 7.39 29.79 -16.13
CA TYR A 300 6.42 29.28 -17.10
C TYR A 300 5.70 28.02 -16.60
N PHE A 301 6.26 27.36 -15.59
CA PHE A 301 5.61 26.22 -14.98
C PHE A 301 4.59 26.67 -13.92
N ALA A 302 4.79 27.87 -13.39
CA ALA A 302 3.81 28.46 -12.49
C ALA A 302 2.58 28.87 -13.32
N TRP A 303 2.81 29.42 -14.50
CA TRP A 303 1.73 29.76 -15.41
C TRP A 303 1.01 28.51 -15.92
N MET A 304 1.75 27.42 -16.11
CA MET A 304 1.15 26.20 -16.63
C MET A 304 0.19 25.57 -15.61
N VAL A 305 0.56 25.59 -14.34
CA VAL A 305 -0.30 25.07 -13.28
C VAL A 305 -1.64 25.82 -13.25
N LEU A 306 -1.57 27.13 -13.40
CA LEU A 306 -2.78 27.97 -13.42
C LEU A 306 -3.60 27.78 -14.69
N ILE A 307 -2.91 27.62 -15.83
CA ILE A 307 -3.57 27.42 -17.12
C ILE A 307 -4.35 26.10 -17.17
N VAL A 308 -3.73 25.02 -16.71
CA VAL A 308 -4.38 23.72 -16.66
C VAL A 308 -5.52 23.72 -15.64
N ALA A 309 -5.37 24.50 -14.58
CA ALA A 309 -6.44 24.66 -13.59
C ALA A 309 -7.62 25.41 -14.21
N ALA A 310 -7.31 26.51 -14.91
CA ALA A 310 -8.33 27.29 -15.60
C ALA A 310 -9.01 26.45 -16.67
N LEU A 311 -8.25 25.55 -17.28
CA LEU A 311 -8.79 24.65 -18.29
C LEU A 311 -9.73 23.63 -17.65
N ASN A 312 -9.38 23.16 -16.46
CA ASN A 312 -10.22 22.22 -15.73
C ASN A 312 -11.53 22.86 -15.29
N ALA A 313 -11.46 24.15 -14.93
CA ALA A 313 -12.63 24.87 -14.47
C ALA A 313 -13.54 25.30 -15.63
N SER A 314 -12.95 25.40 -16.83
CA SER A 314 -13.70 25.84 -18.00
C SER A 314 -14.68 24.80 -18.50
N GLY A 315 -14.45 23.54 -18.15
CA GLY A 315 -15.32 22.46 -18.56
C GLY A 315 -15.09 22.04 -20.00
N LEU A 316 -14.03 22.56 -20.61
CA LEU A 316 -13.71 22.26 -22.00
C LEU A 316 -13.24 20.81 -22.19
N CYS A 317 -12.89 20.15 -21.10
CA CYS A 317 -12.41 18.78 -21.17
C CYS A 317 -13.45 17.77 -20.69
N SER A 318 -13.74 16.79 -21.55
CA SER A 318 -14.67 15.72 -21.20
C SER A 318 -14.02 14.79 -20.18
N PRO A 319 -14.85 14.07 -19.40
CA PRO A 319 -14.33 13.13 -18.40
C PRO A 319 -13.41 12.07 -19.01
N GLU A 320 -13.69 11.69 -20.25
CA GLU A 320 -12.84 10.71 -20.95
C GLU A 320 -11.46 11.29 -21.26
N ILE A 321 -11.43 12.56 -21.67
CA ILE A 321 -10.19 13.25 -21.97
C ILE A 321 -9.35 13.48 -20.70
N LYS A 322 -10.02 13.88 -19.62
CA LYS A 322 -9.36 14.06 -18.34
C LYS A 322 -8.78 12.75 -17.82
N ALA A 323 -9.50 11.65 -18.07
CA ALA A 323 -9.02 10.32 -17.71
C ALA A 323 -7.88 9.87 -18.63
N GLY A 324 -7.76 10.55 -19.77
CA GLY A 324 -6.70 10.24 -20.73
C GLY A 324 -5.37 10.87 -20.33
N ALA A 325 -5.46 12.07 -19.76
CA ALA A 325 -4.25 12.75 -19.28
C ALA A 325 -3.71 12.05 -18.05
N LYS A 326 -4.61 11.54 -17.22
CA LYS A 326 -4.24 10.79 -16.03
C LYS A 326 -3.59 9.46 -16.41
N ARG A 327 -4.04 8.89 -17.53
CA ARG A 327 -3.51 7.61 -17.99
C ARG A 327 -2.12 7.80 -18.58
N LEU A 328 -1.92 8.91 -19.28
CA LEU A 328 -0.62 9.25 -19.81
C LEU A 328 0.34 9.56 -18.66
N SER A 329 -0.17 10.31 -17.69
CA SER A 329 0.58 10.65 -16.48
C SER A 329 1.01 9.38 -15.74
N ASP A 330 0.09 8.43 -15.64
CA ASP A 330 0.35 7.16 -14.96
C ASP A 330 1.40 6.34 -15.71
N PHE A 331 1.48 6.52 -17.03
CA PHE A 331 2.47 5.80 -17.81
C PHE A 331 3.87 6.35 -17.55
N PHE A 332 3.99 7.67 -17.53
CA PHE A 332 5.27 8.32 -17.26
C PHE A 332 5.74 8.01 -15.84
N SER A 333 4.82 8.10 -14.89
CA SER A 333 5.15 7.95 -13.48
C SER A 333 5.64 6.55 -13.09
N LYS A 334 5.22 5.54 -13.87
CA LYS A 334 5.48 4.16 -13.49
C LYS A 334 6.32 3.39 -14.52
N GLN A 335 6.43 3.92 -15.74
CA GLN A 335 7.16 3.23 -16.78
C GLN A 335 8.37 4.00 -17.30
N LEU A 336 8.39 5.31 -17.05
CA LEU A 336 9.48 6.16 -17.51
C LEU A 336 10.20 6.86 -16.36
N LEU A 337 9.75 6.61 -15.14
CA LEU A 337 10.36 7.21 -13.95
C LEU A 337 11.81 6.74 -13.76
N TRP A 338 12.04 5.45 -13.97
CA TRP A 338 13.38 4.87 -13.82
C TRP A 338 14.35 5.39 -14.88
N VAL A 339 13.84 5.62 -16.08
CA VAL A 339 14.62 6.25 -17.14
C VAL A 339 15.03 7.65 -16.71
N LEU A 340 14.08 8.40 -16.18
CA LEU A 340 14.29 9.78 -15.79
C LEU A 340 15.29 9.88 -14.64
N MET A 341 15.28 8.89 -13.76
CA MET A 341 16.22 8.86 -12.63
C MET A 341 17.67 8.66 -13.08
N VAL A 342 17.87 7.90 -14.16
CA VAL A 342 19.17 7.78 -14.78
C VAL A 342 19.58 9.15 -15.31
N GLY A 343 18.65 9.80 -16.01
CA GLY A 343 18.89 11.11 -16.57
C GLY A 343 19.11 12.18 -15.52
N VAL A 344 18.35 12.09 -14.44
CA VAL A 344 18.45 13.05 -13.35
C VAL A 344 19.78 12.94 -12.61
N GLY A 345 20.25 11.72 -12.39
CA GLY A 345 21.52 11.51 -11.71
C GLY A 345 22.72 11.91 -12.54
N VAL A 346 22.62 11.72 -13.84
CA VAL A 346 23.71 12.06 -14.76
C VAL A 346 23.83 13.58 -14.96
N CYS A 347 22.68 14.24 -15.14
CA CYS A 347 22.67 15.65 -15.55
C CYS A 347 22.65 16.67 -14.42
N TYR A 348 22.06 16.32 -13.29
CA TYR A 348 21.72 17.33 -12.29
C TYR A 348 22.31 17.10 -10.90
N THR A 349 23.24 16.14 -10.79
CA THR A 349 23.93 15.91 -9.52
C THR A 349 25.40 15.60 -9.72
N ASP A 350 26.20 16.65 -9.88
CA ASP A 350 27.65 16.49 -9.98
C ASP A 350 28.18 16.17 -8.59
N LEU A 351 28.58 14.92 -8.37
CA LEU A 351 29.13 14.51 -7.10
C LEU A 351 30.41 15.27 -6.77
N GLN A 352 31.18 15.62 -7.80
CA GLN A 352 32.44 16.34 -7.62
C GLN A 352 32.24 17.70 -6.95
N GLU A 353 31.30 18.48 -7.48
CA GLU A 353 30.97 19.79 -6.91
C GLU A 353 30.57 19.65 -5.44
N ILE A 354 29.82 18.60 -5.14
CA ILE A 354 29.42 18.28 -3.78
C ILE A 354 30.66 17.96 -2.94
N ILE A 355 31.50 17.05 -3.45
CA ILE A 355 32.72 16.63 -2.77
C ILE A 355 33.62 17.81 -2.38
N ASP A 356 33.79 18.75 -3.31
CA ASP A 356 34.69 19.88 -3.09
C ASP A 356 34.08 21.01 -2.25
N ALA A 357 33.16 20.64 -1.37
CA ALA A 357 32.54 21.58 -0.44
C ALA A 357 31.93 20.80 0.71
N LEU A 358 32.43 19.59 0.92
CA LEU A 358 31.87 18.66 1.89
C LEU A 358 32.38 18.94 3.31
N THR A 359 32.60 20.22 3.63
CA THR A 359 32.97 20.59 4.99
C THR A 359 31.85 20.17 5.94
N PHE A 360 32.23 19.52 7.03
CA PHE A 360 31.29 19.04 8.03
C PHE A 360 30.28 20.12 8.44
N ALA A 361 30.76 21.38 8.43
CA ALA A 361 29.90 22.52 8.74
C ALA A 361 28.84 22.74 7.67
N ASN A 362 29.24 22.67 6.40
CA ASN A 362 28.30 22.83 5.29
C ASN A 362 27.20 21.78 5.31
N VAL A 363 27.58 20.53 5.53
CA VAL A 363 26.64 19.41 5.58
C VAL A 363 25.61 19.56 6.69
N VAL A 364 26.07 19.83 7.91
CA VAL A 364 25.19 19.97 9.07
C VAL A 364 24.23 21.15 8.94
N ILE A 365 24.77 22.32 8.65
CA ILE A 365 23.96 23.53 8.49
C ILE A 365 22.90 23.36 7.39
N ALA A 366 23.26 22.70 6.30
CA ALA A 366 22.33 22.45 5.21
C ALA A 366 21.19 21.53 5.65
N ALA A 367 21.52 20.50 6.43
CA ALA A 367 20.53 19.55 6.91
C ALA A 367 19.54 20.19 7.88
N ILE A 368 20.05 21.00 8.80
CA ILE A 368 19.22 21.65 9.81
C ILE A 368 18.23 22.63 9.18
N ILE A 369 18.64 23.27 8.10
CA ILE A 369 17.79 24.19 7.36
C ILE A 369 16.66 23.44 6.65
N VAL A 370 16.98 22.26 6.12
CA VAL A 370 15.97 21.38 5.54
C VAL A 370 14.98 20.93 6.62
N VAL A 371 15.50 20.53 7.77
CA VAL A 371 14.68 20.15 8.92
C VAL A 371 13.75 21.30 9.33
N GLY A 372 14.29 22.51 9.27
CA GLY A 372 13.51 23.70 9.57
C GLY A 372 12.37 23.91 8.58
N ALA A 373 12.65 23.65 7.31
CA ALA A 373 11.62 23.76 6.27
C ALA A 373 10.54 22.71 6.50
N VAL A 374 10.96 21.53 6.96
CA VAL A 374 10.03 20.45 7.27
C VAL A 374 9.12 20.82 8.44
N VAL A 375 9.72 21.34 9.51
CA VAL A 375 8.97 21.73 10.71
C VAL A 375 8.01 22.89 10.45
N GLY A 376 8.50 23.91 9.77
CA GLY A 376 7.69 25.08 9.46
C GLY A 376 6.50 24.78 8.58
N ALA A 377 6.72 23.97 7.54
CA ALA A 377 5.65 23.60 6.63
C ALA A 377 4.66 22.65 7.31
N ALA A 378 5.16 21.81 8.20
CA ALA A 378 4.30 20.91 8.97
C ALA A 378 3.35 21.71 9.84
N ILE A 379 3.92 22.54 10.72
CA ILE A 379 3.14 23.41 11.58
C ILE A 379 2.23 24.32 10.76
N GLY A 380 2.75 24.85 9.66
CA GLY A 380 2.00 25.73 8.79
C GLY A 380 0.78 25.08 8.17
N GLY A 381 0.99 23.99 7.45
CA GLY A 381 -0.09 23.29 6.78
C GLY A 381 -1.09 22.67 7.74
N TRP A 382 -0.62 22.31 8.93
CA TRP A 382 -1.46 21.72 9.96
C TRP A 382 -2.47 22.73 10.52
N LEU A 383 -2.04 23.98 10.62
CA LEU A 383 -2.93 25.05 11.08
C LEU A 383 -3.89 25.47 9.97
N ILE A 384 -3.47 25.26 8.72
CA ILE A 384 -4.29 25.59 7.57
C ILE A 384 -5.37 24.52 7.36
N GLY A 385 -5.04 23.28 7.72
CA GLY A 385 -5.97 22.19 7.56
C GLY A 385 -5.48 21.14 6.58
N PHE A 386 -4.18 21.18 6.29
CA PHE A 386 -3.55 20.18 5.45
C PHE A 386 -3.01 19.05 6.33
N TYR A 387 -2.68 17.93 5.71
CA TYR A 387 -2.01 16.85 6.44
C TYR A 387 -0.54 17.22 6.65
N PRO A 388 -0.10 17.19 7.92
CA PRO A 388 1.24 17.61 8.36
C PRO A 388 2.37 16.94 7.56
N ILE A 389 2.23 15.65 7.27
CA ILE A 389 3.25 14.92 6.52
C ILE A 389 3.37 15.40 5.07
N GLU A 390 2.25 15.46 4.36
CA GLU A 390 2.24 15.91 2.98
C GLU A 390 2.57 17.39 2.86
N SER A 391 2.35 18.13 3.95
CA SER A 391 2.72 19.55 4.00
C SER A 391 4.23 19.71 4.07
N SER A 392 4.88 18.87 4.86
CA SER A 392 6.33 18.92 5.04
C SER A 392 7.07 18.55 3.76
N ILE A 393 6.44 17.71 2.94
CA ILE A 393 7.05 17.23 1.71
C ILE A 393 6.86 18.23 0.56
N THR A 394 5.65 18.77 0.44
CA THR A 394 5.32 19.69 -0.64
C THR A 394 5.82 21.12 -0.41
N ALA A 395 5.53 21.68 0.76
CA ALA A 395 5.89 23.07 1.05
C ALA A 395 7.22 23.18 1.80
N GLY A 396 7.75 22.05 2.24
CA GLY A 396 9.03 22.04 2.94
C GLY A 396 10.15 21.46 2.11
N LEU A 397 10.09 20.15 1.89
CA LEU A 397 11.13 19.44 1.15
C LEU A 397 11.19 19.84 -0.33
N CYS A 398 10.03 20.14 -0.91
CA CYS A 398 9.98 20.50 -2.32
C CYS A 398 10.20 21.99 -2.55
N MET A 399 10.50 22.69 -1.46
CA MET A 399 11.04 24.04 -1.54
C MET A 399 12.55 23.94 -1.38
N ALA A 400 12.97 23.02 -0.52
CA ALA A 400 14.38 22.87 -0.17
C ALA A 400 15.17 22.00 -1.14
N ASN A 401 14.49 21.44 -2.14
CA ASN A 401 15.16 20.61 -3.13
C ASN A 401 15.57 21.42 -4.35
N ARG A 402 16.20 20.75 -5.31
CA ARG A 402 16.73 21.42 -6.51
C ARG A 402 15.68 21.54 -7.61
N GLY A 403 14.73 22.44 -7.41
CA GLY A 403 13.72 22.74 -8.41
C GLY A 403 12.94 21.53 -8.94
N GLY A 404 12.76 21.49 -10.25
CA GLY A 404 11.97 20.46 -10.89
C GLY A 404 12.55 19.05 -10.80
N SER A 405 13.86 18.93 -11.00
CA SER A 405 14.51 17.63 -10.91
C SER A 405 14.44 17.11 -9.48
N GLY A 406 14.63 18.02 -8.52
CA GLY A 406 14.51 17.66 -7.11
C GLY A 406 13.12 17.20 -6.74
N ASP A 407 12.10 17.82 -7.34
CA ASP A 407 10.72 17.43 -7.08
C ASP A 407 10.48 15.98 -7.44
N LEU A 408 10.98 15.58 -8.60
CA LEU A 408 10.82 14.21 -9.08
C LEU A 408 11.59 13.21 -8.21
N GLU A 409 12.75 13.63 -7.71
CA GLU A 409 13.52 12.80 -6.78
C GLU A 409 12.79 12.66 -5.45
N VAL A 410 12.42 13.79 -4.87
CA VAL A 410 11.77 13.84 -3.56
C VAL A 410 10.44 13.09 -3.53
N LEU A 411 9.62 13.29 -4.55
CA LEU A 411 8.29 12.68 -4.59
C LEU A 411 8.34 11.17 -4.85
N SER A 412 9.30 10.73 -5.66
CA SER A 412 9.43 9.30 -5.95
C SER A 412 9.94 8.55 -4.71
N ALA A 413 10.69 9.25 -3.88
CA ALA A 413 11.28 8.64 -2.68
C ALA A 413 10.24 8.44 -1.57
N CYS A 414 9.17 9.22 -1.61
CA CYS A 414 8.09 9.07 -0.63
C CYS A 414 6.84 8.52 -1.30
N ASN A 415 6.97 8.12 -2.56
CA ASN A 415 5.87 7.58 -3.36
C ASN A 415 4.63 8.47 -3.35
N ARG A 416 4.85 9.76 -3.58
CA ARG A 416 3.75 10.73 -3.65
C ARG A 416 3.88 11.57 -4.92
N MET A 417 4.04 10.91 -6.05
CA MET A 417 4.23 11.57 -7.34
C MET A 417 3.00 12.39 -7.76
N ASN A 418 1.87 12.11 -7.13
CA ASN A 418 0.62 12.81 -7.43
C ASN A 418 0.64 14.27 -6.96
N LEU A 419 1.54 14.57 -6.02
CA LEU A 419 1.64 15.92 -5.47
C LEU A 419 2.57 16.80 -6.29
N ILE A 420 2.91 16.34 -7.50
CA ILE A 420 3.82 17.04 -8.41
C ILE A 420 3.39 18.49 -8.68
N SER A 421 2.09 18.72 -8.71
CA SER A 421 1.56 20.05 -8.93
C SER A 421 1.86 20.97 -7.75
N TYR A 422 1.76 20.44 -6.53
CA TYR A 422 2.08 21.20 -5.34
C TYR A 422 3.59 21.46 -5.23
N ALA A 423 4.37 20.45 -5.59
CA ALA A 423 5.83 20.58 -5.60
C ALA A 423 6.26 21.66 -6.58
N GLN A 424 5.54 21.76 -7.69
CA GLN A 424 5.86 22.74 -8.72
C GLN A 424 5.48 24.16 -8.31
N ILE A 425 4.36 24.31 -7.60
CA ILE A 425 3.99 25.61 -7.05
C ILE A 425 5.08 26.07 -6.07
N SER A 426 5.66 25.11 -5.34
CA SER A 426 6.80 25.41 -4.48
C SER A 426 8.02 25.84 -5.29
N SER A 427 8.42 25.01 -6.25
CA SER A 427 9.61 25.28 -7.05
C SER A 427 9.56 26.59 -7.81
N ARG A 428 8.41 26.88 -8.41
CA ARG A 428 8.29 28.01 -9.33
C ARG A 428 7.78 29.28 -8.63
N LEU A 429 6.66 29.15 -7.94
CA LEU A 429 6.04 30.30 -7.28
C LEU A 429 6.73 30.61 -5.95
N GLY A 430 6.99 29.56 -5.17
CA GLY A 430 7.74 29.72 -3.94
C GLY A 430 9.17 30.13 -4.24
N GLY A 431 9.65 29.72 -5.41
CA GLY A 431 10.98 30.11 -5.87
C GLY A 431 11.03 31.58 -6.22
N GLY A 432 9.92 32.10 -6.74
CA GLY A 432 9.81 33.51 -7.07
C GLY A 432 9.75 34.37 -5.81
N ILE A 433 9.03 33.87 -4.81
CA ILE A 433 8.94 34.54 -3.52
C ILE A 433 10.33 34.70 -2.89
N VAL A 434 11.13 33.63 -2.94
CA VAL A 434 12.48 33.64 -2.41
C VAL A 434 13.36 34.70 -3.09
N LEU A 435 13.17 34.85 -4.40
CA LEU A 435 13.91 35.85 -5.18
C LEU A 435 13.61 37.28 -4.73
N VAL A 436 12.34 37.57 -4.46
CA VAL A 436 11.95 38.86 -3.89
C VAL A 436 12.60 39.05 -2.53
N ILE A 437 12.51 38.01 -1.69
CA ILE A 437 13.13 38.01 -0.37
C ILE A 437 14.64 38.25 -0.45
N ALA A 438 15.27 37.61 -1.43
CA ALA A 438 16.72 37.69 -1.60
C ALA A 438 17.20 39.09 -1.95
N SER A 439 16.53 39.72 -2.91
CA SER A 439 16.88 41.08 -3.33
C SER A 439 16.78 42.07 -2.17
N ILE A 440 15.85 41.79 -1.26
CA ILE A 440 15.69 42.58 -0.05
C ILE A 440 16.81 42.30 0.96
N VAL A 441 17.02 41.02 1.25
CA VAL A 441 18.06 40.60 2.20
C VAL A 441 19.46 41.00 1.74
N PHE A 442 19.76 40.77 0.46
CA PHE A 442 21.05 41.16 -0.11
C PHE A 442 21.26 42.66 0.04
N SER A 443 20.20 43.44 -0.16
CA SER A 443 20.26 44.89 -0.03
C SER A 443 20.56 45.32 1.40
N MET A 444 19.92 44.67 2.37
CA MET A 444 20.11 45.01 3.78
C MET A 444 21.53 44.69 4.27
N MET A 445 22.17 43.70 3.66
CA MET A 445 23.52 43.31 4.05
C MET A 445 24.56 44.09 3.26
N VAL A 446 24.10 45.11 2.54
CA VAL A 446 24.98 45.96 1.75
C VAL A 446 24.64 47.42 2.05
N LEU A 447 23.39 47.65 2.46
CA LEU A 447 22.91 48.96 2.87
C LEU A 447 23.86 49.55 3.92
N GLU A 448 23.94 48.88 5.06
CA GLU A 448 24.89 49.19 6.15
C GLU A 448 25.19 50.67 6.36
N SER B 16 -28.93 23.36 -31.29
CA SER B 16 -28.71 24.12 -32.51
C SER B 16 -27.25 24.49 -32.66
N ASP B 17 -26.37 23.49 -32.68
CA ASP B 17 -24.93 23.74 -32.71
C ASP B 17 -24.19 22.88 -33.74
N LEU B 18 -22.87 22.79 -33.57
CA LEU B 18 -22.02 21.99 -34.43
C LEU B 18 -20.92 21.28 -33.66
N LEU B 19 -21.03 21.27 -32.33
CA LEU B 19 -20.10 20.52 -31.51
C LEU B 19 -20.45 19.03 -31.51
N ARG B 20 -19.86 18.27 -30.59
CA ARG B 20 -19.89 16.81 -30.66
C ARG B 20 -19.37 16.38 -32.03
N PHE B 21 -18.29 17.05 -32.45
CA PHE B 21 -17.67 16.87 -33.74
C PHE B 21 -16.17 16.99 -33.51
N LYS B 22 -15.50 15.85 -33.38
CA LYS B 22 -14.16 15.79 -32.84
C LYS B 22 -13.02 16.00 -33.84
N ILE B 23 -12.04 16.83 -33.44
CA ILE B 23 -10.82 17.01 -34.23
C ILE B 23 -9.64 16.40 -33.47
N PHE B 24 -9.13 15.28 -33.99
CA PHE B 24 -8.14 14.46 -33.28
C PHE B 24 -8.61 14.13 -31.87
N GLY B 25 -9.87 13.70 -31.77
CA GLY B 25 -10.44 13.31 -30.49
C GLY B 25 -10.83 14.48 -29.60
N MET B 26 -10.65 15.70 -30.10
CA MET B 26 -10.93 16.90 -29.31
C MET B 26 -12.19 17.59 -29.81
N PRO B 27 -13.15 17.83 -28.91
CA PRO B 27 -14.33 18.64 -29.25
C PRO B 27 -13.88 20.01 -29.76
N LEU B 28 -14.57 20.53 -30.78
CA LEU B 28 -14.14 21.74 -31.47
C LEU B 28 -13.82 22.97 -30.60
N PRO B 29 -14.55 23.17 -29.49
CA PRO B 29 -14.12 24.28 -28.63
C PRO B 29 -12.79 24.01 -27.93
N LEU B 30 -12.55 22.76 -27.53
CA LEU B 30 -11.29 22.40 -26.88
C LEU B 30 -10.12 22.52 -27.85
N TYR B 31 -10.35 22.18 -29.12
CA TYR B 31 -9.32 22.31 -30.13
C TYR B 31 -9.00 23.77 -30.40
N ALA B 32 -10.04 24.61 -30.39
CA ALA B 32 -9.87 26.05 -30.59
C ALA B 32 -8.91 26.64 -29.55
N PHE B 33 -8.96 26.09 -28.34
CA PHE B 33 -8.03 26.47 -27.29
C PHE B 33 -6.59 26.16 -27.72
N ALA B 34 -6.39 24.96 -28.25
CA ALA B 34 -5.08 24.54 -28.71
C ALA B 34 -4.62 25.36 -29.92
N LEU B 35 -5.58 25.69 -30.80
CA LEU B 35 -5.27 26.46 -31.99
C LEU B 35 -4.91 27.91 -31.66
N ILE B 36 -5.69 28.53 -30.76
CA ILE B 36 -5.41 29.89 -30.32
C ILE B 36 -4.04 29.97 -29.64
N THR B 37 -3.69 28.96 -28.86
CA THR B 37 -2.38 28.85 -28.25
C THR B 37 -1.28 28.90 -29.31
N LEU B 38 -1.45 28.11 -30.37
CA LEU B 38 -0.46 28.05 -31.45
C LEU B 38 -0.36 29.39 -32.18
N LEU B 39 -1.49 30.06 -32.36
CA LEU B 39 -1.52 31.34 -33.04
C LEU B 39 -0.82 32.42 -32.22
N LEU B 40 -1.09 32.43 -30.91
CA LEU B 40 -0.41 33.34 -29.98
C LEU B 40 1.09 33.11 -30.02
N SER B 41 1.49 31.84 -30.06
CA SER B 41 2.89 31.46 -30.18
C SER B 41 3.46 31.99 -31.50
N HIS B 42 2.69 31.83 -32.57
CA HIS B 42 3.09 32.31 -33.88
C HIS B 42 3.10 33.83 -33.93
N PHE B 43 2.17 34.44 -33.22
CA PHE B 43 2.03 35.89 -33.20
C PHE B 43 3.19 36.57 -32.48
N TYR B 44 3.43 36.18 -31.24
CA TYR B 44 4.53 36.74 -30.47
C TYR B 44 5.88 36.14 -30.84
N ASN B 45 5.85 35.19 -31.79
CA ASN B 45 7.05 34.47 -32.20
C ASN B 45 7.79 33.86 -31.01
N ALA B 46 7.06 33.09 -30.22
CA ALA B 46 7.64 32.45 -29.05
C ALA B 46 7.29 30.97 -29.00
N ILE B 47 8.31 30.13 -29.15
CA ILE B 47 8.13 28.68 -29.08
C ILE B 47 9.44 27.98 -28.72
N PRO B 48 9.39 27.08 -27.73
CA PRO B 48 10.59 26.30 -27.41
C PRO B 48 10.92 25.39 -28.57
N THR B 49 12.20 25.31 -28.94
CA THR B 49 12.62 24.47 -30.05
C THR B 49 12.98 23.08 -29.56
N ASP B 50 12.30 22.62 -28.51
CA ASP B 50 12.51 21.30 -27.95
C ASP B 50 11.34 20.37 -28.27
N LEU B 51 11.26 19.26 -27.54
CA LEU B 51 10.20 18.28 -27.74
C LEU B 51 8.82 18.84 -27.42
N VAL B 52 8.74 19.64 -26.35
CA VAL B 52 7.46 20.18 -25.91
C VAL B 52 6.86 21.15 -26.94
N GLY B 53 7.66 22.13 -27.35
CA GLY B 53 7.21 23.10 -28.34
C GLY B 53 7.02 22.48 -29.71
N GLY B 54 7.90 21.56 -30.07
CA GLY B 54 7.80 20.85 -31.33
C GLY B 54 6.53 20.05 -31.43
N PHE B 55 6.29 19.19 -30.45
CA PHE B 55 5.10 18.35 -30.44
C PHE B 55 3.80 19.17 -30.39
N ALA B 56 3.82 20.23 -29.58
CA ALA B 56 2.66 21.12 -29.49
C ALA B 56 2.23 21.64 -30.86
N LEU B 57 3.21 22.07 -31.65
CA LEU B 57 2.95 22.56 -32.99
C LEU B 57 2.51 21.41 -33.91
N MET B 58 3.27 20.31 -33.88
CA MET B 58 3.01 19.17 -34.76
C MET B 58 1.69 18.46 -34.42
N PHE B 59 1.31 18.48 -33.15
CA PHE B 59 0.03 17.91 -32.72
C PHE B 59 -1.14 18.73 -33.28
N VAL B 60 -1.09 20.04 -33.05
CA VAL B 60 -2.17 20.95 -33.45
C VAL B 60 -2.28 21.10 -34.96
N MET B 61 -1.16 21.45 -35.60
CA MET B 61 -1.08 21.58 -37.04
C MET B 61 -1.49 20.29 -37.74
N GLY B 62 -1.08 19.15 -37.18
CA GLY B 62 -1.37 17.86 -37.77
C GLY B 62 -2.80 17.41 -37.53
N ALA B 63 -3.40 17.89 -36.45
CA ALA B 63 -4.78 17.53 -36.12
C ALA B 63 -5.77 18.01 -37.18
N ILE B 64 -5.74 19.32 -37.46
CA ILE B 64 -6.71 19.91 -38.39
C ILE B 64 -6.56 19.40 -39.83
N PHE B 65 -5.31 19.30 -40.31
CA PHE B 65 -5.08 18.86 -41.68
C PHE B 65 -5.14 17.34 -41.79
N GLY B 66 -5.15 16.67 -40.64
CA GLY B 66 -5.38 15.24 -40.62
C GLY B 66 -6.85 14.96 -40.86
N GLU B 67 -7.71 15.69 -40.15
CA GLU B 67 -9.14 15.57 -40.33
C GLU B 67 -9.55 15.85 -41.78
N ILE B 68 -9.18 17.04 -42.27
CA ILE B 68 -9.48 17.46 -43.65
C ILE B 68 -9.18 16.37 -44.68
N GLY B 69 -8.00 15.75 -44.58
CA GLY B 69 -7.62 14.67 -45.47
C GLY B 69 -8.38 13.39 -45.19
N LYS B 70 -8.91 13.28 -43.97
CA LYS B 70 -9.66 12.09 -43.57
C LYS B 70 -11.14 12.22 -43.94
N ARG B 71 -11.69 13.42 -43.80
CA ARG B 71 -13.10 13.66 -44.14
C ARG B 71 -13.32 13.68 -45.64
N LEU B 72 -12.28 14.07 -46.38
CA LEU B 72 -12.37 14.17 -47.84
C LEU B 72 -12.72 12.83 -48.48
N PRO B 73 -13.65 12.85 -49.46
CA PRO B 73 -14.23 11.62 -50.03
C PRO B 73 -13.25 10.79 -50.87
N ILE B 74 -12.96 11.24 -52.08
CA ILE B 74 -12.06 10.54 -52.98
C ILE B 74 -10.64 10.52 -52.43
N PHE B 75 -10.27 11.60 -51.74
CA PHE B 75 -8.92 11.77 -51.22
C PHE B 75 -8.56 10.71 -50.18
N ASN B 76 -9.51 10.39 -49.31
CA ASN B 76 -9.27 9.40 -48.25
C ASN B 76 -8.99 8.02 -48.82
N LYS B 77 -9.73 7.64 -49.85
CA LYS B 77 -9.63 6.30 -50.41
C LYS B 77 -8.50 6.09 -51.41
N TYR B 78 -8.18 7.11 -52.20
CA TYR B 78 -7.31 6.91 -53.36
C TYR B 78 -5.99 7.68 -53.36
N ILE B 79 -5.74 8.47 -52.32
CA ILE B 79 -4.50 9.25 -52.27
C ILE B 79 -3.68 8.95 -51.01
N GLY B 80 -4.36 8.74 -49.90
CA GLY B 80 -3.70 8.41 -48.65
C GLY B 80 -4.42 8.98 -47.44
N GLY B 81 -5.19 10.03 -47.68
CA GLY B 81 -5.99 10.64 -46.64
C GLY B 81 -5.23 11.60 -45.76
N ALA B 82 -5.32 11.39 -44.45
CA ALA B 82 -4.71 12.28 -43.46
C ALA B 82 -3.20 12.50 -43.61
N PRO B 83 -2.39 11.42 -43.59
CA PRO B 83 -0.93 11.64 -43.57
C PRO B 83 -0.41 12.36 -44.81
N VAL B 84 -1.01 12.07 -45.96
CA VAL B 84 -0.62 12.73 -47.22
C VAL B 84 -0.98 14.21 -47.20
N MET B 85 -2.22 14.52 -46.84
CA MET B 85 -2.69 15.90 -46.74
C MET B 85 -1.81 16.72 -45.80
N ILE B 86 -1.38 16.11 -44.70
CA ILE B 86 -0.57 16.79 -43.70
C ILE B 86 0.81 17.19 -44.22
N PHE B 87 1.56 16.24 -44.78
CA PHE B 87 2.91 16.54 -45.24
C PHE B 87 2.91 17.40 -46.51
N LEU B 88 1.83 17.34 -47.28
CA LEU B 88 1.69 18.21 -48.45
C LEU B 88 1.45 19.65 -48.01
N VAL B 89 0.56 19.82 -47.03
CA VAL B 89 0.26 21.14 -46.48
C VAL B 89 1.44 21.71 -45.71
N ALA B 90 2.07 20.87 -44.88
CA ALA B 90 3.23 21.30 -44.10
C ALA B 90 4.39 21.77 -44.98
N ALA B 91 4.60 21.06 -46.08
CA ALA B 91 5.63 21.43 -47.04
C ALA B 91 5.29 22.76 -47.71
N TYR B 92 4.01 22.99 -47.93
CA TYR B 92 3.56 24.24 -48.52
C TYR B 92 3.78 25.40 -47.56
N PHE B 93 3.68 25.13 -46.27
CA PHE B 93 3.92 26.14 -45.24
C PHE B 93 5.38 26.59 -45.24
N VAL B 94 6.28 25.65 -45.53
CA VAL B 94 7.70 25.95 -45.65
C VAL B 94 7.97 26.78 -46.91
N TYR B 95 7.48 26.27 -48.04
CA TYR B 95 7.63 26.93 -49.33
C TYR B 95 7.07 28.35 -49.35
N ALA B 96 5.90 28.53 -48.74
CA ALA B 96 5.22 29.82 -48.76
C ALA B 96 5.68 30.75 -47.63
N GLY B 97 6.50 30.23 -46.73
CA GLY B 97 7.02 31.03 -45.64
C GLY B 97 6.00 31.37 -44.58
N ILE B 98 5.00 30.51 -44.43
CA ILE B 98 3.99 30.66 -43.38
C ILE B 98 4.66 30.36 -42.04
N PHE B 99 5.40 29.26 -41.99
CA PHE B 99 6.14 28.88 -40.80
C PHE B 99 7.20 29.92 -40.44
N THR B 100 7.36 30.17 -39.15
CA THR B 100 8.49 30.96 -38.68
C THR B 100 9.71 30.06 -38.67
N GLN B 101 10.91 30.65 -38.69
CA GLN B 101 12.14 29.87 -38.66
C GLN B 101 12.25 29.07 -37.36
N LYS B 102 11.75 29.65 -36.27
CA LYS B 102 11.71 28.97 -34.98
C LYS B 102 10.87 27.70 -35.06
N GLU B 103 9.73 27.81 -35.73
CA GLU B 103 8.80 26.69 -35.88
C GLU B 103 9.43 25.57 -36.72
N ILE B 104 10.11 25.96 -37.79
CA ILE B 104 10.85 25.02 -38.63
C ILE B 104 11.95 24.36 -37.80
N ASP B 105 12.59 25.15 -36.94
CA ASP B 105 13.62 24.65 -36.03
C ASP B 105 13.06 23.65 -35.03
N ALA B 106 11.90 23.96 -34.45
CA ALA B 106 11.26 23.08 -33.48
C ALA B 106 10.93 21.73 -34.10
N ILE B 107 10.42 21.75 -35.32
CA ILE B 107 10.04 20.53 -36.04
C ILE B 107 11.27 19.71 -36.41
N SER B 108 12.29 20.37 -36.97
CA SER B 108 13.51 19.68 -37.38
C SER B 108 14.26 19.11 -36.18
N ASN B 109 14.23 19.83 -35.06
CA ASN B 109 14.86 19.35 -33.83
C ASN B 109 14.20 18.07 -33.31
N VAL B 110 12.86 18.04 -33.36
CA VAL B 110 12.12 16.85 -32.98
C VAL B 110 12.44 15.69 -33.91
N MET B 111 12.30 15.94 -35.21
CA MET B 111 12.50 14.91 -36.22
C MET B 111 13.94 14.41 -36.33
N ASP B 112 14.88 15.34 -36.46
CA ASP B 112 16.26 14.97 -36.81
C ASP B 112 17.25 14.99 -35.64
N LYS B 113 17.30 16.11 -34.91
CA LYS B 113 18.26 16.23 -33.81
C LYS B 113 17.95 15.30 -32.65
N SER B 114 16.71 15.33 -32.16
CA SER B 114 16.26 14.41 -31.14
C SER B 114 16.05 13.03 -31.75
N ASN B 115 15.88 13.01 -33.06
CA ASN B 115 15.64 11.78 -33.82
C ASN B 115 14.39 11.02 -33.38
N PHE B 116 13.27 11.74 -33.28
CA PHE B 116 11.98 11.11 -33.01
C PHE B 116 11.60 10.19 -34.16
N LEU B 117 12.14 10.49 -35.35
CA LEU B 117 11.88 9.66 -36.52
C LEU B 117 12.38 8.24 -36.31
N ASN B 118 13.65 8.10 -35.97
CA ASN B 118 14.24 6.79 -35.72
C ASN B 118 13.54 6.06 -34.58
N LEU B 119 13.08 6.82 -33.59
CA LEU B 119 12.29 6.24 -32.50
C LEU B 119 10.97 5.71 -33.05
N PHE B 120 10.38 6.45 -33.98
CA PHE B 120 9.12 6.07 -34.58
C PHE B 120 9.25 4.79 -35.40
N ILE B 121 10.23 4.76 -36.29
CA ILE B 121 10.47 3.58 -37.13
C ILE B 121 10.85 2.37 -36.27
N ALA B 122 11.68 2.58 -35.26
CA ALA B 122 12.09 1.52 -34.34
C ALA B 122 10.91 0.85 -33.66
N VAL B 123 9.96 1.65 -33.18
CA VAL B 123 8.75 1.13 -32.57
C VAL B 123 7.89 0.40 -33.60
N LEU B 124 7.84 0.94 -34.82
CA LEU B 124 7.06 0.34 -35.90
C LEU B 124 7.60 -1.02 -36.32
N ILE B 125 8.91 -1.07 -36.59
CA ILE B 125 9.58 -2.33 -36.92
C ILE B 125 9.38 -3.37 -35.83
N THR B 126 9.62 -2.96 -34.58
CA THR B 126 9.53 -3.84 -33.43
C THR B 126 8.11 -4.34 -33.21
N GLY B 127 7.14 -3.42 -33.27
CA GLY B 127 5.75 -3.77 -33.03
C GLY B 127 5.15 -4.66 -34.09
N ALA B 128 5.46 -4.37 -35.36
CA ALA B 128 4.92 -5.14 -36.47
C ALA B 128 5.39 -6.59 -36.46
N ILE B 129 6.69 -6.80 -36.31
CA ILE B 129 7.27 -8.13 -36.37
C ILE B 129 7.00 -8.98 -35.12
N LEU B 130 7.03 -8.36 -33.95
CA LEU B 130 6.72 -9.07 -32.71
C LEU B 130 5.23 -9.38 -32.59
N SER B 131 4.41 -8.74 -33.41
CA SER B 131 2.98 -8.99 -33.42
C SER B 131 2.67 -10.29 -34.17
N VAL B 132 3.55 -10.65 -35.09
CA VAL B 132 3.43 -11.92 -35.82
C VAL B 132 3.78 -13.08 -34.90
N ASN B 133 2.91 -14.08 -34.84
CA ASN B 133 3.15 -15.24 -33.98
C ASN B 133 4.34 -16.07 -34.44
N ARG B 134 5.07 -16.62 -33.48
CA ARG B 134 6.28 -17.39 -33.74
C ARG B 134 6.07 -18.53 -34.73
N LYS B 135 4.95 -19.24 -34.58
CA LYS B 135 4.61 -20.32 -35.50
C LYS B 135 4.41 -19.80 -36.92
N LEU B 136 3.46 -18.88 -37.08
CA LEU B 136 3.11 -18.32 -38.38
C LEU B 136 4.30 -17.65 -39.05
N LEU B 137 5.24 -17.14 -38.26
CA LEU B 137 6.47 -16.55 -38.80
C LEU B 137 7.37 -17.65 -39.37
N LEU B 138 7.71 -18.62 -38.53
CA LEU B 138 8.56 -19.74 -38.94
C LEU B 138 7.95 -20.52 -40.11
N LYS B 139 6.62 -20.60 -40.13
CA LYS B 139 5.90 -21.31 -41.17
C LYS B 139 5.90 -20.51 -42.49
N SER B 140 6.01 -19.19 -42.38
CA SER B 140 5.90 -18.30 -43.54
C SER B 140 7.17 -18.26 -44.40
N LEU B 141 8.28 -18.73 -43.85
CA LEU B 141 9.56 -18.70 -44.56
C LEU B 141 9.60 -19.73 -45.70
N LEU B 142 8.67 -20.67 -45.68
CA LEU B 142 8.68 -21.80 -46.61
C LEU B 142 8.02 -21.47 -47.95
N GLY B 143 6.90 -20.76 -47.91
CA GLY B 143 6.13 -20.49 -49.11
C GLY B 143 5.76 -19.04 -49.34
N TYR B 144 5.08 -18.44 -48.37
CA TYR B 144 4.55 -17.09 -48.54
C TYR B 144 5.63 -16.03 -48.77
N ILE B 145 6.73 -16.13 -48.04
CA ILE B 145 7.84 -15.19 -48.21
C ILE B 145 8.62 -15.42 -49.51
N PRO B 146 8.91 -16.69 -49.86
CA PRO B 146 9.46 -16.92 -51.21
C PRO B 146 8.51 -16.44 -52.30
N THR B 147 7.20 -16.47 -52.02
CA THR B 147 6.21 -15.94 -52.94
C THR B 147 6.31 -14.42 -53.02
N ILE B 148 6.52 -13.79 -51.87
CA ILE B 148 6.75 -12.34 -51.80
C ILE B 148 7.98 -11.96 -52.62
N LEU B 149 9.05 -12.73 -52.44
CA LEU B 149 10.29 -12.53 -53.20
C LEU B 149 10.00 -12.61 -54.69
N ALA B 150 9.31 -13.67 -55.09
CA ALA B 150 8.93 -13.88 -56.49
C ALA B 150 8.17 -12.69 -57.06
N GLY B 151 7.31 -12.09 -56.22
CA GLY B 151 6.59 -10.90 -56.61
C GLY B 151 7.52 -9.73 -56.86
N ILE B 152 8.49 -9.55 -55.97
CA ILE B 152 9.48 -8.48 -56.10
C ILE B 152 10.33 -8.66 -57.36
N VAL B 153 10.79 -9.88 -57.59
CA VAL B 153 11.58 -10.21 -58.77
C VAL B 153 10.83 -9.85 -60.05
N GLY B 154 9.57 -10.27 -60.12
CA GLY B 154 8.70 -9.94 -61.23
C GLY B 154 8.45 -8.45 -61.30
N ALA B 155 8.27 -7.82 -60.14
CA ALA B 155 8.07 -6.38 -60.07
C ALA B 155 9.33 -5.66 -60.57
N SER B 156 10.48 -6.19 -60.21
CA SER B 156 11.76 -5.63 -60.66
C SER B 156 11.95 -5.81 -62.16
N LEU B 157 11.90 -7.05 -62.61
CA LEU B 157 12.15 -7.39 -64.02
C LEU B 157 11.23 -6.64 -64.98
N PHE B 158 9.99 -6.44 -64.57
CA PHE B 158 9.04 -5.66 -65.37
C PHE B 158 9.45 -4.19 -65.41
N GLY B 159 9.64 -3.60 -64.24
CA GLY B 159 10.01 -2.21 -64.13
C GLY B 159 11.28 -1.83 -64.88
N ILE B 160 12.29 -2.69 -64.78
CA ILE B 160 13.54 -2.50 -65.50
C ILE B 160 13.27 -2.45 -67.01
N VAL B 161 12.69 -3.52 -67.53
CA VAL B 161 12.35 -3.63 -68.95
C VAL B 161 11.56 -2.42 -69.46
N ILE B 162 10.54 -2.01 -68.72
CA ILE B 162 9.74 -0.85 -69.09
C ILE B 162 10.53 0.45 -68.90
N GLY B 163 11.30 0.52 -67.82
CA GLY B 163 12.21 1.63 -67.61
C GLY B 163 13.22 1.73 -68.74
N LEU B 164 13.73 0.57 -69.15
CA LEU B 164 14.64 0.49 -70.29
C LEU B 164 13.89 0.78 -71.59
N CYS B 165 12.58 0.56 -71.56
CA CYS B 165 11.71 0.85 -72.70
C CYS B 165 11.26 2.31 -72.64
N PHE B 166 11.75 3.03 -71.64
CA PHE B 166 11.38 4.43 -71.45
C PHE B 166 12.60 5.36 -71.38
N GLY B 167 13.78 4.81 -71.66
CA GLY B 167 15.00 5.60 -71.63
C GLY B 167 15.37 6.09 -70.25
N ILE B 168 14.97 5.33 -69.24
CA ILE B 168 15.30 5.64 -67.86
C ILE B 168 16.11 4.47 -67.27
N PRO B 169 17.32 4.76 -66.74
CA PRO B 169 18.28 3.73 -66.32
C PRO B 169 17.77 2.74 -65.28
N VAL B 170 18.50 1.64 -65.12
CA VAL B 170 18.16 0.60 -64.16
C VAL B 170 18.21 1.11 -62.72
N ASP B 171 19.18 1.97 -62.44
CA ASP B 171 19.38 2.52 -61.10
C ASP B 171 18.16 3.27 -60.56
N ARG B 172 17.56 4.11 -61.40
CA ARG B 172 16.36 4.84 -61.02
C ARG B 172 15.21 3.91 -60.68
N ILE B 173 14.98 2.92 -61.54
CA ILE B 173 13.87 1.99 -61.41
C ILE B 173 13.92 1.20 -60.10
N MET B 174 15.08 0.61 -59.80
CA MET B 174 15.23 -0.18 -58.60
C MET B 174 15.32 0.68 -57.34
N MET B 175 15.42 2.00 -57.52
CA MET B 175 15.55 2.91 -56.38
C MET B 175 14.33 3.80 -56.16
N LEU B 176 13.89 4.49 -57.22
CA LEU B 176 12.81 5.46 -57.09
C LEU B 176 11.43 4.87 -57.41
N TYR B 177 11.41 3.64 -57.91
CA TYR B 177 10.17 3.03 -58.38
C TYR B 177 9.85 1.70 -57.69
N VAL B 178 10.59 0.67 -58.06
CA VAL B 178 10.32 -0.70 -57.59
C VAL B 178 10.30 -0.85 -56.07
N LEU B 179 11.39 -0.48 -55.42
CA LEU B 179 11.50 -0.61 -53.96
C LEU B 179 10.49 0.23 -53.16
N PRO B 180 10.26 1.50 -53.55
CA PRO B 180 9.21 2.24 -52.86
C PRO B 180 7.82 1.60 -53.07
N ILE B 181 7.59 1.05 -54.25
CA ILE B 181 6.31 0.41 -54.56
C ILE B 181 6.06 -0.83 -53.70
N MET B 182 7.07 -1.69 -53.61
CA MET B 182 6.93 -2.92 -52.84
C MET B 182 7.18 -2.69 -51.36
N GLY B 183 7.56 -1.46 -51.00
CA GLY B 183 7.83 -1.11 -49.62
C GLY B 183 6.59 -1.14 -48.74
N GLY B 184 6.77 -0.81 -47.47
CA GLY B 184 5.67 -0.85 -46.52
C GLY B 184 4.78 0.37 -46.51
N GLY B 185 4.72 1.08 -47.65
CA GLY B 185 3.88 2.25 -47.76
C GLY B 185 4.64 3.55 -47.54
N ASN B 186 3.99 4.52 -46.92
CA ASN B 186 4.60 5.81 -46.65
C ASN B 186 5.56 5.76 -45.45
N GLY B 187 5.05 6.12 -44.28
CA GLY B 187 5.88 6.21 -43.07
C GLY B 187 6.64 4.96 -42.68
N ALA B 188 6.19 3.80 -43.16
CA ALA B 188 6.86 2.55 -42.85
C ALA B 188 7.57 1.99 -44.08
N GLY B 189 7.63 2.80 -45.13
CA GLY B 189 8.28 2.38 -46.36
C GLY B 189 9.12 3.47 -46.99
N ALA B 190 8.45 4.44 -47.62
CA ALA B 190 9.14 5.54 -48.30
C ALA B 190 10.03 6.35 -47.37
N VAL B 191 9.58 6.57 -46.14
CA VAL B 191 10.34 7.35 -45.18
C VAL B 191 11.66 6.69 -44.71
N PRO B 192 11.60 5.41 -44.27
CA PRO B 192 12.88 4.81 -43.88
C PRO B 192 13.79 4.53 -45.07
N LEU B 193 13.22 4.40 -46.27
CA LEU B 193 14.01 4.24 -47.48
C LEU B 193 14.79 5.51 -47.78
N SER B 194 14.23 6.66 -47.42
CA SER B 194 14.90 7.93 -47.60
C SER B 194 16.15 8.03 -46.72
N GLU B 195 16.06 7.48 -45.52
CA GLU B 195 17.19 7.45 -44.59
C GLU B 195 18.29 6.51 -45.04
N ILE B 196 17.89 5.35 -45.56
CA ILE B 196 18.85 4.39 -46.12
C ILE B 196 19.55 5.00 -47.33
N TYR B 197 18.80 5.76 -48.12
CA TYR B 197 19.36 6.45 -49.27
C TYR B 197 20.39 7.49 -48.85
N HIS B 198 20.02 8.32 -47.87
CA HIS B 198 20.92 9.35 -47.37
C HIS B 198 22.17 8.74 -46.74
N SER B 199 21.97 7.65 -46.01
CA SER B 199 23.08 6.96 -45.33
C SER B 199 24.06 6.33 -46.31
N VAL B 200 23.56 5.94 -47.48
CA VAL B 200 24.38 5.27 -48.49
C VAL B 200 25.05 6.24 -49.46
N THR B 201 24.25 7.01 -50.18
CA THR B 201 24.79 7.97 -51.15
C THR B 201 25.38 9.19 -50.45
N GLY B 202 24.55 9.89 -49.69
CA GLY B 202 24.99 11.08 -48.99
C GLY B 202 24.19 12.30 -49.39
N ARG B 203 23.30 12.14 -50.35
CA ARG B 203 22.49 13.26 -50.83
C ARG B 203 21.20 13.42 -50.03
N SER B 204 20.49 14.52 -50.30
CA SER B 204 19.29 14.89 -49.53
C SER B 204 18.20 13.82 -49.59
N ARG B 205 17.43 13.72 -48.51
CA ARG B 205 16.34 12.76 -48.44
C ARG B 205 15.16 13.23 -49.28
N GLU B 206 14.96 14.54 -49.31
CA GLU B 206 13.87 15.15 -50.07
C GLU B 206 13.93 14.76 -51.54
N GLU B 207 15.15 14.56 -52.03
CA GLU B 207 15.39 14.13 -53.40
C GLU B 207 14.79 12.74 -53.64
N TYR B 208 14.92 11.88 -52.64
CA TYR B 208 14.44 10.50 -52.74
C TYR B 208 12.94 10.39 -52.43
N TYR B 209 12.53 10.95 -51.30
CA TYR B 209 11.15 10.79 -50.84
C TYR B 209 10.12 11.41 -51.77
N SER B 210 10.34 12.68 -52.15
CA SER B 210 9.39 13.44 -52.94
C SER B 210 8.93 12.73 -54.22
N THR B 211 9.85 11.96 -54.82
CA THR B 211 9.52 11.19 -56.01
C THR B 211 8.97 9.82 -55.62
N ALA B 212 9.59 9.20 -54.63
CA ALA B 212 9.21 7.86 -54.19
C ALA B 212 7.81 7.83 -53.57
N ILE B 213 7.32 8.97 -53.08
CA ILE B 213 5.98 9.03 -52.49
C ILE B 213 4.92 9.22 -53.57
N ALA B 214 5.27 9.96 -54.62
CA ALA B 214 4.33 10.24 -55.71
C ALA B 214 4.08 9.00 -56.56
N ILE B 215 5.14 8.24 -56.84
CA ILE B 215 5.04 7.00 -57.59
C ILE B 215 4.32 5.93 -56.77
N LEU B 216 4.64 5.89 -55.48
CA LEU B 216 4.03 4.97 -54.54
C LEU B 216 2.51 5.14 -54.51
N THR B 217 2.08 6.39 -54.55
CA THR B 217 0.66 6.73 -54.52
C THR B 217 -0.09 6.19 -55.74
N ILE B 218 0.48 6.39 -56.92
CA ILE B 218 -0.11 5.92 -58.16
C ILE B 218 -0.25 4.40 -58.16
N ALA B 219 0.81 3.73 -57.74
CA ALA B 219 0.84 2.26 -57.69
C ALA B 219 -0.28 1.73 -56.80
N ASN B 220 -0.50 2.37 -55.67
CA ASN B 220 -1.59 1.99 -54.77
C ASN B 220 -2.94 2.09 -55.45
N ILE B 221 -3.11 3.11 -56.30
CA ILE B 221 -4.34 3.27 -57.08
C ILE B 221 -4.50 2.13 -58.07
N PHE B 222 -3.43 1.81 -58.80
CA PHE B 222 -3.45 0.72 -59.76
C PHE B 222 -3.54 -0.64 -59.06
N ALA B 223 -3.11 -0.70 -57.80
CA ALA B 223 -3.17 -1.94 -57.05
C ALA B 223 -4.60 -2.33 -56.69
N ILE B 224 -5.41 -1.36 -56.29
CA ILE B 224 -6.79 -1.65 -55.90
C ILE B 224 -7.69 -1.92 -57.11
N ILE B 225 -7.37 -1.30 -58.25
CA ILE B 225 -8.20 -1.49 -59.44
C ILE B 225 -7.87 -2.82 -60.12
N PHE B 226 -6.67 -3.31 -59.91
CA PHE B 226 -6.27 -4.62 -60.42
C PHE B 226 -6.88 -5.73 -59.57
N ALA B 227 -7.06 -5.45 -58.28
CA ALA B 227 -7.66 -6.42 -57.37
C ALA B 227 -9.07 -6.81 -57.80
N ALA B 228 -9.87 -5.81 -58.15
CA ALA B 228 -11.22 -6.05 -58.64
C ALA B 228 -11.19 -6.81 -59.96
N LEU B 229 -10.26 -6.44 -60.83
CA LEU B 229 -10.12 -7.11 -62.13
C LEU B 229 -9.68 -8.56 -61.97
N LEU B 230 -8.94 -8.83 -60.90
CA LEU B 230 -8.53 -10.21 -60.60
C LEU B 230 -9.70 -10.99 -60.00
N ASP B 231 -10.63 -10.27 -59.36
CA ASP B 231 -11.85 -10.89 -58.87
C ASP B 231 -12.71 -11.27 -60.08
N MET B 232 -12.79 -10.35 -61.04
CA MET B 232 -13.53 -10.59 -62.28
C MET B 232 -12.94 -11.74 -63.08
N VAL B 233 -11.63 -11.94 -62.95
CA VAL B 233 -10.93 -13.02 -63.64
C VAL B 233 -11.24 -14.38 -63.01
N GLY B 234 -11.22 -14.43 -61.69
CA GLY B 234 -11.48 -15.66 -60.96
C GLY B 234 -12.87 -16.23 -61.17
N LYS B 235 -13.87 -15.35 -61.17
CA LYS B 235 -15.25 -15.78 -61.36
C LYS B 235 -15.48 -16.17 -62.82
N LYS B 236 -14.63 -15.65 -63.71
CA LYS B 236 -14.68 -16.00 -65.12
C LYS B 236 -13.94 -17.30 -65.34
N TYR B 237 -12.65 -17.30 -64.99
CA TYR B 237 -11.80 -18.47 -65.09
C TYR B 237 -11.60 -19.04 -63.69
N THR B 238 -12.22 -20.18 -63.42
CA THR B 238 -12.36 -20.71 -62.07
C THR B 238 -11.14 -21.41 -61.47
N TRP B 239 -10.44 -22.19 -62.30
CA TRP B 239 -9.34 -23.03 -61.80
C TRP B 239 -8.15 -22.26 -61.20
N LEU B 240 -7.92 -21.04 -61.67
CA LEU B 240 -6.82 -20.22 -61.18
C LEU B 240 -7.10 -19.68 -59.78
N SER B 241 -8.38 -19.59 -59.45
CA SER B 241 -8.80 -18.92 -58.22
C SER B 241 -9.15 -19.87 -57.08
N GLY B 242 -9.16 -19.32 -55.88
CA GLY B 242 -9.85 -19.93 -54.75
C GLY B 242 -11.09 -19.08 -54.58
N GLU B 243 -11.53 -18.88 -53.34
CA GLU B 243 -12.62 -17.94 -53.07
C GLU B 243 -12.49 -17.37 -51.66
N GLY B 244 -11.39 -16.68 -51.41
CA GLY B 244 -11.08 -16.19 -50.09
C GLY B 244 -10.21 -17.19 -49.38
N GLU B 245 -9.64 -18.12 -50.14
CA GLU B 245 -8.76 -19.14 -49.59
C GLU B 245 -7.47 -19.22 -50.41
N LEU B 246 -6.34 -19.28 -49.70
CA LEU B 246 -5.03 -19.36 -50.35
C LEU B 246 -4.43 -20.73 -50.07
N VAL B 247 -4.75 -21.28 -48.90
CA VAL B 247 -4.28 -22.60 -48.50
C VAL B 247 -5.03 -23.67 -49.28
N ARG B 248 -4.34 -24.27 -50.25
CA ARG B 248 -4.96 -25.31 -51.08
C ARG B 248 -4.84 -26.69 -50.43
N LYS B 249 -3.66 -27.30 -50.58
CA LYS B 249 -3.42 -28.64 -50.05
C LYS B 249 -2.55 -28.60 -48.80
N ASP B 257 -2.37 -20.66 -31.67
CA ASP B 257 -1.33 -20.64 -30.66
C ASP B 257 -1.56 -19.48 -29.68
N GLU B 258 -0.92 -19.58 -28.52
CA GLU B 258 -1.19 -18.70 -27.37
C GLU B 258 -1.32 -17.20 -27.66
N LYS B 259 -2.39 -16.62 -27.10
CA LYS B 259 -2.59 -15.18 -27.08
C LYS B 259 -2.94 -14.75 -25.66
N ALA B 260 -1.95 -14.31 -24.91
CA ALA B 260 -2.15 -13.92 -23.51
C ALA B 260 -3.11 -12.75 -23.37
N GLY B 261 -3.47 -12.41 -22.13
CA GLY B 261 -4.50 -11.41 -21.90
C GLY B 261 -4.12 -10.22 -21.03
N GLN B 262 -3.40 -10.47 -19.94
CA GLN B 262 -3.07 -9.41 -19.00
C GLN B 262 -2.00 -8.44 -19.52
N ILE B 263 -2.39 -7.53 -20.39
CA ILE B 263 -1.48 -6.50 -20.88
C ILE B 263 -1.62 -5.21 -20.06
N THR B 264 -0.58 -4.88 -19.31
CA THR B 264 -0.53 -3.67 -18.52
C THR B 264 0.38 -2.65 -19.22
N HIS B 265 0.51 -1.46 -18.65
CA HIS B 265 1.43 -0.45 -19.18
C HIS B 265 2.86 -0.98 -19.21
N ARG B 266 3.18 -1.85 -18.24
CA ARG B 266 4.51 -2.43 -18.15
C ARG B 266 4.90 -3.18 -19.42
N GLU B 267 3.97 -3.98 -19.94
CA GLU B 267 4.21 -4.71 -21.18
C GLU B 267 4.38 -3.75 -22.36
N THR B 268 3.64 -2.64 -22.33
CA THR B 268 3.76 -1.60 -23.34
C THR B 268 5.13 -0.92 -23.23
N ALA B 269 5.60 -0.75 -21.99
CA ALA B 269 6.88 -0.13 -21.74
C ALA B 269 8.04 -1.05 -22.14
N VAL B 270 7.85 -2.35 -21.95
CA VAL B 270 8.83 -3.33 -22.38
C VAL B 270 8.93 -3.33 -23.91
N GLY B 271 7.80 -3.05 -24.56
CA GLY B 271 7.80 -2.89 -26.00
C GLY B 271 8.64 -1.70 -26.44
N MET B 272 8.74 -0.72 -25.56
CA MET B 272 9.55 0.47 -25.82
C MET B 272 11.03 0.20 -25.52
N VAL B 273 11.28 -0.64 -24.52
CA VAL B 273 12.63 -1.08 -24.21
C VAL B 273 13.18 -1.87 -25.39
N LEU B 274 12.40 -2.84 -25.85
CA LEU B 274 12.80 -3.69 -26.96
C LEU B 274 12.95 -2.91 -28.26
N SER B 275 12.12 -1.88 -28.44
CA SER B 275 12.19 -1.05 -29.63
C SER B 275 13.49 -0.27 -29.69
N THR B 276 13.92 0.25 -28.55
CA THR B 276 15.17 1.01 -28.47
C THR B 276 16.39 0.10 -28.42
N THR B 277 16.28 -0.99 -27.66
CA THR B 277 17.38 -1.93 -27.50
C THR B 277 17.72 -2.67 -28.80
N CYS B 278 16.70 -3.18 -29.49
CA CYS B 278 16.90 -3.84 -30.76
C CYS B 278 17.49 -2.89 -31.81
N PHE B 279 17.13 -1.61 -31.72
CA PHE B 279 17.72 -0.61 -32.61
C PHE B 279 19.19 -0.43 -32.27
N LEU B 280 19.52 -0.39 -30.99
CA LEU B 280 20.89 -0.19 -30.55
C LEU B 280 21.77 -1.34 -30.99
N LEU B 281 21.25 -2.57 -30.89
CA LEU B 281 21.98 -3.75 -31.33
C LEU B 281 22.21 -3.69 -32.83
N ALA B 282 21.23 -3.20 -33.57
CA ALA B 282 21.34 -3.05 -35.01
C ALA B 282 22.27 -1.88 -35.35
N TYR B 283 22.40 -0.94 -34.42
CA TYR B 283 23.29 0.20 -34.62
C TYR B 283 24.74 -0.23 -34.42
N VAL B 284 24.99 -0.98 -33.36
CA VAL B 284 26.32 -1.51 -33.07
C VAL B 284 26.81 -2.42 -34.19
N VAL B 285 25.96 -3.35 -34.60
CA VAL B 285 26.28 -4.28 -35.66
C VAL B 285 26.59 -3.59 -36.99
N ALA B 286 25.75 -2.64 -37.37
CA ALA B 286 25.90 -1.96 -38.66
C ALA B 286 27.08 -0.98 -38.71
N LYS B 287 27.55 -0.55 -37.55
CA LYS B 287 28.61 0.46 -37.49
C LYS B 287 29.92 -0.07 -36.92
N LYS B 288 29.87 -1.22 -36.25
CA LYS B 288 31.06 -1.77 -35.61
C LYS B 288 31.30 -3.24 -35.95
N ILE B 289 30.43 -4.12 -35.46
CA ILE B 289 30.60 -5.56 -35.61
C ILE B 289 30.60 -6.03 -37.07
N LEU B 290 29.50 -5.80 -37.77
CA LEU B 290 29.36 -6.26 -39.15
C LEU B 290 28.96 -5.12 -40.09
N PRO B 291 29.82 -4.10 -40.23
CA PRO B 291 29.47 -2.89 -41.00
C PRO B 291 29.30 -3.18 -42.48
N SER B 292 30.00 -4.18 -42.99
CA SER B 292 29.92 -4.59 -44.39
C SER B 292 30.65 -5.92 -44.57
N ILE B 293 29.98 -6.90 -45.17
CA ILE B 293 30.62 -8.18 -45.43
C ILE B 293 31.66 -8.05 -46.53
N GLY B 294 31.53 -7.00 -47.34
CA GLY B 294 32.44 -6.73 -48.44
C GLY B 294 32.11 -5.42 -49.11
N GLY B 295 31.49 -5.50 -50.29
CA GLY B 295 31.10 -4.30 -51.02
C GLY B 295 29.65 -3.92 -50.73
N VAL B 296 29.08 -4.49 -49.68
CA VAL B 296 27.69 -4.23 -49.33
C VAL B 296 27.52 -3.84 -47.86
N SER B 297 27.03 -2.63 -47.63
CA SER B 297 26.81 -2.11 -46.29
C SER B 297 25.33 -2.18 -45.90
N ILE B 298 25.05 -2.93 -44.84
CA ILE B 298 23.67 -3.11 -44.39
C ILE B 298 23.24 -2.02 -43.42
N HIS B 299 22.25 -1.22 -43.81
CA HIS B 299 21.73 -0.15 -42.97
C HIS B 299 21.16 -0.72 -41.67
N TYR B 300 21.16 0.08 -40.61
CA TYR B 300 20.74 -0.41 -39.30
C TYR B 300 19.26 -0.76 -39.21
N PHE B 301 18.43 -0.17 -40.05
CA PHE B 301 17.02 -0.53 -40.12
C PHE B 301 16.87 -1.95 -40.65
N ALA B 302 17.63 -2.26 -41.69
CA ALA B 302 17.64 -3.61 -42.28
C ALA B 302 18.12 -4.63 -41.26
N TRP B 303 19.15 -4.26 -40.51
CA TRP B 303 19.66 -5.11 -39.44
C TRP B 303 18.63 -5.31 -38.35
N MET B 304 17.91 -4.24 -38.04
CA MET B 304 16.89 -4.28 -37.00
C MET B 304 15.77 -5.24 -37.38
N VAL B 305 15.37 -5.22 -38.65
CA VAL B 305 14.39 -6.17 -39.17
C VAL B 305 14.82 -7.60 -38.90
N LEU B 306 16.09 -7.89 -39.21
CA LEU B 306 16.66 -9.22 -38.96
C LEU B 306 16.72 -9.55 -37.47
N ILE B 307 17.24 -8.62 -36.68
CA ILE B 307 17.35 -8.81 -35.23
C ILE B 307 16.00 -9.06 -34.57
N VAL B 308 15.01 -8.23 -34.89
CA VAL B 308 13.68 -8.36 -34.32
C VAL B 308 13.00 -9.66 -34.76
N ALA B 309 13.12 -9.99 -36.05
CA ALA B 309 12.57 -11.24 -36.57
C ALA B 309 13.22 -12.45 -35.92
N ALA B 310 14.54 -12.39 -35.75
CA ALA B 310 15.27 -13.45 -35.08
C ALA B 310 14.84 -13.56 -33.62
N LEU B 311 14.58 -12.41 -32.99
CA LEU B 311 14.14 -12.37 -31.60
C LEU B 311 12.77 -13.02 -31.43
N ASN B 312 11.94 -12.93 -32.47
CA ASN B 312 10.62 -13.54 -32.46
C ASN B 312 10.71 -15.06 -32.39
N ALA B 313 11.53 -15.64 -33.25
CA ALA B 313 11.72 -17.08 -33.30
C ALA B 313 12.37 -17.62 -32.02
N SER B 314 13.10 -16.76 -31.32
CA SER B 314 13.80 -17.15 -30.10
C SER B 314 12.83 -17.55 -29.00
N GLY B 315 11.61 -17.04 -29.05
CA GLY B 315 10.62 -17.33 -28.03
C GLY B 315 10.95 -16.65 -26.71
N LEU B 316 11.95 -15.77 -26.74
CA LEU B 316 12.39 -15.04 -25.56
C LEU B 316 11.29 -14.15 -25.02
N CYS B 317 10.48 -13.60 -25.92
CA CYS B 317 9.41 -12.69 -25.53
C CYS B 317 8.13 -13.44 -25.18
N SER B 318 7.58 -13.15 -24.00
CA SER B 318 6.29 -13.70 -23.61
C SER B 318 5.21 -13.05 -24.47
N PRO B 319 4.09 -13.78 -24.68
CA PRO B 319 2.96 -13.27 -25.47
C PRO B 319 2.43 -11.92 -24.98
N GLU B 320 2.47 -11.67 -23.68
CA GLU B 320 2.09 -10.37 -23.14
C GLU B 320 3.00 -9.28 -23.68
N ILE B 321 4.30 -9.55 -23.66
CA ILE B 321 5.31 -8.61 -24.13
C ILE B 321 5.20 -8.38 -25.64
N LYS B 322 4.95 -9.45 -26.38
CA LYS B 322 4.66 -9.37 -27.81
C LYS B 322 3.48 -8.44 -28.04
N ALA B 323 2.47 -8.56 -27.19
CA ALA B 323 1.28 -7.73 -27.28
C ALA B 323 1.56 -6.31 -26.82
N GLY B 324 2.50 -6.16 -25.89
CA GLY B 324 2.88 -4.85 -25.40
C GLY B 324 3.53 -3.99 -26.47
N ALA B 325 4.33 -4.64 -27.32
CA ALA B 325 4.99 -3.95 -28.42
C ALA B 325 3.99 -3.59 -29.52
N LYS B 326 3.05 -4.49 -29.79
CA LYS B 326 2.01 -4.24 -30.76
C LYS B 326 1.14 -3.07 -30.31
N ARG B 327 0.88 -3.00 -29.01
CA ARG B 327 0.09 -1.91 -28.44
C ARG B 327 0.83 -0.59 -28.53
N LEU B 328 2.15 -0.61 -28.36
CA LEU B 328 2.95 0.61 -28.47
C LEU B 328 3.03 1.09 -29.91
N SER B 329 3.23 0.16 -30.83
CA SER B 329 3.28 0.49 -32.25
C SER B 329 1.94 1.06 -32.72
N ASP B 330 0.84 0.47 -32.24
CA ASP B 330 -0.49 0.97 -32.55
C ASP B 330 -0.68 2.40 -32.07
N PHE B 331 -0.17 2.70 -30.87
CA PHE B 331 -0.23 4.04 -30.33
C PHE B 331 0.55 5.02 -31.20
N PHE B 332 1.75 4.62 -31.62
CA PHE B 332 2.56 5.48 -32.48
C PHE B 332 1.94 5.63 -33.87
N SER B 333 1.39 4.53 -34.38
CA SER B 333 0.83 4.52 -35.73
C SER B 333 -0.45 5.35 -35.87
N LYS B 334 -1.20 5.45 -34.78
CA LYS B 334 -2.52 6.07 -34.84
C LYS B 334 -2.63 7.38 -34.05
N GLN B 335 -1.68 7.63 -33.16
CA GLN B 335 -1.72 8.83 -32.33
C GLN B 335 -0.54 9.76 -32.56
N LEU B 336 0.52 9.25 -33.18
CA LEU B 336 1.73 10.05 -33.40
C LEU B 336 2.11 10.17 -34.88
N LEU B 337 1.39 9.48 -35.75
CA LEU B 337 1.67 9.50 -37.19
C LEU B 337 1.45 10.87 -37.81
N TRP B 338 0.39 11.54 -37.38
CA TRP B 338 0.05 12.87 -37.89
C TRP B 338 1.10 13.89 -37.45
N VAL B 339 1.71 13.64 -36.30
CA VAL B 339 2.82 14.44 -35.82
C VAL B 339 4.03 14.23 -36.72
N LEU B 340 4.32 12.96 -37.00
CA LEU B 340 5.46 12.60 -37.84
C LEU B 340 5.34 13.18 -39.24
N MET B 341 4.12 13.22 -39.76
CA MET B 341 3.89 13.71 -41.12
C MET B 341 4.06 15.22 -41.24
N VAL B 342 3.90 15.95 -40.13
CA VAL B 342 4.25 17.36 -40.10
C VAL B 342 5.74 17.46 -40.34
N GLY B 343 6.49 16.54 -39.72
CA GLY B 343 7.94 16.48 -39.89
C GLY B 343 8.37 16.07 -41.28
N VAL B 344 7.67 15.09 -41.88
CA VAL B 344 7.99 14.62 -43.21
C VAL B 344 7.81 15.74 -44.24
N GLY B 345 6.77 16.54 -44.08
CA GLY B 345 6.52 17.65 -44.98
C GLY B 345 7.58 18.73 -44.87
N VAL B 346 8.12 18.90 -43.67
CA VAL B 346 9.11 19.94 -43.41
C VAL B 346 10.53 19.54 -43.81
N CYS B 347 10.88 18.28 -43.54
CA CYS B 347 12.27 17.83 -43.72
C CYS B 347 12.48 16.90 -44.91
N TYR B 348 11.42 16.23 -45.36
CA TYR B 348 11.53 15.21 -46.40
C TYR B 348 10.88 15.59 -47.72
N THR B 349 10.13 16.69 -47.74
CA THR B 349 9.25 16.96 -48.86
C THR B 349 9.62 18.17 -49.71
N ASP B 350 9.94 17.92 -50.97
CA ASP B 350 10.07 18.97 -51.98
C ASP B 350 8.86 18.88 -52.90
N LEU B 351 8.00 19.88 -52.84
CA LEU B 351 6.75 19.87 -53.58
C LEU B 351 6.93 19.80 -55.10
N GLN B 352 7.98 20.43 -55.61
CA GLN B 352 8.23 20.46 -57.05
C GLN B 352 8.52 19.06 -57.60
N GLU B 353 9.43 18.35 -56.94
CA GLU B 353 9.82 17.01 -57.38
C GLU B 353 8.63 16.04 -57.41
N ILE B 354 7.66 16.26 -56.52
CA ILE B 354 6.43 15.49 -56.51
C ILE B 354 5.63 15.76 -57.79
N ILE B 355 5.48 17.04 -58.11
CA ILE B 355 4.79 17.47 -59.33
C ILE B 355 5.52 16.94 -60.56
N ASP B 356 6.85 16.99 -60.53
CA ASP B 356 7.68 16.47 -61.61
C ASP B 356 7.52 14.96 -61.75
N ALA B 357 7.17 14.30 -60.65
CA ALA B 357 6.99 12.85 -60.65
C ALA B 357 5.63 12.47 -61.22
N LEU B 358 4.73 13.45 -61.30
CA LEU B 358 3.39 13.20 -61.84
C LEU B 358 3.38 13.20 -63.37
N THR B 359 4.43 12.65 -63.97
CA THR B 359 4.44 12.40 -65.40
C THR B 359 3.46 11.27 -65.66
N PHE B 360 2.90 11.26 -66.87
CA PHE B 360 1.92 10.25 -67.22
C PHE B 360 2.64 9.06 -67.87
N ALA B 361 3.97 9.10 -67.78
CA ALA B 361 4.81 7.97 -68.15
C ALA B 361 5.06 7.10 -66.91
N ASN B 362 5.35 7.76 -65.79
CA ASN B 362 5.50 7.06 -64.51
C ASN B 362 4.26 6.25 -64.15
N VAL B 363 3.10 6.84 -64.45
CA VAL B 363 1.81 6.16 -64.29
C VAL B 363 1.84 4.80 -64.97
N VAL B 364 2.29 4.80 -66.22
CA VAL B 364 2.48 3.55 -66.97
C VAL B 364 3.50 2.68 -66.25
N ILE B 365 4.67 3.26 -65.96
CA ILE B 365 5.77 2.55 -65.31
C ILE B 365 5.34 1.87 -64.02
N ALA B 366 4.68 2.62 -63.14
CA ALA B 366 4.17 2.08 -61.88
C ALA B 366 3.17 0.95 -62.14
N ALA B 367 2.22 1.20 -63.03
CA ALA B 367 1.19 0.22 -63.36
C ALA B 367 1.78 -1.09 -63.88
N ILE B 368 2.85 -0.99 -64.67
CA ILE B 368 3.53 -2.18 -65.16
C ILE B 368 4.20 -2.96 -64.03
N ILE B 369 4.85 -2.23 -63.12
CA ILE B 369 5.54 -2.83 -61.98
C ILE B 369 4.57 -3.61 -61.10
N VAL B 370 3.38 -3.06 -60.88
CA VAL B 370 2.34 -3.76 -60.13
C VAL B 370 1.95 -5.05 -60.83
N VAL B 371 1.83 -4.99 -62.16
CA VAL B 371 1.55 -6.18 -62.96
C VAL B 371 2.65 -7.22 -62.78
N GLY B 372 3.90 -6.76 -62.77
CA GLY B 372 5.04 -7.62 -62.53
C GLY B 372 4.98 -8.26 -61.16
N ALA B 373 4.38 -7.55 -60.21
CA ALA B 373 4.18 -8.09 -58.87
C ALA B 373 3.08 -9.14 -58.89
N VAL B 374 2.06 -8.91 -59.71
CA VAL B 374 0.98 -9.88 -59.91
C VAL B 374 1.52 -11.17 -60.50
N VAL B 375 2.25 -11.03 -61.61
CA VAL B 375 2.83 -12.16 -62.33
C VAL B 375 3.72 -13.02 -61.44
N GLY B 376 4.75 -12.40 -60.86
CA GLY B 376 5.70 -13.10 -60.02
C GLY B 376 5.05 -13.81 -58.84
N ALA B 377 4.05 -13.18 -58.25
CA ALA B 377 3.33 -13.77 -57.14
C ALA B 377 2.40 -14.88 -57.61
N ALA B 378 1.82 -14.70 -58.79
CA ALA B 378 0.97 -15.72 -59.39
C ALA B 378 1.76 -17.00 -59.65
N ILE B 379 2.86 -16.86 -60.38
CA ILE B 379 3.76 -17.98 -60.65
C ILE B 379 4.28 -18.57 -59.35
N GLY B 380 4.88 -17.72 -58.52
CA GLY B 380 5.44 -18.14 -57.24
C GLY B 380 4.46 -18.92 -56.38
N GLY B 381 3.26 -18.39 -56.21
CA GLY B 381 2.23 -19.08 -55.46
C GLY B 381 1.80 -20.38 -56.12
N TRP B 382 1.74 -20.37 -57.45
CA TRP B 382 1.35 -21.54 -58.22
C TRP B 382 2.32 -22.69 -57.99
N LEU B 383 3.60 -22.38 -57.96
CA LEU B 383 4.64 -23.39 -57.74
C LEU B 383 4.59 -23.93 -56.31
N ILE B 384 4.31 -23.06 -55.36
CA ILE B 384 4.33 -23.41 -53.94
C ILE B 384 3.16 -24.30 -53.53
N GLY B 385 1.96 -23.93 -53.95
CA GLY B 385 0.77 -24.67 -53.59
C GLY B 385 -0.40 -23.72 -53.34
N PHE B 386 -0.11 -22.43 -53.50
CA PHE B 386 -1.13 -21.40 -53.37
C PHE B 386 -1.84 -21.23 -54.70
N TYR B 387 -2.85 -20.36 -54.73
CA TYR B 387 -3.55 -20.09 -55.98
C TYR B 387 -3.32 -18.68 -56.49
N PRO B 388 -2.82 -18.59 -57.74
CA PRO B 388 -2.30 -17.39 -58.41
C PRO B 388 -3.12 -16.12 -58.18
N ILE B 389 -4.43 -16.22 -58.30
CA ILE B 389 -5.29 -15.05 -58.13
C ILE B 389 -5.31 -14.58 -56.67
N GLU B 390 -5.27 -15.54 -55.75
CA GLU B 390 -5.19 -15.22 -54.33
C GLU B 390 -3.76 -14.84 -53.96
N SER B 391 -2.80 -15.45 -54.64
CA SER B 391 -1.39 -15.17 -54.44
C SER B 391 -1.02 -13.80 -54.98
N SER B 392 -1.67 -13.40 -56.07
CA SER B 392 -1.43 -12.10 -56.68
C SER B 392 -1.91 -10.96 -55.79
N ILE B 393 -2.86 -11.26 -54.92
CA ILE B 393 -3.42 -10.27 -54.00
C ILE B 393 -2.59 -10.14 -52.73
N THR B 394 -2.42 -11.26 -52.03
CA THR B 394 -1.69 -11.28 -50.76
C THR B 394 -0.20 -10.97 -50.94
N ALA B 395 0.49 -11.83 -51.69
CA ALA B 395 1.94 -11.72 -51.84
C ALA B 395 2.34 -10.81 -53.00
N GLY B 396 1.36 -10.17 -53.63
CA GLY B 396 1.63 -9.29 -54.76
C GLY B 396 1.08 -7.89 -54.57
N LEU B 397 -0.24 -7.76 -54.61
CA LEU B 397 -0.90 -6.46 -54.51
C LEU B 397 -0.77 -5.84 -53.12
N CYS B 398 -0.76 -6.69 -52.10
CA CYS B 398 -0.62 -6.20 -50.72
C CYS B 398 0.84 -5.92 -50.36
N MET B 399 1.71 -6.07 -51.35
CA MET B 399 3.10 -5.64 -51.25
C MET B 399 3.26 -4.33 -52.00
N ALA B 400 2.56 -4.22 -53.14
CA ALA B 400 2.66 -3.05 -53.99
C ALA B 400 1.76 -1.91 -53.52
N ASN B 401 0.93 -2.16 -52.52
CA ASN B 401 0.01 -1.15 -52.00
C ASN B 401 0.65 -0.23 -50.95
N ARG B 402 -0.16 0.60 -50.32
CA ARG B 402 0.33 1.58 -49.35
C ARG B 402 0.16 1.06 -47.92
N GLY B 403 0.84 -0.03 -47.59
CA GLY B 403 0.76 -0.61 -46.26
C GLY B 403 -0.63 -1.03 -45.84
N GLY B 404 -0.86 -1.08 -44.54
CA GLY B 404 -2.13 -1.53 -43.99
C GLY B 404 -3.35 -0.75 -44.46
N SER B 405 -3.17 0.56 -44.64
CA SER B 405 -4.25 1.42 -45.12
C SER B 405 -4.58 1.09 -46.57
N GLY B 406 -3.61 0.50 -47.28
CA GLY B 406 -3.81 0.09 -48.66
C GLY B 406 -4.32 -1.34 -48.74
N ASP B 407 -3.98 -2.15 -47.76
CA ASP B 407 -4.46 -3.53 -47.68
C ASP B 407 -5.98 -3.55 -47.55
N LEU B 408 -6.51 -2.59 -46.80
CA LEU B 408 -7.96 -2.45 -46.63
C LEU B 408 -8.61 -2.06 -47.96
N GLU B 409 -8.04 -1.05 -48.62
CA GLU B 409 -8.53 -0.60 -49.92
C GLU B 409 -8.51 -1.72 -50.94
N VAL B 410 -7.38 -2.44 -51.00
CA VAL B 410 -7.20 -3.55 -51.94
C VAL B 410 -8.18 -4.69 -51.66
N LEU B 411 -8.27 -5.10 -50.39
CA LEU B 411 -9.16 -6.19 -50.00
C LEU B 411 -10.62 -5.74 -49.89
N SER B 412 -10.90 -4.51 -50.28
CA SER B 412 -12.27 -4.01 -50.35
C SER B 412 -12.76 -4.07 -51.79
N ALA B 413 -11.88 -3.70 -52.72
CA ALA B 413 -12.17 -3.78 -54.15
C ALA B 413 -12.52 -5.23 -54.51
N CYS B 414 -11.51 -6.10 -54.45
CA CYS B 414 -11.78 -7.52 -54.40
C CYS B 414 -12.37 -7.76 -53.02
N ASN B 415 -13.18 -8.79 -52.86
CA ASN B 415 -13.89 -8.97 -51.59
C ASN B 415 -13.32 -10.12 -50.76
N ARG B 416 -12.05 -9.99 -50.38
CA ARG B 416 -11.36 -11.03 -49.64
C ARG B 416 -10.71 -10.48 -48.36
N MET B 417 -11.44 -9.63 -47.65
CA MET B 417 -10.94 -9.00 -46.42
C MET B 417 -10.58 -10.03 -45.33
N ASN B 418 -10.94 -11.29 -45.57
CA ASN B 418 -10.59 -12.38 -44.67
C ASN B 418 -9.14 -12.81 -44.83
N LEU B 419 -8.49 -12.30 -45.87
CA LEU B 419 -7.09 -12.62 -46.17
C LEU B 419 -6.14 -11.64 -45.49
N ILE B 420 -6.70 -10.73 -44.69
CA ILE B 420 -5.92 -9.64 -44.10
C ILE B 420 -4.76 -10.13 -43.24
N SER B 421 -4.90 -11.31 -42.65
CA SER B 421 -3.83 -11.91 -41.86
C SER B 421 -2.62 -12.23 -42.75
N TYR B 422 -2.90 -12.55 -44.01
CA TYR B 422 -1.84 -12.77 -44.99
C TYR B 422 -1.32 -11.46 -45.56
N ALA B 423 -2.21 -10.48 -45.67
CA ALA B 423 -1.83 -9.16 -46.17
C ALA B 423 -0.94 -8.43 -45.17
N GLN B 424 -1.19 -8.68 -43.89
CA GLN B 424 -0.39 -8.06 -42.81
C GLN B 424 1.06 -8.55 -42.83
N ILE B 425 1.25 -9.82 -43.16
CA ILE B 425 2.58 -10.39 -43.29
C ILE B 425 3.35 -9.69 -44.40
N SER B 426 2.64 -9.33 -45.47
CA SER B 426 3.24 -8.61 -46.58
C SER B 426 3.62 -7.18 -46.21
N SER B 427 2.70 -6.46 -45.58
CA SER B 427 2.92 -5.06 -45.25
C SER B 427 3.91 -4.85 -44.10
N ARG B 428 4.31 -5.94 -43.45
CA ARG B 428 5.23 -5.85 -42.32
C ARG B 428 6.55 -6.56 -42.60
N LEU B 429 6.48 -7.87 -42.79
CA LEU B 429 7.68 -8.67 -43.07
C LEU B 429 8.18 -8.41 -44.48
N GLY B 430 7.26 -8.35 -45.43
CA GLY B 430 7.62 -8.06 -46.81
C GLY B 430 8.26 -6.69 -46.93
N GLY B 431 7.64 -5.70 -46.30
CA GLY B 431 8.19 -4.35 -46.28
C GLY B 431 9.48 -4.28 -45.49
N GLY B 432 9.61 -5.17 -44.50
CA GLY B 432 10.85 -5.30 -43.75
C GLY B 432 11.92 -5.93 -44.60
N ILE B 433 11.53 -6.94 -45.39
CA ILE B 433 12.42 -7.56 -46.36
C ILE B 433 12.89 -6.54 -47.39
N VAL B 434 11.95 -5.70 -47.85
CA VAL B 434 12.24 -4.66 -48.82
C VAL B 434 13.34 -3.72 -48.35
N LEU B 435 13.35 -3.42 -47.05
CA LEU B 435 14.39 -2.59 -46.46
C LEU B 435 15.77 -3.23 -46.56
N VAL B 436 15.85 -4.54 -46.31
CA VAL B 436 17.10 -5.27 -46.43
C VAL B 436 17.56 -5.34 -47.88
N ILE B 437 16.63 -5.72 -48.76
CA ILE B 437 16.89 -5.77 -50.20
C ILE B 437 17.35 -4.41 -50.70
N ALA B 438 16.74 -3.35 -50.16
CA ALA B 438 17.12 -1.99 -50.50
C ALA B 438 18.56 -1.69 -50.09
N SER B 439 18.85 -1.87 -48.81
CA SER B 439 20.19 -1.61 -48.28
C SER B 439 21.27 -2.33 -49.06
N ILE B 440 20.95 -3.55 -49.52
CA ILE B 440 21.84 -4.31 -50.39
C ILE B 440 21.92 -3.66 -51.78
N VAL B 441 20.76 -3.40 -52.37
CA VAL B 441 20.68 -2.76 -53.68
C VAL B 441 21.28 -1.34 -53.67
N PHE B 442 20.93 -0.58 -52.64
CA PHE B 442 21.38 0.81 -52.52
C PHE B 442 22.90 0.94 -52.47
N SER B 443 23.56 0.05 -51.72
CA SER B 443 25.01 0.12 -51.55
C SER B 443 25.77 -0.37 -52.79
N MET B 444 25.44 -1.59 -53.24
CA MET B 444 26.17 -2.22 -54.34
C MET B 444 26.01 -1.49 -55.68
N MET B 445 25.05 -0.56 -55.74
CA MET B 445 24.86 0.24 -56.94
C MET B 445 25.30 1.69 -56.74
N VAL B 446 25.88 1.97 -55.58
CA VAL B 446 26.57 3.22 -55.32
C VAL B 446 28.04 2.86 -55.16
N LEU B 447 28.30 1.57 -54.92
CA LEU B 447 29.65 1.04 -54.82
C LEU B 447 30.46 1.28 -56.08
N GLU B 448 29.78 1.32 -57.22
CA GLU B 448 30.44 1.55 -58.50
C GLU B 448 30.07 2.92 -59.08
N LYS C 13 -2.08 -25.35 57.23
CA LYS C 13 -1.56 -24.44 56.23
C LYS C 13 -2.68 -23.77 55.43
N GLY C 14 -3.71 -23.31 56.15
CA GLY C 14 -4.82 -22.63 55.53
C GLY C 14 -5.15 -21.34 56.25
N ALA C 15 -5.00 -20.22 55.54
CA ALA C 15 -5.34 -18.91 56.10
C ALA C 15 -6.82 -18.87 56.42
N SER C 16 -7.65 -19.15 55.43
CA SER C 16 -9.10 -19.16 55.60
C SER C 16 -9.76 -20.09 54.60
N ASP C 17 -11.08 -20.18 54.69
CA ASP C 17 -11.89 -20.76 53.63
C ASP C 17 -12.78 -19.66 53.12
N LEU C 18 -13.42 -19.88 51.98
CA LEU C 18 -14.29 -18.87 51.38
C LEU C 18 -15.41 -18.44 52.30
N LEU C 19 -15.72 -17.14 52.30
CA LEU C 19 -16.81 -16.61 53.10
C LEU C 19 -18.12 -16.84 52.36
N ARG C 20 -19.16 -16.11 52.74
CA ARG C 20 -20.46 -16.24 52.12
C ARG C 20 -20.70 -15.15 51.08
N PHE C 21 -20.54 -13.90 51.51
CA PHE C 21 -20.84 -12.75 50.68
C PHE C 21 -19.83 -12.54 49.56
N LYS C 22 -20.31 -12.24 48.36
CA LYS C 22 -19.45 -12.10 47.19
C LYS C 22 -19.41 -10.68 46.61
N ILE C 23 -18.22 -10.26 46.21
CA ILE C 23 -18.04 -9.02 45.45
C ILE C 23 -17.48 -9.34 44.08
N PHE C 24 -18.29 -9.12 43.04
CA PHE C 24 -17.94 -9.49 41.67
C PHE C 24 -17.48 -10.95 41.60
N GLY C 25 -18.31 -11.84 42.13
CA GLY C 25 -18.00 -13.26 42.13
C GLY C 25 -16.96 -13.64 43.18
N MET C 26 -16.33 -12.66 43.80
CA MET C 26 -15.29 -12.91 44.79
C MET C 26 -15.78 -12.74 46.22
N PRO C 27 -15.66 -13.80 47.04
CA PRO C 27 -15.95 -13.69 48.47
C PRO C 27 -15.01 -12.68 49.13
N LEU C 28 -15.50 -12.01 50.17
CA LEU C 28 -14.77 -10.93 50.85
C LEU C 28 -13.27 -11.15 51.13
N PRO C 29 -12.89 -12.32 51.66
CA PRO C 29 -11.45 -12.52 51.90
C PRO C 29 -10.65 -12.55 50.60
N LEU C 30 -11.22 -13.14 49.55
CA LEU C 30 -10.56 -13.18 48.26
C LEU C 30 -10.46 -11.80 47.62
N TYR C 31 -11.53 -11.01 47.73
CA TYR C 31 -11.50 -9.66 47.19
C TYR C 31 -10.57 -8.77 48.01
N ALA C 32 -10.42 -9.09 49.29
CA ALA C 32 -9.49 -8.36 50.15
C ALA C 32 -8.07 -8.49 49.60
N PHE C 33 -7.68 -9.72 49.27
CA PHE C 33 -6.38 -10.00 48.68
C PHE C 33 -6.15 -9.15 47.43
N ALA C 34 -7.15 -9.08 46.57
CA ALA C 34 -7.06 -8.29 45.34
C ALA C 34 -6.98 -6.79 45.64
N LEU C 35 -7.80 -6.33 46.58
CA LEU C 35 -7.83 -4.92 46.95
C LEU C 35 -6.51 -4.47 47.60
N ILE C 36 -5.98 -5.30 48.49
CA ILE C 36 -4.69 -5.03 49.14
C ILE C 36 -3.58 -4.88 48.10
N THR C 37 -3.58 -5.79 47.13
CA THR C 37 -2.62 -5.77 46.03
C THR C 37 -2.64 -4.43 45.30
N LEU C 38 -3.85 -3.93 45.05
CA LEU C 38 -4.02 -2.65 44.37
C LEU C 38 -3.57 -1.49 45.25
N LEU C 39 -3.75 -1.65 46.56
CA LEU C 39 -3.30 -0.64 47.51
C LEU C 39 -1.77 -0.63 47.61
N LEU C 40 -1.18 -1.81 47.53
CA LEU C 40 0.27 -1.95 47.53
C LEU C 40 0.88 -1.32 46.28
N SER C 41 0.30 -1.64 45.12
CA SER C 41 0.70 -1.04 43.86
C SER C 41 0.63 0.47 43.91
N HIS C 42 -0.43 0.98 44.52
CA HIS C 42 -0.66 2.42 44.61
C HIS C 42 0.41 3.12 45.44
N PHE C 43 0.58 2.66 46.67
CA PHE C 43 1.48 3.31 47.63
C PHE C 43 2.96 3.15 47.26
N TYR C 44 3.31 2.01 46.68
CA TYR C 44 4.67 1.81 46.20
C TYR C 44 4.87 2.43 44.82
N ASN C 45 3.78 2.97 44.26
CA ASN C 45 3.82 3.62 42.96
C ASN C 45 4.36 2.68 41.87
N ALA C 46 3.84 1.46 41.84
CA ALA C 46 4.30 0.46 40.88
C ALA C 46 3.16 -0.25 40.17
N ILE C 47 2.99 0.06 38.89
CA ILE C 47 1.99 -0.60 38.06
C ILE C 47 2.43 -0.58 36.60
N PRO C 48 2.28 -1.73 35.91
CA PRO C 48 2.65 -1.72 34.49
C PRO C 48 1.61 -0.97 33.67
N THR C 49 2.07 -0.12 32.75
CA THR C 49 1.17 0.61 31.85
C THR C 49 0.68 -0.33 30.75
N ASP C 50 0.09 -1.45 31.18
CA ASP C 50 -0.29 -2.52 30.26
C ASP C 50 -1.77 -2.83 30.34
N LEU C 51 -2.17 -3.88 29.63
CA LEU C 51 -3.48 -4.47 29.80
C LEU C 51 -3.54 -5.11 31.18
N VAL C 52 -2.45 -5.75 31.57
CA VAL C 52 -2.36 -6.41 32.87
C VAL C 52 -2.50 -5.40 34.00
N GLY C 53 -1.78 -4.30 33.91
CA GLY C 53 -1.85 -3.25 34.93
C GLY C 53 -3.17 -2.52 34.90
N GLY C 54 -3.64 -2.20 33.69
CA GLY C 54 -4.92 -1.55 33.53
C GLY C 54 -6.09 -2.40 34.00
N PHE C 55 -6.16 -3.63 33.50
CA PHE C 55 -7.26 -4.53 33.86
C PHE C 55 -7.25 -4.87 35.36
N ALA C 56 -6.07 -4.97 35.95
CA ALA C 56 -5.95 -5.24 37.38
C ALA C 56 -6.65 -4.17 38.19
N LEU C 57 -6.33 -2.92 37.90
CA LEU C 57 -6.95 -1.78 38.57
C LEU C 57 -8.43 -1.69 38.24
N MET C 58 -8.75 -1.74 36.95
CA MET C 58 -10.13 -1.59 36.48
C MET C 58 -11.08 -2.64 37.03
N PHE C 59 -10.62 -3.89 37.14
CA PHE C 59 -11.43 -4.96 37.70
C PHE C 59 -11.73 -4.70 39.18
N VAL C 60 -10.68 -4.52 39.96
CA VAL C 60 -10.80 -4.33 41.41
C VAL C 60 -11.59 -3.07 41.77
N MET C 61 -11.27 -1.96 41.11
CA MET C 61 -11.98 -0.70 41.37
C MET C 61 -13.42 -0.77 40.85
N GLY C 62 -13.60 -1.42 39.70
CA GLY C 62 -14.93 -1.59 39.12
C GLY C 62 -15.80 -2.45 40.01
N ALA C 63 -15.19 -3.48 40.61
CA ALA C 63 -15.92 -4.42 41.44
C ALA C 63 -16.54 -3.77 42.67
N ILE C 64 -15.79 -2.90 43.35
CA ILE C 64 -16.27 -2.30 44.59
C ILE C 64 -17.34 -1.22 44.38
N PHE C 65 -17.12 -0.33 43.41
CA PHE C 65 -18.07 0.75 43.15
C PHE C 65 -19.23 0.28 42.26
N GLY C 66 -19.16 -0.98 41.83
CA GLY C 66 -20.28 -1.59 41.13
C GLY C 66 -21.27 -2.14 42.12
N GLU C 67 -20.77 -2.89 43.11
CA GLU C 67 -21.63 -3.47 44.14
C GLU C 67 -22.28 -2.39 45.00
N ILE C 68 -21.57 -1.27 45.17
CA ILE C 68 -22.10 -0.13 45.91
C ILE C 68 -23.18 0.58 45.10
N GLY C 69 -22.90 0.82 43.83
CA GLY C 69 -23.85 1.45 42.93
C GLY C 69 -25.06 0.57 42.68
N LYS C 70 -24.89 -0.73 42.89
CA LYS C 70 -25.96 -1.70 42.69
C LYS C 70 -26.86 -1.80 43.93
N ARG C 71 -26.33 -1.33 45.06
CA ARG C 71 -27.04 -1.44 46.33
C ARG C 71 -27.41 -0.10 46.95
N LEU C 72 -26.96 0.99 46.35
CA LEU C 72 -27.32 2.32 46.84
C LEU C 72 -28.80 2.56 46.52
N PRO C 73 -29.63 2.64 47.58
CA PRO C 73 -31.10 2.58 47.55
C PRO C 73 -31.76 3.51 46.52
N ILE C 74 -31.48 4.80 46.59
CA ILE C 74 -32.07 5.77 45.67
C ILE C 74 -31.31 5.82 44.35
N PHE C 75 -30.02 5.51 44.41
CA PHE C 75 -29.13 5.66 43.26
C PHE C 75 -29.34 4.60 42.19
N ASN C 76 -29.55 3.35 42.62
CA ASN C 76 -29.62 2.22 41.70
C ASN C 76 -30.76 2.26 40.68
N LYS C 77 -31.84 2.95 41.02
CA LYS C 77 -33.03 2.99 40.17
C LYS C 77 -33.03 4.17 39.21
N TYR C 78 -32.98 5.38 39.77
CA TYR C 78 -33.19 6.59 38.99
C TYR C 78 -31.90 7.20 38.44
N ILE C 79 -30.78 6.80 39.03
CA ILE C 79 -29.49 7.01 38.39
C ILE C 79 -29.12 5.63 37.85
N GLY C 80 -28.24 5.56 36.86
CA GLY C 80 -28.00 4.33 36.13
C GLY C 80 -27.48 3.13 36.91
N GLY C 81 -27.29 3.30 38.21
CA GLY C 81 -26.85 2.19 39.06
C GLY C 81 -25.35 1.94 39.02
N ALA C 82 -24.99 0.66 39.12
CA ALA C 82 -23.60 0.22 39.18
C ALA C 82 -22.63 0.86 38.16
N PRO C 83 -22.97 0.83 36.86
CA PRO C 83 -22.00 1.37 35.91
C PRO C 83 -21.84 2.88 35.99
N VAL C 84 -22.86 3.57 36.49
CA VAL C 84 -22.81 5.04 36.60
C VAL C 84 -22.04 5.50 37.84
N MET C 85 -22.16 4.74 38.93
CA MET C 85 -21.34 4.99 40.11
C MET C 85 -19.87 4.87 39.75
N ILE C 86 -19.51 3.75 39.14
CA ILE C 86 -18.16 3.50 38.63
C ILE C 86 -17.70 4.62 37.71
N PHE C 87 -18.56 4.95 36.74
CA PHE C 87 -18.29 5.99 35.76
C PHE C 87 -18.00 7.34 36.39
N LEU C 88 -18.67 7.63 37.50
CA LEU C 88 -18.53 8.92 38.18
C LEU C 88 -17.42 8.91 39.23
N VAL C 89 -17.30 7.83 39.98
CA VAL C 89 -16.23 7.69 40.97
C VAL C 89 -14.87 7.78 40.28
N ALA C 90 -14.73 7.07 39.17
CA ALA C 90 -13.49 7.09 38.39
C ALA C 90 -13.18 8.48 37.83
N ALA C 91 -14.22 9.18 37.37
CA ALA C 91 -14.06 10.53 36.87
C ALA C 91 -13.64 11.47 37.99
N TYR C 92 -14.17 11.23 39.18
CA TYR C 92 -13.82 12.02 40.36
C TYR C 92 -12.38 11.77 40.78
N PHE C 93 -11.93 10.52 40.69
CA PHE C 93 -10.57 10.14 41.08
C PHE C 93 -9.52 10.85 40.25
N VAL C 94 -9.85 11.14 38.99
CA VAL C 94 -8.96 11.88 38.10
C VAL C 94 -8.96 13.35 38.49
N TYR C 95 -10.15 13.92 38.64
CA TYR C 95 -10.32 15.32 39.03
C TYR C 95 -9.69 15.64 40.37
N ALA C 96 -9.81 14.73 41.33
CA ALA C 96 -9.30 14.95 42.67
C ALA C 96 -7.79 14.77 42.75
N GLY C 97 -7.27 13.78 42.03
CA GLY C 97 -5.84 13.48 42.06
C GLY C 97 -5.54 12.23 42.86
N ILE C 98 -6.55 11.42 43.09
CA ILE C 98 -6.40 10.16 43.83
C ILE C 98 -5.60 9.16 42.99
N PHE C 99 -5.76 9.25 41.67
CA PHE C 99 -5.03 8.39 40.75
C PHE C 99 -3.60 8.86 40.56
N THR C 100 -2.68 7.91 40.46
CA THR C 100 -1.30 8.19 40.08
C THR C 100 -1.30 8.53 38.59
N GLN C 101 -0.27 9.23 38.13
CA GLN C 101 -0.14 9.52 36.71
C GLN C 101 -0.02 8.23 35.89
N LYS C 102 0.68 7.25 36.44
CA LYS C 102 0.91 5.99 35.74
C LYS C 102 -0.28 5.01 35.87
N GLU C 103 -1.12 5.22 36.88
CA GLU C 103 -2.38 4.51 36.97
C GLU C 103 -3.30 5.01 35.86
N ILE C 104 -3.30 6.32 35.65
CA ILE C 104 -4.02 6.95 34.55
C ILE C 104 -3.48 6.45 33.22
N ASP C 105 -2.16 6.40 33.11
CA ASP C 105 -1.51 5.92 31.90
C ASP C 105 -1.88 4.48 31.58
N ALA C 106 -1.94 3.64 32.61
CA ALA C 106 -2.30 2.24 32.46
C ALA C 106 -3.70 2.08 31.88
N ILE C 107 -4.63 2.88 32.39
CA ILE C 107 -6.02 2.87 31.94
C ILE C 107 -6.12 3.44 30.52
N SER C 108 -5.28 4.43 30.23
CA SER C 108 -5.25 5.06 28.91
C SER C 108 -4.66 4.13 27.86
N ASN C 109 -3.69 3.32 28.28
CA ASN C 109 -3.09 2.31 27.40
C ASN C 109 -4.17 1.34 26.92
N VAL C 110 -4.98 0.89 27.87
CA VAL C 110 -6.07 -0.04 27.59
C VAL C 110 -7.11 0.58 26.66
N MET C 111 -7.64 1.73 27.07
CA MET C 111 -8.79 2.34 26.40
C MET C 111 -8.50 3.02 25.06
N ASP C 112 -7.36 3.67 24.95
CA ASP C 112 -7.07 4.50 23.78
C ASP C 112 -5.92 4.00 22.91
N LYS C 113 -4.81 3.62 23.52
CA LYS C 113 -3.67 3.10 22.77
C LYS C 113 -3.94 1.70 22.23
N SER C 114 -4.33 0.80 23.13
CA SER C 114 -4.74 -0.54 22.73
C SER C 114 -6.12 -0.51 22.09
N ASN C 115 -6.86 0.55 22.40
CA ASN C 115 -8.21 0.76 21.86
C ASN C 115 -9.21 -0.33 22.29
N PHE C 116 -9.28 -0.58 23.59
CA PHE C 116 -10.22 -1.56 24.13
C PHE C 116 -11.66 -1.10 23.93
N LEU C 117 -11.86 0.21 23.82
CA LEU C 117 -13.17 0.77 23.56
C LEU C 117 -13.72 0.29 22.20
N ASN C 118 -12.88 0.38 21.18
CA ASN C 118 -13.26 -0.07 19.84
C ASN C 118 -13.42 -1.58 19.77
N LEU C 119 -12.57 -2.30 20.49
CA LEU C 119 -12.69 -3.75 20.60
C LEU C 119 -14.00 -4.13 21.26
N PHE C 120 -14.36 -3.39 22.31
CA PHE C 120 -15.58 -3.65 23.06
C PHE C 120 -16.83 -3.43 22.19
N ILE C 121 -16.87 -2.30 21.51
CA ILE C 121 -18.00 -1.95 20.65
C ILE C 121 -18.11 -2.92 19.47
N ALA C 122 -16.97 -3.27 18.87
CA ALA C 122 -16.93 -4.18 17.73
C ALA C 122 -17.43 -5.58 18.08
N VAL C 123 -17.08 -6.07 19.26
CA VAL C 123 -17.52 -7.38 19.74
C VAL C 123 -19.03 -7.39 19.97
N LEU C 124 -19.56 -6.30 20.52
CA LEU C 124 -20.99 -6.19 20.80
C LEU C 124 -21.84 -6.09 19.53
N ILE C 125 -21.42 -5.24 18.60
CA ILE C 125 -22.11 -5.10 17.32
C ILE C 125 -22.20 -6.44 16.60
N THR C 126 -21.09 -7.18 16.58
CA THR C 126 -21.01 -8.48 15.92
C THR C 126 -21.94 -9.50 16.59
N GLY C 127 -22.00 -9.48 17.92
CA GLY C 127 -22.85 -10.40 18.65
C GLY C 127 -24.32 -10.08 18.51
N ALA C 128 -24.64 -8.79 18.45
CA ALA C 128 -26.03 -8.35 18.34
C ALA C 128 -26.62 -8.62 16.96
N ILE C 129 -25.87 -8.28 15.92
CA ILE C 129 -26.36 -8.38 14.55
C ILE C 129 -26.38 -9.82 14.01
N LEU C 130 -25.36 -10.60 14.34
CA LEU C 130 -25.32 -12.00 13.91
C LEU C 130 -26.39 -12.84 14.60
N SER C 131 -26.92 -12.35 15.71
CA SER C 131 -27.91 -13.10 16.48
C SER C 131 -29.32 -12.88 15.94
N VAL C 132 -29.49 -11.85 15.13
CA VAL C 132 -30.82 -11.50 14.61
C VAL C 132 -31.12 -12.25 13.32
N ASN C 133 -32.41 -12.35 12.97
CA ASN C 133 -32.83 -13.03 11.76
C ASN C 133 -32.59 -12.19 10.51
N ARG C 134 -32.12 -12.85 9.45
CA ARG C 134 -31.79 -12.20 8.18
C ARG C 134 -32.91 -11.32 7.62
N LYS C 135 -34.13 -11.82 7.67
CA LYS C 135 -35.29 -11.12 7.11
C LYS C 135 -35.63 -9.84 7.86
N LEU C 136 -35.02 -9.64 9.02
CA LEU C 136 -35.40 -8.56 9.92
C LEU C 136 -34.49 -7.34 9.78
N LEU C 137 -33.33 -7.54 9.18
CA LEU C 137 -32.27 -6.53 9.11
C LEU C 137 -32.63 -5.24 8.37
N LEU C 138 -32.84 -5.37 7.06
CA LEU C 138 -33.07 -4.21 6.19
C LEU C 138 -34.29 -3.39 6.58
N LYS C 139 -35.30 -4.04 7.14
CA LYS C 139 -36.53 -3.35 7.52
C LYS C 139 -36.33 -2.45 8.73
N SER C 140 -35.58 -2.93 9.71
CA SER C 140 -35.30 -2.15 10.91
C SER C 140 -34.59 -0.85 10.58
N LEU C 141 -33.57 -0.95 9.73
CA LEU C 141 -32.76 0.20 9.32
C LEU C 141 -33.60 1.25 8.60
N LEU C 142 -34.53 0.81 7.77
CA LEU C 142 -35.39 1.71 7.01
C LEU C 142 -36.36 2.47 7.90
N GLY C 143 -36.75 1.84 9.00
CA GLY C 143 -37.64 2.48 9.95
C GLY C 143 -36.88 3.28 11.00
N TYR C 144 -35.59 2.99 11.14
CA TYR C 144 -34.77 3.64 12.16
C TYR C 144 -34.26 5.02 11.75
N ILE C 145 -34.00 5.19 10.46
CA ILE C 145 -33.49 6.47 9.95
C ILE C 145 -34.45 7.67 10.13
N PRO C 146 -35.73 7.52 9.75
CA PRO C 146 -36.64 8.64 10.00
C PRO C 146 -36.89 8.86 11.49
N THR C 147 -36.72 7.82 12.29
CA THR C 147 -36.84 7.93 13.75
C THR C 147 -35.74 8.82 14.30
N ILE C 148 -34.54 8.73 13.71
CA ILE C 148 -33.42 9.58 14.09
C ILE C 148 -33.74 11.04 13.77
N LEU C 149 -34.28 11.26 12.58
CA LEU C 149 -34.64 12.62 12.11
C LEU C 149 -35.60 13.32 13.06
N ALA C 150 -36.62 12.59 13.51
CA ALA C 150 -37.60 13.14 14.45
C ALA C 150 -36.93 13.57 15.75
N GLY C 151 -35.95 12.81 16.20
CA GLY C 151 -35.20 13.15 17.40
C GLY C 151 -34.39 14.42 17.23
N ILE C 152 -33.88 14.65 16.02
CA ILE C 152 -33.13 15.87 15.72
C ILE C 152 -34.07 17.07 15.69
N VAL C 153 -35.19 16.94 14.97
CA VAL C 153 -36.20 17.98 14.89
C VAL C 153 -36.73 18.31 16.28
N GLY C 154 -36.97 17.28 17.07
CA GLY C 154 -37.41 17.45 18.45
C GLY C 154 -36.36 18.14 19.29
N ALA C 155 -35.10 17.75 19.13
CA ALA C 155 -34.01 18.35 19.89
C ALA C 155 -33.77 19.80 19.47
N SER C 156 -33.98 20.09 18.19
CA SER C 156 -33.80 21.44 17.67
C SER C 156 -34.83 22.41 18.21
N LEU C 157 -36.11 22.06 18.04
CA LEU C 157 -37.22 22.92 18.47
C LEU C 157 -37.19 23.21 19.97
N PHE C 158 -36.96 22.18 20.77
CA PHE C 158 -36.87 22.35 22.22
C PHE C 158 -35.72 23.28 22.60
N GLY C 159 -34.62 23.20 21.85
CA GLY C 159 -33.46 24.04 22.09
C GLY C 159 -33.65 25.48 21.67
N ILE C 160 -34.48 25.69 20.66
CA ILE C 160 -34.81 27.04 20.20
C ILE C 160 -35.77 27.72 21.17
N VAL C 161 -36.83 27.02 21.53
CA VAL C 161 -37.82 27.54 22.47
C VAL C 161 -37.18 27.87 23.82
N ILE C 162 -36.30 27.01 24.30
CA ILE C 162 -35.55 27.28 25.53
C ILE C 162 -34.48 28.33 25.25
N GLY C 163 -34.08 28.46 23.99
CA GLY C 163 -33.04 29.40 23.61
C GLY C 163 -33.50 30.85 23.67
N LEU C 164 -34.60 31.14 22.99
CA LEU C 164 -35.15 32.49 22.93
C LEU C 164 -35.52 33.01 24.32
N CYS C 165 -35.87 32.10 25.22
CA CYS C 165 -36.23 32.46 26.58
C CYS C 165 -35.06 33.06 27.36
N PHE C 166 -33.86 32.52 27.14
CA PHE C 166 -32.67 33.00 27.84
C PHE C 166 -32.04 34.19 27.13
N GLY C 167 -32.62 34.59 26.01
CA GLY C 167 -32.04 35.66 25.20
C GLY C 167 -30.87 35.13 24.39
N ILE C 168 -31.06 33.95 23.81
CA ILE C 168 -30.08 33.37 22.91
C ILE C 168 -30.67 33.33 21.51
N PRO C 169 -29.98 33.94 20.53
CA PRO C 169 -30.45 33.90 19.15
C PRO C 169 -30.48 32.47 18.59
N VAL C 170 -31.06 32.30 17.41
CA VAL C 170 -31.21 30.97 16.81
C VAL C 170 -29.86 30.35 16.46
N ASP C 171 -28.99 31.14 15.83
CA ASP C 171 -27.68 30.66 15.41
C ASP C 171 -26.86 30.06 16.55
N ARG C 172 -26.69 30.82 17.63
CA ARG C 172 -25.95 30.34 18.78
C ARG C 172 -26.52 29.03 19.34
N ILE C 173 -27.85 28.92 19.29
CA ILE C 173 -28.52 27.70 19.75
C ILE C 173 -28.21 26.50 18.87
N MET C 174 -28.32 26.68 17.56
CA MET C 174 -28.03 25.58 16.62
C MET C 174 -26.54 25.28 16.55
N MET C 175 -25.72 26.33 16.43
CA MET C 175 -24.28 26.17 16.23
C MET C 175 -23.53 25.66 17.45
N LEU C 176 -23.85 26.20 18.63
CA LEU C 176 -23.09 25.89 19.83
C LEU C 176 -23.76 24.85 20.73
N TYR C 177 -25.08 24.70 20.60
CA TYR C 177 -25.83 23.84 21.52
C TYR C 177 -26.40 22.56 20.89
N VAL C 178 -27.33 22.72 19.95
CA VAL C 178 -28.04 21.56 19.37
C VAL C 178 -27.12 20.60 18.62
N LEU C 179 -26.43 21.11 17.61
CA LEU C 179 -25.57 20.28 16.75
C LEU C 179 -24.44 19.51 17.48
N PRO C 180 -23.70 20.17 18.39
CA PRO C 180 -22.68 19.41 19.12
C PRO C 180 -23.29 18.29 19.96
N ILE C 181 -24.38 18.61 20.67
CA ILE C 181 -25.08 17.63 21.48
C ILE C 181 -25.61 16.46 20.64
N MET C 182 -26.26 16.79 19.53
CA MET C 182 -26.86 15.77 18.67
C MET C 182 -25.87 15.18 17.66
N GLY C 183 -24.67 15.74 17.61
CA GLY C 183 -23.63 15.23 16.73
C GLY C 183 -23.02 13.94 17.23
N GLY C 184 -22.11 13.36 16.45
CA GLY C 184 -21.54 12.06 16.78
C GLY C 184 -20.56 12.04 17.93
N GLY C 185 -20.69 12.97 18.87
CA GLY C 185 -19.83 12.99 20.03
C GLY C 185 -18.58 13.85 19.88
N ASN C 186 -17.44 13.29 20.26
CA ASN C 186 -16.18 14.05 20.27
C ASN C 186 -15.41 13.98 18.95
N GLY C 187 -14.71 12.87 18.72
CA GLY C 187 -13.86 12.72 17.55
C GLY C 187 -14.58 12.89 16.22
N ALA C 188 -15.75 12.27 16.09
CA ALA C 188 -16.52 12.34 14.85
C ALA C 188 -17.68 13.30 14.99
N GLY C 189 -17.60 14.19 15.98
CA GLY C 189 -18.65 15.17 16.21
C GLY C 189 -18.12 16.58 16.38
N ALA C 190 -17.69 16.91 17.60
CA ALA C 190 -17.19 18.24 17.91
C ALA C 190 -15.96 18.62 17.08
N VAL C 191 -15.12 17.63 16.77
CA VAL C 191 -13.91 17.87 15.98
C VAL C 191 -14.18 18.26 14.52
N PRO C 192 -15.00 17.48 13.79
CA PRO C 192 -15.31 17.95 12.42
C PRO C 192 -16.21 19.18 12.46
N LEU C 193 -17.03 19.31 13.51
CA LEU C 193 -17.83 20.50 13.71
C LEU C 193 -16.93 21.72 13.87
N SER C 194 -15.84 21.56 14.61
CA SER C 194 -14.87 22.62 14.84
C SER C 194 -14.23 23.06 13.52
N GLU C 195 -14.04 22.10 12.62
CA GLU C 195 -13.49 22.38 11.29
C GLU C 195 -14.39 23.30 10.49
N ILE C 196 -15.62 22.84 10.24
CA ILE C 196 -16.60 23.58 9.45
C ILE C 196 -16.79 25.00 9.95
N TYR C 197 -16.84 25.16 11.27
CA TYR C 197 -16.91 26.47 11.89
C TYR C 197 -15.74 27.33 11.46
N HIS C 198 -14.53 26.83 11.67
CA HIS C 198 -13.31 27.51 11.24
C HIS C 198 -13.24 27.66 9.72
N SER C 199 -13.69 26.64 9.00
CA SER C 199 -13.60 26.62 7.54
C SER C 199 -14.65 27.52 6.87
N VAL C 200 -15.45 28.21 7.70
CA VAL C 200 -16.46 29.12 7.19
C VAL C 200 -16.41 30.47 7.89
N THR C 201 -16.53 30.45 9.22
CA THR C 201 -16.48 31.66 10.02
C THR C 201 -15.07 32.25 10.02
N GLY C 202 -14.07 31.38 10.00
CA GLY C 202 -12.68 31.82 9.97
C GLY C 202 -12.10 31.98 11.36
N ARG C 203 -12.94 31.79 12.37
CA ARG C 203 -12.49 31.88 13.76
C ARG C 203 -11.64 30.68 14.13
N SER C 204 -11.13 30.68 15.36
CA SER C 204 -10.27 29.62 15.86
C SER C 204 -11.07 28.33 16.13
N ARG C 205 -10.43 27.19 15.89
CA ARG C 205 -11.07 25.91 16.14
C ARG C 205 -11.26 25.68 17.63
N GLU C 206 -10.34 26.20 18.43
CA GLU C 206 -10.35 25.98 19.87
C GLU C 206 -11.55 26.65 20.55
N GLU C 207 -11.93 27.82 20.06
CA GLU C 207 -13.05 28.56 20.64
C GLU C 207 -14.38 27.82 20.43
N TYR C 208 -14.46 27.03 19.37
CA TYR C 208 -15.66 26.24 19.11
C TYR C 208 -15.58 24.91 19.84
N TYR C 209 -14.46 24.22 19.68
CA TYR C 209 -14.28 22.90 20.27
C TYR C 209 -14.40 22.91 21.79
N SER C 210 -13.79 23.90 22.43
CA SER C 210 -13.82 24.02 23.89
C SER C 210 -15.25 24.21 24.41
N THR C 211 -16.04 25.01 23.69
CA THR C 211 -17.44 25.23 24.05
C THR C 211 -18.28 23.99 23.75
N ALA C 212 -18.08 23.42 22.57
CA ALA C 212 -18.83 22.25 22.14
C ALA C 212 -18.58 21.03 23.03
N ILE C 213 -17.31 20.75 23.31
CA ILE C 213 -16.96 19.58 24.13
C ILE C 213 -17.52 19.70 25.55
N ALA C 214 -17.66 20.93 26.04
CA ALA C 214 -18.15 21.15 27.39
C ALA C 214 -19.67 21.04 27.44
N ILE C 215 -20.33 21.48 26.38
CA ILE C 215 -21.79 21.45 26.31
C ILE C 215 -22.32 20.02 26.11
N LEU C 216 -21.78 19.31 25.12
CA LEU C 216 -22.22 17.95 24.83
C LEU C 216 -21.91 16.98 25.96
N THR C 217 -20.86 17.27 26.72
CA THR C 217 -20.47 16.43 27.85
C THR C 217 -21.48 16.54 28.98
N ILE C 218 -22.02 17.74 29.18
CA ILE C 218 -23.08 17.97 30.16
C ILE C 218 -24.35 17.23 29.72
N ALA C 219 -24.68 17.36 28.44
CA ALA C 219 -25.83 16.68 27.87
C ALA C 219 -25.67 15.16 27.97
N ASN C 220 -24.44 14.70 27.85
CA ASN C 220 -24.14 13.28 27.98
C ASN C 220 -24.53 12.76 29.36
N ILE C 221 -24.22 13.54 30.39
CA ILE C 221 -24.59 13.19 31.75
C ILE C 221 -26.12 13.09 31.90
N PHE C 222 -26.82 14.06 31.34
CA PHE C 222 -28.28 14.06 31.38
C PHE C 222 -28.87 12.88 30.61
N ALA C 223 -28.27 12.55 29.47
CA ALA C 223 -28.69 11.41 28.68
C ALA C 223 -28.55 10.11 29.46
N ILE C 224 -27.55 10.07 30.34
CA ILE C 224 -27.32 8.91 31.20
C ILE C 224 -28.38 8.83 32.31
N ILE C 225 -28.68 9.97 32.93
CA ILE C 225 -29.71 10.04 33.95
C ILE C 225 -31.08 9.69 33.36
N PHE C 226 -31.39 10.32 32.23
CA PHE C 226 -32.69 10.13 31.59
C PHE C 226 -32.87 8.69 31.13
N ALA C 227 -31.78 8.02 30.80
CA ALA C 227 -31.83 6.61 30.40
C ALA C 227 -32.30 5.74 31.55
N ALA C 228 -31.75 5.99 32.74
CA ALA C 228 -32.16 5.28 33.93
C ALA C 228 -33.60 5.60 34.28
N LEU C 229 -34.01 6.85 34.01
CA LEU C 229 -35.37 7.29 34.27
C LEU C 229 -36.35 6.61 33.33
N LEU C 230 -36.03 6.59 32.04
CA LEU C 230 -36.88 5.95 31.03
C LEU C 230 -37.02 4.46 31.28
N ASP C 231 -36.01 3.86 31.91
CA ASP C 231 -36.09 2.45 32.30
C ASP C 231 -37.15 2.27 33.39
N MET C 232 -37.18 3.21 34.32
CA MET C 232 -38.18 3.19 35.39
C MET C 232 -39.59 3.46 34.86
N VAL C 233 -39.70 4.44 33.96
CA VAL C 233 -40.97 4.76 33.31
C VAL C 233 -41.53 3.54 32.57
N GLY C 234 -40.64 2.76 31.97
CA GLY C 234 -41.04 1.58 31.21
C GLY C 234 -41.50 0.43 32.07
N LYS C 235 -41.14 0.44 33.35
CA LYS C 235 -41.61 -0.57 34.30
C LYS C 235 -42.91 -0.10 34.93
N LYS C 236 -43.08 1.21 35.01
CA LYS C 236 -44.30 1.81 35.56
C LYS C 236 -45.41 1.76 34.52
N TYR C 237 -45.06 2.09 33.28
CA TYR C 237 -46.00 2.00 32.17
C TYR C 237 -45.52 0.94 31.17
N THR C 238 -45.69 -0.32 31.56
CA THR C 238 -45.31 -1.49 30.77
C THR C 238 -45.64 -1.39 29.28
N TRP C 239 -46.81 -0.81 28.99
CA TRP C 239 -47.28 -0.66 27.61
C TRP C 239 -46.31 0.10 26.70
N LEU C 240 -45.43 0.90 27.29
CA LEU C 240 -44.51 1.72 26.53
C LEU C 240 -43.17 1.04 26.28
N SER C 241 -42.88 0.01 27.06
CA SER C 241 -41.57 -0.65 27.00
C SER C 241 -41.56 -1.92 26.16
N GLY C 242 -40.47 -2.12 25.42
CA GLY C 242 -40.26 -3.37 24.70
C GLY C 242 -39.50 -4.33 25.58
N GLU C 243 -39.24 -3.89 26.82
CA GLU C 243 -38.45 -4.65 27.78
C GLU C 243 -37.12 -5.11 27.17
N GLY C 244 -36.47 -4.19 26.47
CA GLY C 244 -35.23 -4.51 25.77
C GLY C 244 -35.37 -4.44 24.27
N GLU C 245 -36.54 -4.82 23.77
CA GLU C 245 -36.78 -4.86 22.32
C GLU C 245 -37.23 -3.52 21.76
N LEU C 246 -36.85 -3.25 20.51
CA LEU C 246 -37.23 -2.02 19.83
C LEU C 246 -38.28 -2.28 18.75
N VAL C 247 -38.23 -3.48 18.17
CA VAL C 247 -39.12 -3.84 17.07
C VAL C 247 -40.21 -4.81 17.51
N ARG C 248 -41.44 -4.56 17.06
CA ARG C 248 -42.60 -5.40 17.40
C ARG C 248 -42.41 -6.86 17.02
N LYS C 249 -42.46 -7.74 18.03
CA LYS C 249 -42.37 -9.19 17.83
C LYS C 249 -41.19 -9.59 16.96
N ALA C 250 -39.99 -9.34 17.48
CA ALA C 250 -38.77 -9.55 16.70
C ALA C 250 -37.68 -10.21 17.53
N SER C 251 -37.48 -11.51 17.32
CA SER C 251 -36.45 -12.28 18.04
C SER C 251 -36.55 -12.15 19.55
N ASP C 257 -32.07 -21.07 10.05
CA ASP C 257 -31.18 -21.92 10.84
C ASP C 257 -31.25 -21.57 12.32
N GLU C 258 -31.96 -22.38 13.09
CA GLU C 258 -32.12 -22.15 14.52
C GLU C 258 -31.23 -23.11 15.32
N LYS C 259 -30.83 -24.19 14.66
CA LYS C 259 -30.13 -25.30 15.32
C LYS C 259 -28.94 -24.90 16.19
N ALA C 260 -29.25 -24.49 17.42
CA ALA C 260 -28.22 -24.22 18.41
C ALA C 260 -27.49 -25.52 18.72
N GLY C 261 -26.45 -25.81 17.96
CA GLY C 261 -25.66 -27.01 18.17
C GLY C 261 -24.79 -26.88 19.40
N GLN C 262 -23.91 -27.85 19.62
CA GLN C 262 -22.96 -27.76 20.72
C GLN C 262 -22.05 -26.57 20.49
N ILE C 263 -21.70 -25.86 21.55
CA ILE C 263 -20.86 -24.68 21.42
C ILE C 263 -19.53 -24.81 22.19
N THR C 264 -18.42 -24.73 21.46
CA THR C 264 -17.10 -24.82 22.06
C THR C 264 -16.48 -23.44 22.25
N HIS C 265 -15.32 -23.41 22.89
CA HIS C 265 -14.53 -22.18 23.00
C HIS C 265 -14.18 -21.68 21.60
N ARG C 266 -14.01 -22.63 20.68
CA ARG C 266 -13.63 -22.34 19.30
C ARG C 266 -14.61 -21.39 18.61
N GLU C 267 -15.91 -21.66 18.80
CA GLU C 267 -16.94 -20.85 18.16
C GLU C 267 -17.00 -19.46 18.79
N THR C 268 -16.64 -19.38 20.07
CA THR C 268 -16.54 -18.10 20.77
C THR C 268 -15.33 -17.35 20.23
N ALA C 269 -14.26 -18.09 19.94
CA ALA C 269 -13.05 -17.50 19.38
C ALA C 269 -13.28 -16.97 17.97
N VAL C 270 -14.07 -17.69 17.18
CA VAL C 270 -14.46 -17.25 15.85
C VAL C 270 -15.22 -15.93 15.93
N GLY C 271 -16.01 -15.79 16.99
CA GLY C 271 -16.72 -14.54 17.25
C GLY C 271 -15.78 -13.36 17.37
N MET C 272 -14.64 -13.57 18.03
CA MET C 272 -13.64 -12.53 18.13
C MET C 272 -12.91 -12.34 16.80
N VAL C 273 -12.72 -13.44 16.08
CA VAL C 273 -12.15 -13.36 14.73
C VAL C 273 -13.05 -12.50 13.85
N LEU C 274 -14.35 -12.79 13.89
CA LEU C 274 -15.33 -12.06 13.08
C LEU C 274 -15.48 -10.60 13.52
N SER C 275 -15.41 -10.35 14.82
CA SER C 275 -15.54 -9.00 15.35
C SER C 275 -14.39 -8.11 14.87
N THR C 276 -13.17 -8.61 15.00
CA THR C 276 -11.99 -7.86 14.60
C THR C 276 -11.82 -7.78 13.09
N THR C 277 -12.16 -8.85 12.39
CA THR C 277 -12.06 -8.89 10.93
C THR C 277 -13.10 -7.99 10.26
N CYS C 278 -14.34 -8.03 10.76
CA CYS C 278 -15.40 -7.17 10.23
C CYS C 278 -15.11 -5.69 10.50
N PHE C 279 -14.39 -5.40 11.59
CA PHE C 279 -13.97 -4.04 11.85
C PHE C 279 -12.88 -3.63 10.86
N LEU C 280 -11.93 -4.54 10.64
CA LEU C 280 -10.82 -4.29 9.73
C LEU C 280 -11.32 -3.95 8.32
N LEU C 281 -12.30 -4.70 7.84
CA LEU C 281 -12.87 -4.45 6.52
C LEU C 281 -13.56 -3.08 6.48
N ALA C 282 -14.30 -2.77 7.53
CA ALA C 282 -14.97 -1.48 7.64
C ALA C 282 -13.96 -0.34 7.70
N TYR C 283 -12.84 -0.57 8.37
CA TYR C 283 -11.79 0.42 8.47
C TYR C 283 -11.20 0.72 7.10
N VAL C 284 -10.88 -0.34 6.36
CA VAL C 284 -10.33 -0.22 5.01
C VAL C 284 -11.28 0.52 4.07
N VAL C 285 -12.54 0.11 4.07
CA VAL C 285 -13.56 0.71 3.23
C VAL C 285 -13.75 2.20 3.53
N ALA C 286 -13.78 2.54 4.81
CA ALA C 286 -14.04 3.92 5.23
C ALA C 286 -12.85 4.85 5.03
N LYS C 287 -11.64 4.31 5.11
CA LYS C 287 -10.42 5.13 5.04
C LYS C 287 -9.82 5.19 3.64
N LYS C 288 -10.18 4.23 2.79
CA LYS C 288 -9.52 4.08 1.48
C LYS C 288 -10.49 3.95 0.30
N ILE C 289 -11.63 3.32 0.54
CA ILE C 289 -12.53 2.95 -0.56
C ILE C 289 -13.78 3.83 -0.64
N LEU C 290 -14.56 3.89 0.43
CA LEU C 290 -15.78 4.70 0.45
C LEU C 290 -15.88 5.58 1.69
N PRO C 291 -15.12 6.67 1.71
CA PRO C 291 -15.12 7.60 2.85
C PRO C 291 -16.43 8.37 2.98
N SER C 292 -17.07 8.66 1.86
CA SER C 292 -18.31 9.43 1.86
C SER C 292 -19.29 9.03 0.74
N ILE C 293 -20.51 8.71 1.13
CA ILE C 293 -21.59 8.42 0.18
C ILE C 293 -22.56 9.60 0.13
N GLY C 294 -22.80 10.12 -1.07
CA GLY C 294 -23.55 11.36 -1.21
C GLY C 294 -22.70 12.49 -0.67
N GLY C 295 -23.30 13.35 0.16
CA GLY C 295 -22.54 14.37 0.86
C GLY C 295 -22.18 13.87 2.24
N VAL C 296 -22.78 12.75 2.63
CA VAL C 296 -22.64 12.22 3.98
C VAL C 296 -21.40 11.35 4.12
N SER C 297 -20.67 11.52 5.22
CA SER C 297 -19.50 10.70 5.51
C SER C 297 -19.92 9.47 6.31
N ILE C 298 -19.27 8.33 6.05
CA ILE C 298 -19.58 7.11 6.77
C ILE C 298 -18.45 6.68 7.70
N HIS C 299 -18.67 6.85 9.00
CA HIS C 299 -17.75 6.39 10.03
C HIS C 299 -17.51 4.90 9.87
N TYR C 300 -16.35 4.41 10.30
CA TYR C 300 -16.04 2.99 10.13
C TYR C 300 -16.96 2.06 10.90
N PHE C 301 -17.53 2.57 12.00
CA PHE C 301 -18.49 1.79 12.77
C PHE C 301 -19.85 1.74 12.09
N ALA C 302 -20.13 2.71 11.25
CA ALA C 302 -21.35 2.68 10.43
C ALA C 302 -21.18 1.64 9.32
N TRP C 303 -19.97 1.58 8.76
CA TRP C 303 -19.65 0.58 7.76
C TRP C 303 -19.62 -0.82 8.35
N MET C 304 -19.20 -0.94 9.60
CA MET C 304 -19.11 -2.24 10.25
C MET C 304 -20.50 -2.85 10.48
N VAL C 305 -21.46 -2.00 10.84
CA VAL C 305 -22.85 -2.43 11.02
C VAL C 305 -23.40 -3.03 9.73
N LEU C 306 -23.13 -2.37 8.61
CA LEU C 306 -23.57 -2.83 7.30
C LEU C 306 -22.87 -4.13 6.90
N ILE C 307 -21.58 -4.21 7.20
CA ILE C 307 -20.79 -5.40 6.88
C ILE C 307 -21.25 -6.64 7.65
N VAL C 308 -21.45 -6.49 8.96
CA VAL C 308 -21.93 -7.59 9.78
C VAL C 308 -23.33 -8.02 9.33
N ALA C 309 -24.15 -7.05 8.96
CA ALA C 309 -25.48 -7.33 8.42
C ALA C 309 -25.37 -8.14 7.13
N ALA C 310 -24.45 -7.76 6.27
CA ALA C 310 -24.21 -8.47 5.03
C ALA C 310 -23.67 -9.87 5.29
N LEU C 311 -22.85 -9.99 6.33
CA LEU C 311 -22.31 -11.29 6.73
C LEU C 311 -23.41 -12.20 7.26
N ASN C 312 -24.39 -11.59 7.93
CA ASN C 312 -25.56 -12.31 8.41
C ASN C 312 -26.41 -12.79 7.23
N ALA C 313 -26.76 -11.86 6.35
CA ALA C 313 -27.59 -12.16 5.19
C ALA C 313 -26.94 -13.13 4.22
N SER C 314 -25.60 -13.15 4.20
CA SER C 314 -24.86 -14.00 3.28
C SER C 314 -25.11 -15.48 3.55
N GLY C 315 -25.20 -15.86 4.82
CA GLY C 315 -25.40 -17.24 5.19
C GLY C 315 -24.09 -17.95 5.43
N LEU C 316 -22.99 -17.19 5.43
CA LEU C 316 -21.65 -17.75 5.60
C LEU C 316 -21.38 -18.18 7.04
N CYS C 317 -22.14 -17.62 7.98
CA CYS C 317 -21.95 -17.96 9.38
C CYS C 317 -22.94 -19.01 9.84
N SER C 318 -22.40 -20.14 10.33
CA SER C 318 -23.23 -21.19 10.90
C SER C 318 -23.88 -20.67 12.18
N PRO C 319 -25.01 -21.27 12.59
CA PRO C 319 -25.69 -20.82 13.80
C PRO C 319 -24.87 -21.08 15.07
N GLU C 320 -23.95 -22.03 15.02
CA GLU C 320 -23.05 -22.28 16.14
C GLU C 320 -22.00 -21.16 16.24
N ILE C 321 -21.64 -20.60 15.09
CA ILE C 321 -20.73 -19.47 15.04
C ILE C 321 -21.44 -18.18 15.45
N LYS C 322 -22.70 -18.04 15.04
CA LYS C 322 -23.52 -16.92 15.49
C LYS C 322 -23.73 -16.97 17.00
N ALA C 323 -23.89 -18.17 17.53
CA ALA C 323 -24.04 -18.36 18.97
C ALA C 323 -22.73 -18.02 19.69
N GLY C 324 -21.61 -18.30 19.04
CA GLY C 324 -20.31 -17.98 19.60
C GLY C 324 -20.08 -16.49 19.70
N ALA C 325 -20.56 -15.76 18.69
CA ALA C 325 -20.44 -14.31 18.68
C ALA C 325 -21.32 -13.66 19.75
N LYS C 326 -22.42 -14.32 20.08
CA LYS C 326 -23.33 -13.84 21.11
C LYS C 326 -22.74 -14.12 22.49
N ARG C 327 -22.13 -15.30 22.64
CA ARG C 327 -21.54 -15.71 23.90
C ARG C 327 -20.37 -14.82 24.29
N LEU C 328 -19.54 -14.44 23.32
CA LEU C 328 -18.44 -13.53 23.56
C LEU C 328 -18.96 -12.14 23.90
N SER C 329 -20.00 -11.73 23.19
CA SER C 329 -20.65 -10.44 23.44
C SER C 329 -21.26 -10.42 24.83
N ASP C 330 -21.65 -11.59 25.31
CA ASP C 330 -22.21 -11.73 26.65
C ASP C 330 -21.13 -11.68 27.71
N PHE C 331 -19.96 -12.22 27.41
CA PHE C 331 -18.84 -12.17 28.34
C PHE C 331 -18.40 -10.73 28.54
N PHE C 332 -18.31 -9.99 27.44
CA PHE C 332 -17.89 -8.59 27.49
C PHE C 332 -18.88 -7.71 28.25
N SER C 333 -20.14 -7.77 27.87
CA SER C 333 -21.16 -6.87 28.42
C SER C 333 -21.54 -7.17 29.88
N LYS C 334 -21.21 -8.37 30.35
CA LYS C 334 -21.54 -8.77 31.72
C LYS C 334 -20.33 -8.87 32.64
N GLN C 335 -19.14 -9.02 32.06
CA GLN C 335 -17.94 -9.23 32.87
C GLN C 335 -16.85 -8.18 32.67
N LEU C 336 -16.91 -7.47 31.55
CA LEU C 336 -15.91 -6.44 31.24
C LEU C 336 -16.53 -5.05 31.19
N LEU C 337 -17.83 -4.98 31.46
CA LEU C 337 -18.55 -3.70 31.45
C LEU C 337 -18.06 -2.77 32.55
N TRP C 338 -17.91 -3.30 33.76
CA TRP C 338 -17.45 -2.51 34.90
C TRP C 338 -16.00 -2.07 34.73
N VAL C 339 -15.20 -2.90 34.07
CA VAL C 339 -13.85 -2.53 33.71
C VAL C 339 -13.88 -1.33 32.76
N LEU C 340 -14.74 -1.43 31.75
CA LEU C 340 -14.85 -0.40 30.72
C LEU C 340 -15.29 0.94 31.29
N MET C 341 -16.25 0.92 32.22
CA MET C 341 -16.77 2.15 32.82
C MET C 341 -15.69 2.91 33.61
N VAL C 342 -14.73 2.17 34.17
CA VAL C 342 -13.59 2.80 34.82
C VAL C 342 -12.80 3.60 33.80
N GLY C 343 -12.55 2.98 32.65
CA GLY C 343 -11.79 3.60 31.58
C GLY C 343 -12.52 4.78 30.94
N VAL C 344 -13.82 4.66 30.80
CA VAL C 344 -14.63 5.71 30.20
C VAL C 344 -14.74 6.91 31.14
N GLY C 345 -14.79 6.64 32.43
CA GLY C 345 -14.83 7.69 33.44
C GLY C 345 -13.51 8.45 33.52
N VAL C 346 -12.42 7.74 33.25
CA VAL C 346 -11.09 8.35 33.29
C VAL C 346 -10.78 9.10 32.00
N CYS C 347 -11.11 8.49 30.87
CA CYS C 347 -10.64 9.00 29.58
C CYS C 347 -11.61 9.91 28.81
N TYR C 348 -12.91 9.80 29.09
CA TYR C 348 -13.90 10.52 28.27
C TYR C 348 -14.90 11.38 29.05
N THR C 349 -14.50 11.84 30.22
CA THR C 349 -15.38 12.72 31.01
C THR C 349 -14.78 14.10 31.18
N ASP C 350 -13.72 14.16 31.98
CA ASP C 350 -13.08 15.41 32.37
C ASP C 350 -14.06 16.33 33.10
N LEU C 351 -14.12 16.14 34.42
CA LEU C 351 -15.05 16.89 35.26
C LEU C 351 -14.81 18.40 35.22
N GLN C 352 -13.55 18.79 35.04
CA GLN C 352 -13.20 20.21 35.06
C GLN C 352 -13.82 20.99 33.90
N GLU C 353 -13.73 20.43 32.69
CA GLU C 353 -14.28 21.07 31.51
C GLU C 353 -15.80 21.24 31.62
N ILE C 354 -16.43 20.37 32.40
CA ILE C 354 -17.85 20.48 32.69
C ILE C 354 -18.11 21.65 33.63
N ILE C 355 -17.34 21.72 34.71
CA ILE C 355 -17.52 22.75 35.73
C ILE C 355 -17.19 24.15 35.20
N ASP C 356 -16.16 24.25 34.36
CA ASP C 356 -15.79 25.52 33.74
C ASP C 356 -16.89 26.05 32.82
N ALA C 357 -17.86 25.20 32.51
CA ALA C 357 -18.99 25.60 31.68
C ALA C 357 -20.31 25.38 32.41
N LEU C 358 -20.23 24.91 33.65
CA LEU C 358 -21.42 24.58 34.42
C LEU C 358 -22.20 25.83 34.84
N THR C 359 -22.68 26.57 33.84
CA THR C 359 -23.57 27.71 34.07
C THR C 359 -24.99 27.20 34.01
N PHE C 360 -25.79 27.49 35.03
CA PHE C 360 -27.16 26.99 35.09
C PHE C 360 -28.07 27.54 33.99
N ALA C 361 -27.47 28.28 33.05
CA ALA C 361 -28.09 28.58 31.78
C ALA C 361 -27.77 27.43 30.82
N ASN C 362 -26.49 27.09 30.73
CA ASN C 362 -26.03 25.97 29.90
C ASN C 362 -26.66 24.63 30.29
N VAL C 363 -26.71 24.36 31.59
CA VAL C 363 -27.30 23.14 32.12
C VAL C 363 -28.74 22.96 31.65
N VAL C 364 -29.51 24.04 31.72
CA VAL C 364 -30.92 24.02 31.35
C VAL C 364 -31.15 23.85 29.84
N ILE C 365 -30.44 24.64 29.03
CA ILE C 365 -30.53 24.52 27.58
C ILE C 365 -30.22 23.10 27.14
N ALA C 366 -29.07 22.59 27.59
CA ALA C 366 -28.62 21.24 27.25
C ALA C 366 -29.64 20.17 27.64
N ALA C 367 -30.06 20.19 28.91
CA ALA C 367 -31.01 19.20 29.43
C ALA C 367 -32.34 19.20 28.67
N ILE C 368 -32.83 20.39 28.33
CA ILE C 368 -34.06 20.52 27.57
C ILE C 368 -33.90 19.95 26.15
N ILE C 369 -32.76 20.22 25.52
CA ILE C 369 -32.47 19.71 24.19
C ILE C 369 -32.46 18.18 24.16
N VAL C 370 -31.89 17.58 25.21
CA VAL C 370 -31.91 16.13 25.36
C VAL C 370 -33.33 15.61 25.49
N VAL C 371 -34.14 16.29 26.29
CA VAL C 371 -35.56 15.98 26.41
C VAL C 371 -36.25 16.09 25.04
N GLY C 372 -35.86 17.11 24.28
CA GLY C 372 -36.40 17.31 22.94
C GLY C 372 -36.12 16.15 22.02
N ALA C 373 -34.94 15.56 22.15
CA ALA C 373 -34.57 14.39 21.36
C ALA C 373 -35.37 13.16 21.82
N VAL C 374 -35.57 13.06 23.14
CA VAL C 374 -36.36 11.97 23.71
C VAL C 374 -37.80 12.01 23.20
N VAL C 375 -38.42 13.18 23.27
CA VAL C 375 -39.80 13.35 22.83
C VAL C 375 -39.96 13.09 21.32
N GLY C 376 -39.10 13.71 20.53
CA GLY C 376 -39.15 13.56 19.08
C GLY C 376 -38.96 12.13 18.63
N ALA C 377 -38.00 11.43 19.22
CA ALA C 377 -37.71 10.05 18.85
C ALA C 377 -38.80 9.11 19.37
N ALA C 378 -39.41 9.47 20.49
CA ALA C 378 -40.54 8.69 21.00
C ALA C 378 -41.72 8.80 20.03
N ILE C 379 -42.02 10.03 19.61
CA ILE C 379 -43.08 10.29 18.64
C ILE C 379 -42.79 9.59 17.31
N GLY C 380 -41.56 9.74 16.82
CA GLY C 380 -41.16 9.15 15.56
C GLY C 380 -41.34 7.64 15.51
N GLY C 381 -40.65 6.93 16.39
CA GLY C 381 -40.73 5.48 16.43
C GLY C 381 -42.12 4.94 16.69
N TRP C 382 -42.90 5.66 17.49
CA TRP C 382 -44.28 5.29 17.78
C TRP C 382 -45.11 5.35 16.51
N LEU C 383 -44.87 6.36 15.68
CA LEU C 383 -45.49 6.46 14.37
C LEU C 383 -44.99 5.34 13.46
N ILE C 384 -43.71 5.00 13.58
CA ILE C 384 -43.11 3.95 12.77
C ILE C 384 -43.65 2.58 13.15
N GLY C 385 -43.78 2.33 14.45
CA GLY C 385 -44.22 1.03 14.94
C GLY C 385 -43.24 0.46 15.94
N PHE C 386 -42.29 1.29 16.37
CA PHE C 386 -41.32 0.90 17.38
C PHE C 386 -41.86 1.19 18.77
N TYR C 387 -41.33 0.49 19.78
CA TYR C 387 -41.67 0.78 21.16
C TYR C 387 -41.17 2.16 21.55
N PRO C 388 -42.07 2.99 22.12
CA PRO C 388 -41.79 4.38 22.53
C PRO C 388 -40.59 4.55 23.45
N ILE C 389 -40.38 3.62 24.38
CA ILE C 389 -39.27 3.73 25.33
C ILE C 389 -37.91 3.51 24.68
N GLU C 390 -37.80 2.43 23.89
CA GLU C 390 -36.53 2.10 23.23
C GLU C 390 -36.24 3.02 22.05
N SER C 391 -37.26 3.71 21.55
CA SER C 391 -37.09 4.66 20.46
C SER C 391 -36.40 5.93 20.95
N SER C 392 -36.78 6.40 22.13
CA SER C 392 -36.22 7.61 22.70
C SER C 392 -34.83 7.40 23.28
N ILE C 393 -34.49 6.14 23.57
CA ILE C 393 -33.18 5.81 24.12
C ILE C 393 -32.13 5.67 23.02
N THR C 394 -32.51 5.00 21.94
CA THR C 394 -31.60 4.75 20.83
C THR C 394 -31.50 5.94 19.86
N ALA C 395 -32.64 6.39 19.35
CA ALA C 395 -32.66 7.47 18.37
C ALA C 395 -32.79 8.84 19.01
N GLY C 396 -32.75 8.88 20.34
CA GLY C 396 -32.84 10.14 21.07
C GLY C 396 -31.65 10.35 22.00
N LEU C 397 -31.56 9.52 23.02
CA LEU C 397 -30.46 9.62 23.99
C LEU C 397 -29.12 9.22 23.40
N CYS C 398 -29.13 8.20 22.53
CA CYS C 398 -27.90 7.72 21.91
C CYS C 398 -27.50 8.55 20.69
N MET C 399 -28.14 9.71 20.55
CA MET C 399 -27.71 10.73 19.60
C MET C 399 -27.20 11.92 20.40
N ALA C 400 -27.89 12.22 21.50
CA ALA C 400 -27.57 13.37 22.34
C ALA C 400 -26.46 13.08 23.35
N ASN C 401 -26.03 11.82 23.41
CA ASN C 401 -24.86 11.45 24.20
C ASN C 401 -23.60 11.66 23.36
N ARG C 402 -22.42 11.35 23.89
CA ARG C 402 -21.22 11.51 23.06
C ARG C 402 -20.59 10.22 22.53
N GLY C 403 -20.91 9.91 21.27
CA GLY C 403 -20.32 8.78 20.58
C GLY C 403 -20.53 7.43 21.24
N GLY C 404 -19.59 6.52 21.00
CA GLY C 404 -19.66 5.17 21.52
C GLY C 404 -19.49 5.08 23.02
N SER C 405 -18.67 5.96 23.58
CA SER C 405 -18.48 5.99 25.03
C SER C 405 -19.79 6.36 25.70
N GLY C 406 -20.51 7.31 25.09
CA GLY C 406 -21.82 7.70 25.59
C GLY C 406 -22.86 6.62 25.37
N ASP C 407 -22.74 5.90 24.25
CA ASP C 407 -23.67 4.82 23.94
C ASP C 407 -23.60 3.73 25.01
N LEU C 408 -22.39 3.46 25.48
CA LEU C 408 -22.16 2.41 26.46
C LEU C 408 -22.57 2.86 27.87
N GLU C 409 -22.49 4.16 28.12
CA GLU C 409 -22.94 4.72 29.39
C GLU C 409 -24.47 4.65 29.48
N VAL C 410 -25.13 5.16 28.44
CA VAL C 410 -26.59 5.20 28.38
C VAL C 410 -27.22 3.81 28.41
N LEU C 411 -26.78 2.93 27.52
CA LEU C 411 -27.36 1.60 27.40
C LEU C 411 -27.12 0.75 28.64
N SER C 412 -26.02 0.99 29.36
CA SER C 412 -25.75 0.28 30.60
C SER C 412 -26.62 0.85 31.72
N ALA C 413 -26.91 2.14 31.62
CA ALA C 413 -27.73 2.82 32.62
C ALA C 413 -29.18 2.38 32.53
N CYS C 414 -29.64 2.11 31.31
CA CYS C 414 -31.01 1.65 31.11
C CYS C 414 -31.04 0.13 30.88
N ASN C 415 -29.89 -0.51 31.04
CA ASN C 415 -29.77 -1.96 30.91
C ASN C 415 -30.29 -2.48 29.57
N ARG C 416 -29.85 -1.85 28.49
CA ARG C 416 -30.25 -2.26 27.14
C ARG C 416 -29.04 -2.31 26.20
N MET C 417 -28.02 -3.03 26.63
CA MET C 417 -26.77 -3.13 25.88
C MET C 417 -26.96 -3.84 24.54
N ASN C 418 -28.04 -4.61 24.44
CA ASN C 418 -28.37 -5.33 23.21
C ASN C 418 -28.69 -4.39 22.05
N LEU C 419 -29.06 -3.15 22.39
CA LEU C 419 -29.41 -2.15 21.40
C LEU C 419 -28.19 -1.36 20.92
N ILE C 420 -27.00 -1.91 21.15
CA ILE C 420 -25.75 -1.24 20.80
C ILE C 420 -25.63 -0.90 19.31
N SER C 421 -26.22 -1.74 18.47
CA SER C 421 -26.16 -1.55 17.03
C SER C 421 -26.95 -0.31 16.57
N TYR C 422 -28.16 -0.14 17.12
CA TYR C 422 -28.96 1.03 16.82
C TYR C 422 -28.30 2.29 17.35
N ALA C 423 -27.73 2.18 18.55
CA ALA C 423 -27.00 3.28 19.18
C ALA C 423 -25.83 3.72 18.31
N GLN C 424 -25.13 2.75 17.74
CA GLN C 424 -24.02 3.05 16.85
C GLN C 424 -24.50 3.67 15.53
N ILE C 425 -25.63 3.21 15.01
CA ILE C 425 -26.23 3.84 13.85
C ILE C 425 -26.60 5.28 14.16
N SER C 426 -27.03 5.51 15.39
CA SER C 426 -27.29 6.88 15.86
C SER C 426 -26.00 7.68 15.97
N SER C 427 -25.00 7.14 16.64
CA SER C 427 -23.73 7.83 16.84
C SER C 427 -22.98 8.10 15.55
N ARG C 428 -22.93 7.11 14.66
CA ARG C 428 -22.13 7.21 13.45
C ARG C 428 -22.92 7.81 12.29
N LEU C 429 -23.95 7.09 11.84
CA LEU C 429 -24.75 7.53 10.71
C LEU C 429 -25.55 8.79 11.03
N GLY C 430 -26.12 8.84 12.23
CA GLY C 430 -26.88 10.00 12.67
C GLY C 430 -25.99 11.21 12.89
N GLY C 431 -24.78 10.97 13.39
CA GLY C 431 -23.83 12.04 13.64
C GLY C 431 -23.31 12.63 12.34
N GLY C 432 -23.25 11.81 11.30
CA GLY C 432 -22.83 12.27 9.98
C GLY C 432 -23.91 13.13 9.34
N ILE C 433 -25.17 12.75 9.58
CA ILE C 433 -26.30 13.55 9.12
C ILE C 433 -26.25 14.93 9.76
N VAL C 434 -25.91 14.97 11.04
CA VAL C 434 -25.76 16.22 11.77
C VAL C 434 -24.70 17.11 11.11
N LEU C 435 -23.61 16.49 10.67
CA LEU C 435 -22.53 17.19 9.98
C LEU C 435 -23.04 17.93 8.74
N VAL C 436 -23.87 17.27 7.95
CA VAL C 436 -24.48 17.88 6.77
C VAL C 436 -25.31 19.10 7.15
N ILE C 437 -26.20 18.92 8.13
CA ILE C 437 -27.01 20.01 8.66
C ILE C 437 -26.10 21.13 9.18
N ALA C 438 -25.05 20.74 9.90
CA ALA C 438 -24.09 21.70 10.44
C ALA C 438 -23.43 22.55 9.36
N SER C 439 -23.07 21.91 8.25
CA SER C 439 -22.44 22.61 7.13
C SER C 439 -23.39 23.66 6.54
N ILE C 440 -24.68 23.37 6.56
CA ILE C 440 -25.69 24.29 6.04
C ILE C 440 -25.91 25.47 6.99
N VAL C 441 -26.23 25.17 8.24
CA VAL C 441 -26.49 26.18 9.26
C VAL C 441 -25.31 27.13 9.43
N PHE C 442 -24.09 26.60 9.30
CA PHE C 442 -22.89 27.41 9.44
C PHE C 442 -22.67 28.31 8.22
N SER C 443 -23.23 27.92 7.08
CA SER C 443 -23.04 28.66 5.84
C SER C 443 -23.95 29.88 5.71
N MET C 444 -25.26 29.62 5.71
CA MET C 444 -26.27 30.66 5.49
C MET C 444 -26.10 31.88 6.41
N MET C 445 -26.19 31.65 7.71
CA MET C 445 -26.03 32.74 8.67
C MET C 445 -24.71 32.62 9.43
N ALA D 15 -16.78 -32.27 -3.60
CA ALA D 15 -16.78 -30.86 -3.97
C ALA D 15 -17.45 -30.00 -2.89
N SER D 16 -18.68 -30.37 -2.54
CA SER D 16 -19.37 -29.76 -1.41
C SER D 16 -18.77 -30.29 -0.12
N ASP D 17 -18.00 -31.37 -0.26
CA ASP D 17 -17.27 -31.95 0.86
C ASP D 17 -16.12 -31.02 1.24
N LEU D 18 -15.64 -30.25 0.27
CA LEU D 18 -14.49 -29.38 0.47
C LEU D 18 -14.85 -28.13 1.29
N LEU D 19 -15.99 -27.52 0.98
CA LEU D 19 -16.40 -26.29 1.65
C LEU D 19 -16.82 -26.53 3.10
N ARG D 20 -16.81 -27.79 3.52
CA ARG D 20 -17.13 -28.15 4.89
C ARG D 20 -15.86 -28.11 5.74
N PHE D 21 -14.71 -28.08 5.08
CA PHE D 21 -13.42 -28.03 5.74
C PHE D 21 -13.29 -26.73 6.54
N LYS D 22 -12.69 -26.83 7.72
CA LYS D 22 -12.62 -25.67 8.62
C LYS D 22 -11.21 -25.11 8.80
N ILE D 23 -11.12 -23.79 8.79
CA ILE D 23 -9.89 -23.08 9.14
C ILE D 23 -10.14 -22.32 10.43
N PHE D 24 -9.59 -22.83 11.54
CA PHE D 24 -9.80 -22.27 12.87
C PHE D 24 -11.28 -22.06 13.17
N GLY D 25 -12.06 -23.13 13.01
CA GLY D 25 -13.48 -23.09 13.32
C GLY D 25 -14.33 -22.43 12.25
N MET D 26 -13.69 -21.85 11.24
CA MET D 26 -14.41 -21.20 10.15
C MET D 26 -14.49 -22.08 8.92
N PRO D 27 -15.71 -22.34 8.44
CA PRO D 27 -15.89 -23.04 7.16
C PRO D 27 -15.15 -22.30 6.06
N LEU D 28 -14.57 -23.04 5.12
CA LEU D 28 -13.73 -22.48 4.04
C LEU D 28 -14.25 -21.20 3.38
N PRO D 29 -15.56 -21.12 3.08
CA PRO D 29 -16.04 -19.86 2.48
C PRO D 29 -16.02 -18.70 3.48
N LEU D 30 -16.28 -18.98 4.75
CA LEU D 30 -16.26 -17.92 5.77
C LEU D 30 -14.84 -17.44 6.03
N TYR D 31 -13.86 -18.34 5.95
CA TYR D 31 -12.47 -17.94 6.12
C TYR D 31 -11.97 -17.11 4.95
N ALA D 32 -12.44 -17.45 3.75
CA ALA D 32 -12.08 -16.71 2.56
C ALA D 32 -12.45 -15.24 2.72
N PHE D 33 -13.63 -14.99 3.28
CA PHE D 33 -14.06 -13.64 3.61
C PHE D 33 -13.06 -12.95 4.53
N ALA D 34 -12.62 -13.67 5.56
CA ALA D 34 -11.65 -13.13 6.50
C ALA D 34 -10.29 -12.95 5.84
N LEU D 35 -9.94 -13.87 4.94
CA LEU D 35 -8.67 -13.79 4.22
C LEU D 35 -8.66 -12.63 3.22
N ILE D 36 -9.74 -12.48 2.47
CA ILE D 36 -9.89 -11.38 1.52
C ILE D 36 -9.80 -10.04 2.24
N THR D 37 -10.41 -9.97 3.41
CA THR D 37 -10.36 -8.76 4.25
C THR D 37 -8.92 -8.38 4.59
N LEU D 38 -8.12 -9.36 4.98
CA LEU D 38 -6.71 -9.11 5.32
C LEU D 38 -5.90 -8.69 4.10
N LEU D 39 -6.23 -9.28 2.95
CA LEU D 39 -5.54 -8.95 1.70
C LEU D 39 -5.84 -7.52 1.25
N LEU D 40 -7.10 -7.11 1.41
CA LEU D 40 -7.51 -5.75 1.09
C LEU D 40 -6.83 -4.73 1.99
N SER D 41 -6.74 -5.06 3.27
CA SER D 41 -6.04 -4.22 4.25
C SER D 41 -4.56 -4.12 3.91
N HIS D 42 -3.99 -5.22 3.42
CA HIS D 42 -2.58 -5.27 3.07
C HIS D 42 -2.25 -4.39 1.88
N PHE D 43 -3.06 -4.51 0.82
CA PHE D 43 -2.77 -3.82 -0.44
C PHE D 43 -3.20 -2.36 -0.45
N TYR D 44 -4.20 -2.01 0.35
CA TYR D 44 -4.55 -0.61 0.53
C TYR D 44 -3.69 0.01 1.63
N ASN D 45 -2.89 -0.82 2.28
CA ASN D 45 -2.03 -0.40 3.39
C ASN D 45 -2.85 0.34 4.46
N ALA D 46 -3.89 -0.32 4.96
CA ALA D 46 -4.76 0.28 5.97
C ALA D 46 -5.09 -0.71 7.08
N ILE D 47 -4.61 -0.41 8.27
CA ILE D 47 -4.84 -1.27 9.43
C ILE D 47 -4.56 -0.52 10.74
N PRO D 48 -5.51 -0.58 11.68
CA PRO D 48 -5.30 0.06 12.99
C PRO D 48 -4.22 -0.68 13.75
N THR D 49 -3.24 0.06 14.27
CA THR D 49 -2.15 -0.55 15.02
C THR D 49 -2.51 -0.72 16.49
N ASP D 50 -3.74 -1.16 16.73
CA ASP D 50 -4.23 -1.41 18.08
C ASP D 50 -4.60 -2.88 18.24
N LEU D 51 -5.42 -3.19 19.23
CA LEU D 51 -5.82 -4.56 19.51
C LEU D 51 -6.73 -5.15 18.43
N VAL D 52 -7.52 -4.29 17.79
CA VAL D 52 -8.48 -4.78 16.79
C VAL D 52 -7.80 -5.18 15.48
N GLY D 53 -6.94 -4.31 14.96
CA GLY D 53 -6.22 -4.61 13.73
C GLY D 53 -5.18 -5.71 13.93
N GLY D 54 -4.52 -5.69 15.08
CA GLY D 54 -3.53 -6.70 15.41
C GLY D 54 -4.12 -8.09 15.52
N PHE D 55 -5.16 -8.24 16.34
CA PHE D 55 -5.81 -9.53 16.53
C PHE D 55 -6.38 -10.07 15.23
N ALA D 56 -7.00 -9.20 14.45
CA ALA D 56 -7.54 -9.59 13.14
C ALA D 56 -6.46 -10.21 12.27
N LEU D 57 -5.32 -9.51 12.18
CA LEU D 57 -4.17 -10.00 11.43
C LEU D 57 -3.69 -11.31 12.00
N MET D 58 -3.47 -11.34 13.31
CA MET D 58 -2.89 -12.51 13.97
C MET D 58 -3.83 -13.72 14.00
N PHE D 59 -5.13 -13.45 14.05
CA PHE D 59 -6.13 -14.53 13.96
C PHE D 59 -6.10 -15.18 12.59
N VAL D 60 -6.28 -14.35 11.55
CA VAL D 60 -6.34 -14.84 10.17
C VAL D 60 -5.05 -15.52 9.73
N MET D 61 -3.92 -14.87 9.99
CA MET D 61 -2.62 -15.43 9.63
C MET D 61 -2.29 -16.69 10.42
N GLY D 62 -2.51 -16.64 11.73
CA GLY D 62 -2.27 -17.79 12.59
C GLY D 62 -3.16 -18.96 12.21
N ALA D 63 -4.38 -18.65 11.77
CA ALA D 63 -5.35 -19.68 11.39
C ALA D 63 -4.85 -20.56 10.25
N ILE D 64 -4.55 -19.95 9.12
CA ILE D 64 -4.15 -20.70 7.93
C ILE D 64 -2.85 -21.48 8.11
N PHE D 65 -1.86 -20.89 8.76
CA PHE D 65 -0.57 -21.53 8.94
C PHE D 65 -0.56 -22.50 10.11
N GLY D 66 -1.49 -22.32 11.04
CA GLY D 66 -1.71 -23.30 12.10
C GLY D 66 -2.30 -24.57 11.51
N GLU D 67 -3.26 -24.41 10.60
CA GLU D 67 -3.92 -25.54 9.98
C GLU D 67 -2.98 -26.28 9.03
N ILE D 68 -2.08 -25.55 8.38
CA ILE D 68 -1.07 -26.17 7.53
C ILE D 68 -0.05 -26.91 8.39
N GLY D 69 0.32 -26.31 9.52
CA GLY D 69 1.27 -26.90 10.43
C GLY D 69 0.81 -28.23 11.01
N LYS D 70 -0.50 -28.34 11.25
CA LYS D 70 -1.08 -29.57 11.79
C LYS D 70 -1.04 -30.73 10.78
N ARG D 71 -1.14 -30.40 9.50
CA ARG D 71 -1.29 -31.44 8.47
C ARG D 71 -0.03 -31.72 7.68
N LEU D 72 1.11 -31.28 8.19
CA LEU D 72 2.41 -31.70 7.66
C LEU D 72 2.97 -32.76 8.61
N PRO D 73 3.06 -34.02 8.11
CA PRO D 73 3.40 -35.22 8.89
C PRO D 73 4.59 -35.06 9.84
N ILE D 74 5.78 -34.78 9.31
CA ILE D 74 6.96 -34.61 10.16
C ILE D 74 6.82 -33.41 11.10
N PHE D 75 6.04 -32.41 10.69
CA PHE D 75 5.89 -31.19 11.47
C PHE D 75 5.05 -31.41 12.74
N ASN D 76 3.92 -32.11 12.59
CA ASN D 76 3.04 -32.33 13.73
C ASN D 76 3.62 -33.30 14.75
N LYS D 77 4.21 -34.39 14.27
CA LYS D 77 4.69 -35.45 15.15
C LYS D 77 6.06 -35.18 15.76
N TYR D 78 6.94 -34.52 15.01
CA TYR D 78 8.31 -34.32 15.45
C TYR D 78 8.62 -32.90 15.93
N ILE D 79 8.15 -31.90 15.18
CA ILE D 79 8.58 -30.52 15.40
C ILE D 79 7.72 -29.72 16.39
N GLY D 80 6.41 -29.89 16.34
CA GLY D 80 5.52 -29.18 17.25
C GLY D 80 4.24 -28.68 16.59
N GLY D 81 4.13 -28.91 15.30
CA GLY D 81 2.91 -28.63 14.57
C GLY D 81 2.57 -27.16 14.38
N ALA D 82 1.31 -26.83 14.65
CA ALA D 82 0.74 -25.50 14.38
C ALA D 82 1.54 -24.29 14.92
N PRO D 83 1.78 -24.23 16.25
CA PRO D 83 2.43 -23.02 16.77
C PRO D 83 3.83 -22.80 16.19
N VAL D 84 4.56 -23.88 15.94
CA VAL D 84 5.90 -23.77 15.38
C VAL D 84 5.88 -23.24 13.94
N MET D 85 5.00 -23.79 13.12
CA MET D 85 4.84 -23.34 11.73
C MET D 85 4.46 -21.86 11.68
N ILE D 86 3.65 -21.44 12.64
CA ILE D 86 3.18 -20.05 12.69
C ILE D 86 4.29 -19.04 12.97
N PHE D 87 5.10 -19.28 14.00
CA PHE D 87 6.18 -18.34 14.33
C PHE D 87 7.33 -18.37 13.32
N LEU D 88 7.51 -19.50 12.65
CA LEU D 88 8.50 -19.60 11.59
C LEU D 88 8.08 -18.80 10.36
N VAL D 89 6.82 -18.94 9.97
CA VAL D 89 6.29 -18.23 8.81
C VAL D 89 6.18 -16.72 9.07
N ALA D 90 5.76 -16.35 10.27
CA ALA D 90 5.66 -14.94 10.65
C ALA D 90 7.04 -14.29 10.68
N ALA D 91 8.05 -15.07 11.06
CA ALA D 91 9.42 -14.58 11.05
C ALA D 91 9.92 -14.43 9.62
N TYR D 92 9.50 -15.35 8.76
CA TYR D 92 9.89 -15.30 7.35
C TYR D 92 9.27 -14.09 6.65
N PHE D 93 8.05 -13.74 7.05
CA PHE D 93 7.36 -12.58 6.48
C PHE D 93 8.10 -11.29 6.80
N VAL D 94 8.79 -11.27 7.93
CA VAL D 94 9.59 -10.12 8.33
C VAL D 94 10.91 -10.11 7.57
N TYR D 95 11.54 -11.29 7.51
CA TYR D 95 12.81 -11.46 6.81
C TYR D 95 12.71 -11.16 5.32
N ALA D 96 11.58 -11.52 4.71
CA ALA D 96 11.41 -11.35 3.27
C ALA D 96 10.65 -10.07 2.93
N GLY D 97 10.36 -9.26 3.94
CA GLY D 97 9.65 -8.01 3.74
C GLY D 97 8.26 -8.20 3.16
N ILE D 98 7.59 -9.28 3.54
CA ILE D 98 6.23 -9.54 3.11
C ILE D 98 5.25 -8.70 3.94
N PHE D 99 5.48 -8.66 5.25
CA PHE D 99 4.74 -7.77 6.13
C PHE D 99 5.00 -6.33 5.75
N THR D 100 3.97 -5.49 5.83
CA THR D 100 4.16 -4.05 5.72
C THR D 100 4.65 -3.54 7.07
N GLN D 101 5.00 -2.26 7.13
CA GLN D 101 5.45 -1.66 8.39
C GLN D 101 4.32 -1.62 9.41
N LYS D 102 3.13 -1.24 8.95
CA LYS D 102 1.95 -1.15 9.81
C LYS D 102 1.59 -2.51 10.41
N GLU D 103 1.71 -3.55 9.61
CA GLU D 103 1.43 -4.91 10.07
C GLU D 103 2.38 -5.32 11.18
N ILE D 104 3.65 -4.97 11.03
CA ILE D 104 4.66 -5.24 12.05
C ILE D 104 4.38 -4.38 13.30
N ASP D 105 4.01 -3.12 13.08
CA ASP D 105 3.64 -2.24 14.17
C ASP D 105 2.44 -2.78 14.95
N ALA D 106 1.45 -3.29 14.23
CA ALA D 106 0.22 -3.80 14.85
C ALA D 106 0.49 -5.02 15.72
N ILE D 107 1.35 -5.92 15.23
CA ILE D 107 1.70 -7.12 15.98
C ILE D 107 2.54 -6.77 17.21
N SER D 108 3.53 -5.90 17.01
CA SER D 108 4.42 -5.48 18.08
C SER D 108 3.69 -4.72 19.18
N ASN D 109 2.77 -3.83 18.77
CA ASN D 109 1.97 -3.08 19.73
C ASN D 109 1.11 -3.98 20.60
N VAL D 110 0.53 -5.02 20.00
CA VAL D 110 -0.25 -6.00 20.75
C VAL D 110 0.64 -6.76 21.72
N MET D 111 1.77 -7.27 21.21
CA MET D 111 2.67 -8.10 22.01
C MET D 111 3.36 -7.35 23.15
N ASP D 112 3.88 -6.16 22.86
CA ASP D 112 4.74 -5.47 23.82
C ASP D 112 4.14 -4.17 24.36
N LYS D 113 3.62 -3.33 23.47
CA LYS D 113 3.04 -2.05 23.87
C LYS D 113 1.75 -2.22 24.67
N SER D 114 0.83 -3.04 24.16
CA SER D 114 -0.35 -3.42 24.92
C SER D 114 0.06 -4.49 25.93
N ASN D 115 1.17 -5.16 25.62
CA ASN D 115 1.69 -6.27 26.43
C ASN D 115 0.70 -7.41 26.61
N PHE D 116 0.16 -7.91 25.49
CA PHE D 116 -0.71 -9.06 25.49
C PHE D 116 0.08 -10.32 25.89
N LEU D 117 1.40 -10.26 25.74
CA LEU D 117 2.27 -11.36 26.12
C LEU D 117 2.27 -11.60 27.63
N ASN D 118 2.44 -10.52 28.38
CA ASN D 118 2.42 -10.61 29.83
C ASN D 118 1.08 -11.11 30.35
N LEU D 119 0.00 -10.59 29.76
CA LEU D 119 -1.35 -11.04 30.11
C LEU D 119 -1.50 -12.53 29.82
N PHE D 120 -1.06 -12.95 28.64
CA PHE D 120 -1.12 -14.35 28.24
C PHE D 120 -0.40 -15.24 29.25
N ILE D 121 0.85 -14.88 29.55
CA ILE D 121 1.65 -15.63 30.50
C ILE D 121 1.04 -15.57 31.90
N ALA D 122 0.53 -14.40 32.28
CA ALA D 122 -0.15 -14.23 33.56
C ALA D 122 -1.35 -15.16 33.69
N VAL D 123 -2.10 -15.33 32.61
CA VAL D 123 -3.27 -16.20 32.60
C VAL D 123 -2.87 -17.67 32.67
N LEU D 124 -1.88 -18.06 31.87
CA LEU D 124 -1.39 -19.43 31.84
C LEU D 124 -0.91 -19.89 33.22
N ILE D 125 -0.02 -19.11 33.83
CA ILE D 125 0.52 -19.41 35.15
C ILE D 125 -0.58 -19.55 36.20
N THR D 126 -1.48 -18.57 36.24
CA THR D 126 -2.59 -18.59 37.19
C THR D 126 -3.50 -19.80 36.97
N GLY D 127 -3.92 -20.00 35.73
CA GLY D 127 -4.83 -21.09 35.39
C GLY D 127 -4.24 -22.46 35.64
N ALA D 128 -2.94 -22.61 35.39
CA ALA D 128 -2.28 -23.90 35.54
C ALA D 128 -2.14 -24.33 37.00
N ILE D 129 -1.64 -23.42 37.83
CA ILE D 129 -1.37 -23.72 39.24
C ILE D 129 -2.65 -23.82 40.07
N LEU D 130 -3.60 -22.93 39.83
CA LEU D 130 -4.87 -22.96 40.55
C LEU D 130 -5.74 -24.15 40.14
N SER D 131 -5.48 -24.69 38.97
CA SER D 131 -6.21 -25.87 38.51
C SER D 131 -5.86 -27.10 39.34
N VAL D 132 -4.71 -27.04 40.01
CA VAL D 132 -4.23 -28.16 40.81
C VAL D 132 -5.01 -28.29 42.12
N ASN D 133 -5.47 -29.50 42.40
CA ASN D 133 -6.11 -29.82 43.68
C ASN D 133 -5.22 -29.42 44.85
N ARG D 134 -5.79 -28.67 45.79
CA ARG D 134 -5.04 -28.14 46.93
C ARG D 134 -4.33 -29.23 47.73
N LYS D 135 -5.04 -30.31 48.05
CA LYS D 135 -4.44 -31.41 48.80
C LYS D 135 -3.34 -32.10 48.02
N LEU D 136 -3.57 -32.30 46.72
CA LEU D 136 -2.57 -32.90 45.85
C LEU D 136 -1.36 -32.00 45.71
N LEU D 137 -1.59 -30.69 45.77
CA LEU D 137 -0.51 -29.70 45.71
C LEU D 137 0.45 -29.87 46.88
N LEU D 138 -0.11 -30.04 48.07
CA LEU D 138 0.68 -30.14 49.29
C LEU D 138 1.36 -31.50 49.42
N LYS D 139 0.68 -32.55 48.97
CA LYS D 139 1.25 -33.89 48.98
C LYS D 139 2.50 -33.95 48.09
N SER D 140 2.50 -33.14 47.04
CA SER D 140 3.59 -33.12 46.07
C SER D 140 4.90 -32.61 46.69
N LEU D 141 4.78 -31.75 47.69
CA LEU D 141 5.94 -31.14 48.32
C LEU D 141 6.75 -32.12 49.17
N LEU D 142 6.16 -33.27 49.46
CA LEU D 142 6.78 -34.26 50.33
C LEU D 142 7.50 -35.37 49.58
N GLY D 143 7.23 -35.49 48.28
CA GLY D 143 7.81 -36.56 47.48
C GLY D 143 7.95 -36.29 46.00
N TYR D 144 6.87 -35.91 45.34
CA TYR D 144 6.90 -35.77 43.88
C TYR D 144 7.68 -34.55 43.39
N ILE D 145 7.51 -33.41 44.07
CA ILE D 145 8.31 -32.22 43.75
C ILE D 145 9.81 -32.41 43.99
N PRO D 146 10.21 -33.01 45.14
CA PRO D 146 11.63 -33.32 45.28
C PRO D 146 12.15 -34.24 44.18
N THR D 147 11.32 -35.20 43.76
CA THR D 147 11.68 -36.11 42.68
C THR D 147 11.87 -35.35 41.37
N ILE D 148 11.11 -34.26 41.21
CA ILE D 148 11.25 -33.38 40.05
C ILE D 148 12.59 -32.65 40.11
N LEU D 149 12.92 -32.13 41.29
CA LEU D 149 14.17 -31.40 41.49
C LEU D 149 15.39 -32.26 41.21
N ALA D 150 15.32 -33.54 41.58
CA ALA D 150 16.40 -34.48 41.31
C ALA D 150 16.63 -34.66 39.82
N GLY D 151 15.55 -34.64 39.05
CA GLY D 151 15.63 -34.75 37.60
C GLY D 151 16.29 -33.55 36.97
N ILE D 152 16.05 -32.37 37.55
CA ILE D 152 16.69 -31.14 37.09
C ILE D 152 18.18 -31.16 37.40
N VAL D 153 18.51 -31.57 38.63
CA VAL D 153 19.90 -31.74 39.04
C VAL D 153 20.58 -32.76 38.13
N GLY D 154 19.88 -33.86 37.87
CA GLY D 154 20.38 -34.91 37.00
C GLY D 154 20.62 -34.40 35.59
N ALA D 155 19.67 -33.66 35.04
CA ALA D 155 19.80 -33.09 33.71
C ALA D 155 20.89 -32.02 33.68
N SER D 156 21.09 -31.36 34.81
CA SER D 156 22.11 -30.33 34.92
C SER D 156 23.51 -30.92 34.88
N LEU D 157 23.77 -31.88 35.76
CA LEU D 157 25.07 -32.55 35.84
C LEU D 157 25.47 -33.17 34.51
N PHE D 158 24.51 -33.81 33.85
CA PHE D 158 24.76 -34.46 32.57
C PHE D 158 24.95 -33.43 31.45
N GLY D 159 24.25 -32.30 31.56
CA GLY D 159 24.34 -31.25 30.57
C GLY D 159 25.66 -30.48 30.62
N ILE D 160 26.13 -30.23 31.84
CA ILE D 160 27.40 -29.56 32.04
C ILE D 160 28.55 -30.39 31.49
N VAL D 161 28.58 -31.67 31.86
CA VAL D 161 29.64 -32.58 31.42
C VAL D 161 29.74 -32.70 29.90
N ILE D 162 28.63 -33.04 29.25
CA ILE D 162 28.60 -33.16 27.79
C ILE D 162 28.88 -31.80 27.13
N GLY D 163 28.49 -30.73 27.81
CA GLY D 163 28.77 -29.39 27.32
C GLY D 163 30.26 -29.09 27.36
N LEU D 164 30.90 -29.50 28.45
CA LEU D 164 32.35 -29.32 28.60
C LEU D 164 33.12 -30.05 27.51
N CYS D 165 32.73 -31.31 27.26
CA CYS D 165 33.38 -32.14 26.26
C CYS D 165 33.27 -31.52 24.86
N PHE D 166 32.31 -30.62 24.68
CA PHE D 166 32.12 -29.96 23.40
C PHE D 166 32.68 -28.54 23.41
N GLY D 167 33.22 -28.12 24.55
CA GLY D 167 33.78 -26.78 24.67
C GLY D 167 32.72 -25.72 24.87
N ILE D 168 31.57 -26.13 25.40
CA ILE D 168 30.50 -25.21 25.74
C ILE D 168 30.58 -24.88 27.23
N PRO D 169 30.66 -23.58 27.56
CA PRO D 169 30.75 -23.15 28.96
C PRO D 169 29.52 -23.54 29.79
N VAL D 170 29.63 -23.43 31.11
CA VAL D 170 28.55 -23.84 32.01
C VAL D 170 27.34 -22.91 31.94
N ASP D 171 27.60 -21.61 31.86
CA ASP D 171 26.53 -20.61 31.85
C ASP D 171 25.64 -20.72 30.61
N ARG D 172 26.21 -21.14 29.48
CA ARG D 172 25.45 -21.29 28.25
C ARG D 172 24.63 -22.58 28.25
N ILE D 173 25.22 -23.64 28.80
CA ILE D 173 24.53 -24.93 28.93
C ILE D 173 23.28 -24.78 29.80
N MET D 174 23.42 -24.11 30.93
CA MET D 174 22.30 -23.90 31.84
C MET D 174 21.20 -23.05 31.23
N MET D 175 21.60 -21.95 30.59
CA MET D 175 20.64 -20.98 30.06
C MET D 175 19.93 -21.43 28.79
N LEU D 176 20.70 -21.88 27.80
CA LEU D 176 20.14 -22.17 26.47
C LEU D 176 19.71 -23.62 26.27
N TYR D 177 20.21 -24.53 27.10
CA TYR D 177 19.95 -25.95 26.92
C TYR D 177 19.08 -26.54 28.03
N VAL D 178 19.67 -26.73 29.20
CA VAL D 178 19.00 -27.40 30.31
C VAL D 178 17.67 -26.76 30.73
N LEU D 179 17.71 -25.48 31.08
CA LEU D 179 16.51 -24.79 31.55
C LEU D 179 15.34 -24.74 30.56
N PRO D 180 15.61 -24.47 29.26
CA PRO D 180 14.49 -24.58 28.32
C PRO D 180 13.95 -26.02 28.26
N ILE D 181 14.84 -27.00 28.09
CA ILE D 181 14.44 -28.41 28.01
C ILE D 181 13.55 -28.84 29.18
N MET D 182 13.89 -28.39 30.38
CA MET D 182 13.12 -28.76 31.57
C MET D 182 11.99 -27.76 31.83
N GLY D 183 11.91 -26.72 31.00
CA GLY D 183 10.84 -25.75 31.10
C GLY D 183 9.50 -26.30 30.67
N GLY D 184 8.45 -25.49 30.78
CA GLY D 184 7.11 -25.95 30.47
C GLY D 184 6.70 -25.88 29.01
N GLY D 185 7.66 -26.05 28.10
CA GLY D 185 7.37 -26.05 26.69
C GLY D 185 7.72 -24.76 25.96
N ASN D 186 6.93 -24.43 24.95
CA ASN D 186 7.14 -23.24 24.14
C ASN D 186 6.60 -21.98 24.83
N GLY D 187 5.29 -21.77 24.71
CA GLY D 187 4.66 -20.57 25.25
C GLY D 187 4.66 -20.49 26.78
N ALA D 188 4.87 -21.63 27.43
CA ALA D 188 4.87 -21.66 28.89
C ALA D 188 6.28 -21.88 29.42
N GLY D 189 7.25 -21.94 28.51
CA GLY D 189 8.63 -22.15 28.88
C GLY D 189 9.60 -21.22 28.17
N ALA D 190 9.92 -21.54 26.92
CA ALA D 190 10.89 -20.76 26.16
C ALA D 190 10.53 -19.27 26.05
N VAL D 191 9.24 -18.98 25.93
CA VAL D 191 8.79 -17.59 25.81
C VAL D 191 8.97 -16.78 27.11
N PRO D 192 8.47 -17.28 28.25
CA PRO D 192 8.75 -16.51 29.47
C PRO D 192 10.21 -16.58 29.90
N LEU D 193 10.93 -17.62 29.47
CA LEU D 193 12.34 -17.74 29.79
C LEU D 193 13.18 -16.70 29.04
N SER D 194 12.69 -16.28 27.88
CA SER D 194 13.35 -15.25 27.10
C SER D 194 13.25 -13.89 27.78
N GLU D 195 12.10 -13.63 28.38
CA GLU D 195 11.86 -12.38 29.08
C GLU D 195 12.71 -12.25 30.33
N ILE D 196 12.77 -13.33 31.12
CA ILE D 196 13.61 -13.38 32.31
C ILE D 196 15.08 -13.20 31.94
N TYR D 197 15.50 -13.93 30.91
CA TYR D 197 16.85 -13.80 30.37
C TYR D 197 17.15 -12.35 30.01
N HIS D 198 16.28 -11.74 29.23
CA HIS D 198 16.48 -10.35 28.81
C HIS D 198 16.47 -9.37 29.97
N SER D 199 15.71 -9.69 31.02
CA SER D 199 15.59 -8.81 32.17
C SER D 199 16.84 -8.85 33.05
N VAL D 200 17.45 -10.02 33.15
CA VAL D 200 18.64 -10.21 33.97
C VAL D 200 19.92 -9.94 33.18
N THR D 201 19.97 -10.44 31.95
CA THR D 201 21.14 -10.27 31.10
C THR D 201 21.17 -8.91 30.41
N GLY D 202 20.08 -8.54 29.76
CA GLY D 202 20.02 -7.30 29.01
C GLY D 202 20.18 -7.56 27.53
N ARG D 203 20.48 -8.80 27.17
CA ARG D 203 20.60 -9.19 25.77
C ARG D 203 19.22 -9.45 25.16
N SER D 204 19.18 -9.49 23.82
CA SER D 204 17.94 -9.71 23.10
C SER D 204 17.29 -11.02 23.49
N ARG D 205 15.96 -11.03 23.57
CA ARG D 205 15.24 -12.26 23.83
C ARG D 205 15.25 -13.14 22.59
N GLU D 206 15.46 -12.52 21.43
CA GLU D 206 15.48 -13.22 20.16
C GLU D 206 16.63 -14.22 20.07
N GLU D 207 17.74 -13.91 20.72
CA GLU D 207 18.90 -14.79 20.71
C GLU D 207 18.73 -15.94 21.70
N TYR D 208 17.94 -15.71 22.75
CA TYR D 208 17.65 -16.77 23.71
C TYR D 208 16.62 -17.72 23.14
N TYR D 209 15.47 -17.19 22.74
CA TYR D 209 14.35 -18.00 22.29
C TYR D 209 14.69 -18.89 21.10
N SER D 210 15.36 -18.31 20.11
CA SER D 210 15.65 -19.00 18.86
C SER D 210 16.49 -20.26 19.07
N THR D 211 17.42 -20.19 20.02
CA THR D 211 18.24 -21.35 20.37
C THR D 211 17.47 -22.30 21.27
N ALA D 212 16.79 -21.74 22.27
CA ALA D 212 16.04 -22.52 23.24
C ALA D 212 14.96 -23.40 22.60
N ILE D 213 14.24 -22.85 21.62
CA ILE D 213 13.13 -23.56 21.00
C ILE D 213 13.61 -24.73 20.12
N ALA D 214 14.80 -24.61 19.55
CA ALA D 214 15.38 -25.70 18.75
C ALA D 214 15.82 -26.86 19.64
N ILE D 215 16.52 -26.53 20.72
CA ILE D 215 16.97 -27.52 21.69
C ILE D 215 15.75 -28.19 22.35
N LEU D 216 14.72 -27.39 22.57
CA LEU D 216 13.44 -27.87 23.10
C LEU D 216 12.85 -28.98 22.24
N THR D 217 12.74 -28.68 20.95
CA THR D 217 12.13 -29.59 19.99
C THR D 217 12.90 -30.91 19.89
N ILE D 218 14.23 -30.82 19.82
CA ILE D 218 15.09 -32.00 19.75
C ILE D 218 14.91 -32.86 21.00
N ALA D 219 14.95 -32.23 22.17
CA ALA D 219 14.80 -32.94 23.44
C ALA D 219 13.46 -33.66 23.54
N ASN D 220 12.38 -32.99 23.12
CA ASN D 220 11.05 -33.57 23.17
C ASN D 220 10.95 -34.88 22.40
N ILE D 221 11.66 -34.95 21.27
CA ILE D 221 11.72 -36.16 20.47
C ILE D 221 12.36 -37.31 21.25
N PHE D 222 13.51 -37.02 21.88
CA PHE D 222 14.21 -38.02 22.68
C PHE D 222 13.42 -38.41 23.92
N ALA D 223 12.60 -37.49 24.44
CA ALA D 223 11.75 -37.79 25.57
C ALA D 223 10.69 -38.83 25.18
N ILE D 224 10.27 -38.79 23.92
CA ILE D 224 9.29 -39.74 23.39
C ILE D 224 9.95 -41.09 23.11
N ILE D 225 11.13 -41.05 22.48
CA ILE D 225 11.89 -42.26 22.16
C ILE D 225 12.29 -43.01 23.43
N PHE D 226 12.79 -42.27 24.41
CA PHE D 226 13.22 -42.87 25.69
C PHE D 226 12.02 -43.45 26.45
N ALA D 227 10.85 -42.84 26.27
CA ALA D 227 9.63 -43.32 26.92
C ALA D 227 9.30 -44.74 26.50
N ALA D 228 9.41 -45.01 25.20
CA ALA D 228 9.20 -46.36 24.68
C ALA D 228 10.27 -47.31 25.19
N LEU D 229 11.53 -46.85 25.18
CA LEU D 229 12.66 -47.64 25.68
C LEU D 229 12.48 -47.98 27.15
N LEU D 230 12.09 -47.00 27.95
CA LEU D 230 11.88 -47.20 29.38
C LEU D 230 10.79 -48.25 29.64
N ASP D 231 9.84 -48.35 28.73
CA ASP D 231 8.80 -49.37 28.83
C ASP D 231 9.39 -50.75 28.52
N MET D 232 10.19 -50.83 27.46
CA MET D 232 10.86 -52.07 27.10
C MET D 232 11.82 -52.53 28.20
N VAL D 233 12.48 -51.56 28.84
CA VAL D 233 13.35 -51.84 29.97
C VAL D 233 12.52 -52.31 31.17
N GLY D 234 11.40 -51.65 31.40
CA GLY D 234 10.53 -51.97 32.51
C GLY D 234 9.96 -53.38 32.48
N LYS D 235 9.86 -53.96 31.29
CA LYS D 235 9.36 -55.32 31.14
C LYS D 235 10.45 -56.36 31.39
N LYS D 236 11.68 -56.01 31.02
CA LYS D 236 12.81 -56.91 31.18
C LYS D 236 13.30 -56.92 32.62
N TYR D 237 13.29 -55.75 33.25
CA TYR D 237 13.70 -55.62 34.65
C TYR D 237 12.48 -55.25 35.49
N THR D 238 11.64 -56.25 35.75
CA THR D 238 10.33 -56.05 36.37
C THR D 238 10.33 -55.35 37.72
N TRP D 239 11.44 -55.44 38.45
CA TRP D 239 11.56 -54.80 39.75
C TRP D 239 11.67 -53.28 39.63
N LEU D 240 12.06 -52.82 38.44
CA LEU D 240 12.17 -51.39 38.17
C LEU D 240 10.81 -50.78 37.82
N SER D 241 9.89 -51.62 37.37
CA SER D 241 8.64 -51.14 36.79
C SER D 241 7.50 -50.93 37.78
N GLY D 242 6.92 -52.02 38.27
CA GLY D 242 5.64 -51.94 38.94
C GLY D 242 4.66 -51.41 37.91
N GLU D 243 4.68 -52.08 36.75
CA GLU D 243 4.10 -51.58 35.50
C GLU D 243 2.77 -50.86 35.58
N GLY D 244 2.81 -49.55 35.36
CA GLY D 244 1.62 -48.72 35.36
C GLY D 244 1.58 -47.75 36.52
N GLU D 245 1.95 -48.24 37.71
CA GLU D 245 1.82 -47.44 38.92
C GLU D 245 3.11 -46.74 39.34
N LEU D 246 2.96 -45.67 40.11
CA LEU D 246 4.08 -44.88 40.59
C LEU D 246 4.42 -45.23 42.04
N VAL D 247 3.39 -45.31 42.87
CA VAL D 247 3.56 -45.64 44.29
C VAL D 247 3.14 -47.08 44.55
N ARG D 248 3.18 -47.50 45.82
CA ARG D 248 2.97 -48.90 46.17
C ARG D 248 1.75 -49.16 47.05
N LYS D 249 1.03 -48.10 47.42
CA LYS D 249 -0.03 -48.23 48.43
C LYS D 249 -1.45 -47.94 47.95
N ALA D 250 -1.61 -46.86 47.16
CA ALA D 250 -2.94 -46.38 46.75
C ALA D 250 -3.87 -47.47 46.20
N SER D 251 -3.38 -48.23 45.23
CA SER D 251 -4.09 -49.38 44.66
C SER D 251 -5.41 -49.03 43.95
N PHE D 252 -5.49 -47.82 43.42
CA PHE D 252 -6.67 -47.39 42.64
C PHE D 252 -6.40 -46.09 41.90
N LYS D 253 -6.64 -46.09 40.59
CA LYS D 253 -6.45 -44.90 39.78
C LYS D 253 -7.68 -44.53 38.96
N THR D 254 -8.21 -43.34 39.22
CA THR D 254 -9.34 -42.80 38.46
C THR D 254 -9.41 -41.30 38.70
N GLU D 255 -9.78 -40.92 39.91
CA GLU D 255 -9.90 -39.52 40.30
C GLU D 255 -10.22 -39.35 41.79
N ASP D 256 -9.61 -38.35 42.41
CA ASP D 256 -10.08 -37.85 43.70
C ASP D 256 -10.17 -36.32 43.59
N ASP D 257 -11.37 -35.78 43.83
CA ASP D 257 -11.67 -34.43 43.37
C ASP D 257 -12.03 -33.42 44.44
N GLU D 258 -11.99 -32.15 44.05
CA GLU D 258 -12.67 -31.07 44.75
C GLU D 258 -13.97 -30.85 44.01
N LYS D 259 -15.08 -30.91 44.74
CA LYS D 259 -16.40 -30.80 44.13
C LYS D 259 -16.60 -29.47 43.41
N ALA D 260 -16.51 -29.51 42.08
CA ALA D 260 -16.73 -28.34 41.25
C ALA D 260 -18.10 -28.42 40.58
N GLY D 261 -19.01 -27.55 40.99
CA GLY D 261 -20.37 -27.57 40.49
C GLY D 261 -20.64 -26.52 39.42
N GLN D 262 -21.20 -25.39 39.84
CA GLN D 262 -21.56 -24.33 38.90
C GLN D 262 -20.33 -23.75 38.19
N ILE D 263 -20.51 -23.38 36.93
CA ILE D 263 -19.46 -22.72 36.17
C ILE D 263 -20.05 -21.70 35.20
N THR D 264 -19.98 -20.42 35.56
CA THR D 264 -20.51 -19.35 34.73
C THR D 264 -19.40 -18.46 34.18
N HIS D 265 -19.79 -17.47 33.39
CA HIS D 265 -18.84 -16.50 32.85
C HIS D 265 -18.22 -15.67 33.97
N ARG D 266 -18.93 -15.56 35.09
CA ARG D 266 -18.44 -14.81 36.24
C ARG D 266 -17.19 -15.44 36.87
N GLU D 267 -17.18 -16.76 36.96
CA GLU D 267 -16.05 -17.46 37.56
C GLU D 267 -14.81 -17.44 36.68
N THR D 268 -15.01 -17.41 35.36
CA THR D 268 -13.90 -17.32 34.42
C THR D 268 -13.39 -15.89 34.36
N ALA D 269 -14.27 -14.93 34.63
CA ALA D 269 -13.88 -13.53 34.69
C ALA D 269 -13.11 -13.25 35.98
N VAL D 270 -13.43 -14.00 37.04
CA VAL D 270 -12.68 -13.94 38.29
C VAL D 270 -11.28 -14.48 38.07
N GLY D 271 -11.18 -15.55 37.30
CA GLY D 271 -9.88 -16.10 36.92
C GLY D 271 -9.05 -15.07 36.18
N MET D 272 -9.73 -14.14 35.52
CA MET D 272 -9.06 -13.04 34.84
C MET D 272 -8.63 -11.98 35.84
N VAL D 273 -9.45 -11.77 36.87
CA VAL D 273 -9.09 -10.86 37.95
C VAL D 273 -7.87 -11.39 38.70
N LEU D 274 -7.92 -12.67 39.03
CA LEU D 274 -6.82 -13.31 39.76
C LEU D 274 -5.52 -13.33 38.94
N SER D 275 -5.64 -13.60 37.64
CA SER D 275 -4.48 -13.61 36.76
C SER D 275 -3.82 -12.23 36.69
N THR D 276 -4.64 -11.20 36.57
CA THR D 276 -4.13 -9.84 36.43
C THR D 276 -3.72 -9.23 37.78
N THR D 277 -4.27 -9.75 38.87
CA THR D 277 -3.95 -9.24 40.21
C THR D 277 -2.74 -9.95 40.81
N CYS D 278 -2.65 -11.27 40.60
CA CYS D 278 -1.50 -12.02 41.06
C CYS D 278 -0.22 -11.58 40.34
N PHE D 279 -0.37 -11.10 39.10
CA PHE D 279 0.75 -10.56 38.37
C PHE D 279 1.16 -9.23 38.99
N LEU D 280 0.17 -8.42 39.35
CA LEU D 280 0.42 -7.12 39.93
C LEU D 280 1.18 -7.22 41.25
N LEU D 281 0.80 -8.19 42.07
CA LEU D 281 1.47 -8.42 43.35
C LEU D 281 2.92 -8.84 43.12
N ALA D 282 3.12 -9.75 42.17
CA ALA D 282 4.46 -10.22 41.83
C ALA D 282 5.29 -9.10 41.21
N TYR D 283 4.61 -8.11 40.63
CA TYR D 283 5.27 -6.99 39.98
C TYR D 283 5.74 -5.96 41.01
N VAL D 284 4.89 -5.66 41.99
CA VAL D 284 5.23 -4.73 43.05
C VAL D 284 6.35 -5.29 43.94
N VAL D 285 6.26 -6.58 44.24
CA VAL D 285 7.27 -7.27 45.01
C VAL D 285 8.63 -7.23 44.29
N ALA D 286 8.62 -7.48 42.99
CA ALA D 286 9.86 -7.52 42.21
C ALA D 286 10.48 -6.15 41.98
N LYS D 287 9.68 -5.09 42.13
CA LYS D 287 10.13 -3.75 41.79
C LYS D 287 10.36 -2.83 43.00
N LYS D 288 9.53 -2.98 44.03
CA LYS D 288 9.52 -2.02 45.14
C LYS D 288 9.61 -2.66 46.53
N ILE D 289 9.15 -3.89 46.66
CA ILE D 289 9.15 -4.57 47.95
C ILE D 289 10.41 -5.40 48.17
N LEU D 290 10.61 -6.42 47.34
CA LEU D 290 11.76 -7.31 47.46
C LEU D 290 12.50 -7.44 46.13
N PRO D 291 13.11 -6.32 45.66
CA PRO D 291 13.70 -6.29 44.32
C PRO D 291 14.96 -7.15 44.18
N SER D 292 15.51 -7.59 45.31
CA SER D 292 16.74 -8.39 45.29
C SER D 292 17.03 -9.08 46.63
N ILE D 293 16.74 -10.37 46.71
CA ILE D 293 17.13 -11.17 47.87
C ILE D 293 18.53 -11.73 47.64
N GLY D 294 19.48 -11.28 48.46
CA GLY D 294 20.88 -11.51 48.19
C GLY D 294 21.31 -10.52 47.13
N GLY D 295 22.13 -10.98 46.18
CA GLY D 295 22.41 -10.19 45.00
C GLY D 295 21.50 -10.66 43.88
N VAL D 296 20.77 -11.73 44.16
CA VAL D 296 19.87 -12.35 43.20
C VAL D 296 18.57 -11.57 43.02
N SER D 297 18.31 -11.12 41.80
CA SER D 297 17.05 -10.48 41.47
C SER D 297 16.06 -11.53 40.95
N ILE D 298 14.92 -11.64 41.61
CA ILE D 298 13.90 -12.59 41.20
C ILE D 298 12.87 -11.93 40.29
N HIS D 299 12.75 -12.45 39.07
CA HIS D 299 11.83 -11.91 38.07
C HIS D 299 10.38 -12.10 38.51
N TYR D 300 9.49 -11.22 38.04
CA TYR D 300 8.10 -11.26 38.50
C TYR D 300 7.33 -12.51 38.05
N PHE D 301 7.79 -13.15 36.97
CA PHE D 301 7.22 -14.42 36.56
C PHE D 301 7.50 -15.49 37.61
N ALA D 302 8.67 -15.40 38.22
CA ALA D 302 9.07 -16.33 39.28
C ALA D 302 8.29 -16.06 40.57
N TRP D 303 8.13 -14.78 40.90
CA TRP D 303 7.33 -14.40 42.05
C TRP D 303 5.87 -14.81 41.86
N MET D 304 5.38 -14.71 40.64
CA MET D 304 3.99 -15.04 40.33
C MET D 304 3.72 -16.53 40.56
N VAL D 305 4.68 -17.37 40.22
CA VAL D 305 4.56 -18.81 40.45
C VAL D 305 4.40 -19.10 41.95
N LEU D 306 5.26 -18.50 42.76
CA LEU D 306 5.19 -18.65 44.21
C LEU D 306 3.89 -18.09 44.78
N ILE D 307 3.53 -16.90 44.32
CA ILE D 307 2.29 -16.24 44.74
C ILE D 307 1.04 -17.07 44.41
N VAL D 308 0.91 -17.47 43.15
CA VAL D 308 -0.25 -18.25 42.71
C VAL D 308 -0.31 -19.61 43.41
N ALA D 309 0.85 -20.21 43.64
CA ALA D 309 0.91 -21.47 44.39
C ALA D 309 0.50 -21.26 45.84
N ALA D 310 0.90 -20.13 46.39
CA ALA D 310 0.52 -19.77 47.75
C ALA D 310 -0.98 -19.53 47.85
N LEU D 311 -1.53 -18.81 46.87
CA LEU D 311 -2.96 -18.52 46.82
C LEU D 311 -3.78 -19.81 46.80
N ASN D 312 -3.25 -20.84 46.14
CA ASN D 312 -3.87 -22.15 46.13
C ASN D 312 -3.79 -22.80 47.52
N ALA D 313 -2.64 -22.66 48.16
CA ALA D 313 -2.41 -23.26 49.47
C ALA D 313 -3.30 -22.64 50.56
N SER D 314 -3.54 -21.34 50.47
CA SER D 314 -4.36 -20.65 51.45
C SER D 314 -5.81 -21.12 51.44
N GLY D 315 -6.25 -21.66 50.30
CA GLY D 315 -7.61 -22.18 50.18
C GLY D 315 -8.62 -21.08 49.98
N LEU D 316 -8.13 -19.86 49.79
CA LEU D 316 -8.98 -18.68 49.60
C LEU D 316 -9.93 -18.82 48.42
N CYS D 317 -9.50 -19.53 47.39
CA CYS D 317 -10.30 -19.65 46.17
C CYS D 317 -11.24 -20.84 46.21
N SER D 318 -12.50 -20.61 45.88
CA SER D 318 -13.49 -21.67 45.78
C SER D 318 -13.17 -22.56 44.60
N PRO D 319 -13.59 -23.84 44.65
CA PRO D 319 -13.35 -24.78 43.56
C PRO D 319 -13.99 -24.29 42.26
N GLU D 320 -15.09 -23.55 42.36
CA GLU D 320 -15.76 -23.00 41.19
C GLU D 320 -14.94 -21.89 40.54
N ILE D 321 -14.14 -21.21 41.35
CA ILE D 321 -13.29 -20.12 40.87
C ILE D 321 -11.97 -20.65 40.30
N LYS D 322 -11.43 -21.70 40.94
CA LYS D 322 -10.28 -22.42 40.41
C LYS D 322 -10.57 -22.94 39.01
N ALA D 323 -11.76 -23.54 38.84
CA ALA D 323 -12.18 -24.05 37.55
C ALA D 323 -12.38 -22.91 36.56
N GLY D 324 -12.73 -21.73 37.07
CA GLY D 324 -12.87 -20.55 36.24
C GLY D 324 -11.53 -20.10 35.70
N ALA D 325 -10.49 -20.22 36.51
CA ALA D 325 -9.13 -19.87 36.10
C ALA D 325 -8.63 -20.84 35.03
N LYS D 326 -8.93 -22.13 35.22
CA LYS D 326 -8.54 -23.16 34.27
C LYS D 326 -9.23 -22.97 32.93
N ARG D 327 -10.50 -22.57 32.98
CA ARG D 327 -11.29 -22.35 31.76
C ARG D 327 -10.72 -21.20 30.96
N LEU D 328 -10.36 -20.11 31.65
CA LEU D 328 -9.74 -18.98 30.99
C LEU D 328 -8.38 -19.37 30.43
N SER D 329 -7.64 -20.17 31.19
CA SER D 329 -6.35 -20.67 30.76
C SER D 329 -6.50 -21.52 29.51
N ASP D 330 -7.51 -22.38 29.49
CA ASP D 330 -7.79 -23.23 28.34
C ASP D 330 -8.19 -22.42 27.12
N PHE D 331 -8.94 -21.35 27.32
CA PHE D 331 -9.34 -20.48 26.23
C PHE D 331 -8.10 -19.85 25.59
N PHE D 332 -7.24 -19.27 26.42
CA PHE D 332 -6.01 -18.63 25.93
C PHE D 332 -5.09 -19.61 25.23
N SER D 333 -4.92 -20.80 25.80
CA SER D 333 -3.94 -21.76 25.29
C SER D 333 -4.42 -22.55 24.07
N LYS D 334 -5.72 -22.50 23.79
CA LYS D 334 -6.27 -23.25 22.65
C LYS D 334 -6.94 -22.35 21.61
N GLN D 335 -7.25 -21.12 21.97
CA GLN D 335 -7.90 -20.21 21.05
C GLN D 335 -7.03 -19.00 20.70
N LEU D 336 -6.12 -18.64 21.59
CA LEU D 336 -5.31 -17.44 21.43
C LEU D 336 -3.82 -17.73 21.21
N LEU D 337 -3.44 -19.00 21.30
CA LEU D 337 -2.04 -19.40 21.16
C LEU D 337 -1.51 -19.14 19.75
N TRP D 338 -2.36 -19.32 18.75
CA TRP D 338 -1.97 -19.09 17.35
C TRP D 338 -1.77 -17.61 17.07
N VAL D 339 -2.50 -16.76 17.79
CA VAL D 339 -2.30 -15.32 17.73
C VAL D 339 -0.94 -14.96 18.32
N LEU D 340 -0.64 -15.52 19.50
CA LEU D 340 0.60 -15.24 20.19
C LEU D 340 1.82 -15.66 19.37
N MET D 341 1.70 -16.78 18.67
CA MET D 341 2.82 -17.30 17.88
C MET D 341 3.16 -16.43 16.67
N VAL D 342 2.16 -15.74 16.11
CA VAL D 342 2.42 -14.73 15.09
C VAL D 342 3.30 -13.65 15.72
N GLY D 343 2.95 -13.25 16.94
CA GLY D 343 3.73 -12.30 17.68
C GLY D 343 5.11 -12.81 18.06
N VAL D 344 5.18 -14.08 18.43
CA VAL D 344 6.45 -14.71 18.80
C VAL D 344 7.41 -14.73 17.62
N GLY D 345 6.89 -15.00 16.43
CA GLY D 345 7.70 -15.00 15.23
C GLY D 345 8.24 -13.62 14.88
N VAL D 346 7.43 -12.60 15.13
CA VAL D 346 7.79 -11.22 14.83
C VAL D 346 8.79 -10.64 15.84
N CYS D 347 8.64 -11.00 17.12
CA CYS D 347 9.37 -10.33 18.19
C CYS D 347 10.43 -11.18 18.90
N TYR D 348 10.39 -12.50 18.70
CA TYR D 348 11.25 -13.41 19.46
C TYR D 348 12.11 -14.31 18.59
N THR D 349 11.88 -14.26 17.28
CA THR D 349 12.46 -15.26 16.39
C THR D 349 13.53 -14.71 15.44
N ASP D 350 14.73 -15.28 15.54
CA ASP D 350 15.78 -15.07 14.56
C ASP D 350 16.02 -16.39 13.85
N LEU D 351 15.65 -16.44 12.57
CA LEU D 351 15.72 -17.67 11.79
C LEU D 351 17.11 -18.27 11.70
N GLN D 352 18.13 -17.41 11.60
CA GLN D 352 19.51 -17.88 11.48
C GLN D 352 20.00 -18.55 12.77
N GLU D 353 19.62 -17.99 13.91
CA GLU D 353 19.98 -18.57 15.21
C GLU D 353 19.37 -19.95 15.41
N ILE D 354 18.17 -20.15 14.85
CA ILE D 354 17.48 -21.44 14.92
C ILE D 354 18.21 -22.48 14.06
N ILE D 355 18.45 -22.14 12.80
CA ILE D 355 19.18 -23.01 11.88
C ILE D 355 20.57 -23.35 12.40
N ASP D 356 21.28 -22.35 12.92
CA ASP D 356 22.61 -22.56 13.48
C ASP D 356 22.60 -23.49 14.69
N ALA D 357 21.44 -23.63 15.33
CA ALA D 357 21.31 -24.50 16.48
C ALA D 357 21.01 -25.94 16.06
N LEU D 358 20.57 -26.10 14.81
CA LEU D 358 20.28 -27.44 14.30
C LEU D 358 21.57 -28.16 13.96
N THR D 359 22.26 -28.60 15.01
CA THR D 359 23.56 -29.22 14.89
C THR D 359 23.53 -30.62 15.50
N PHE D 360 24.25 -31.56 14.89
CA PHE D 360 24.37 -32.91 15.43
C PHE D 360 24.93 -32.86 16.84
N ALA D 361 25.78 -31.87 17.10
CA ALA D 361 26.32 -31.64 18.43
C ALA D 361 25.21 -31.28 19.41
N ASN D 362 24.33 -30.37 19.01
CA ASN D 362 23.20 -29.99 19.85
C ASN D 362 22.21 -31.13 20.07
N VAL D 363 22.07 -32.00 19.06
CA VAL D 363 21.25 -33.19 19.19
C VAL D 363 21.79 -34.10 20.29
N VAL D 364 23.10 -34.33 20.26
CA VAL D 364 23.77 -35.17 21.25
C VAL D 364 23.66 -34.58 22.66
N ILE D 365 23.91 -33.28 22.79
CA ILE D 365 23.79 -32.60 24.06
C ILE D 365 22.36 -32.71 24.59
N ALA D 366 21.39 -32.46 23.72
CA ALA D 366 19.98 -32.53 24.07
C ALA D 366 19.62 -33.92 24.61
N ALA D 367 19.99 -34.95 23.87
CA ALA D 367 19.68 -36.33 24.26
C ALA D 367 20.24 -36.69 25.63
N ILE D 368 21.50 -36.34 25.88
CA ILE D 368 22.17 -36.65 27.13
C ILE D 368 21.57 -35.91 28.32
N ILE D 369 21.19 -34.64 28.10
CA ILE D 369 20.48 -33.87 29.12
C ILE D 369 19.18 -34.58 29.52
N VAL D 370 18.45 -35.08 28.53
CA VAL D 370 17.23 -35.83 28.76
C VAL D 370 17.51 -37.13 29.52
N VAL D 371 18.61 -37.79 29.17
CA VAL D 371 19.04 -39.00 29.88
C VAL D 371 19.29 -38.69 31.36
N GLY D 372 19.99 -37.58 31.61
CA GLY D 372 20.27 -37.13 32.96
C GLY D 372 19.00 -36.90 33.77
N ALA D 373 17.93 -36.51 33.09
CA ALA D 373 16.65 -36.31 33.74
C ALA D 373 16.06 -37.64 34.20
N VAL D 374 16.19 -38.67 33.38
CA VAL D 374 15.66 -39.99 33.74
C VAL D 374 16.52 -40.68 34.79
N VAL D 375 17.81 -40.37 34.82
CA VAL D 375 18.70 -40.91 35.84
C VAL D 375 18.42 -40.24 37.18
N GLY D 376 18.34 -38.92 37.17
CA GLY D 376 18.08 -38.15 38.37
C GLY D 376 16.74 -38.45 39.02
N ALA D 377 15.69 -38.53 38.22
CA ALA D 377 14.34 -38.79 38.72
C ALA D 377 14.18 -40.23 39.19
N ALA D 378 14.89 -41.15 38.55
CA ALA D 378 14.84 -42.55 38.97
C ALA D 378 15.47 -42.73 40.35
N ILE D 379 16.69 -42.23 40.50
CA ILE D 379 17.41 -42.28 41.78
C ILE D 379 16.60 -41.62 42.89
N GLY D 380 16.25 -40.35 42.69
CA GLY D 380 15.51 -39.60 43.68
C GLY D 380 14.16 -40.21 44.00
N GLY D 381 13.52 -40.78 42.98
CA GLY D 381 12.24 -41.44 43.17
C GLY D 381 12.39 -42.77 43.87
N TRP D 382 13.48 -43.47 43.58
CA TRP D 382 13.77 -44.75 44.21
C TRP D 382 13.93 -44.58 45.72
N LEU D 383 14.52 -43.46 46.12
CA LEU D 383 14.76 -43.17 47.53
C LEU D 383 13.49 -42.79 48.28
N ILE D 384 12.55 -42.16 47.59
CA ILE D 384 11.34 -41.63 48.22
C ILE D 384 10.25 -42.69 48.37
N GLY D 385 10.14 -43.60 47.41
CA GLY D 385 9.15 -44.66 47.49
C GLY D 385 8.39 -44.86 46.19
N PHE D 386 8.90 -44.27 45.12
CA PHE D 386 8.29 -44.40 43.81
C PHE D 386 9.04 -45.45 43.00
N TYR D 387 8.36 -46.03 42.01
CA TYR D 387 9.01 -46.93 41.08
C TYR D 387 9.92 -46.15 40.14
N PRO D 388 11.16 -46.63 39.97
CA PRO D 388 12.20 -45.96 39.16
C PRO D 388 11.73 -45.66 37.73
N ILE D 389 11.24 -46.66 37.02
CA ILE D 389 10.79 -46.51 35.63
C ILE D 389 9.74 -45.41 35.48
N GLU D 390 8.66 -45.51 36.24
CA GLU D 390 7.58 -44.53 36.17
C GLU D 390 8.05 -43.13 36.59
N SER D 391 8.86 -43.06 37.63
CA SER D 391 9.40 -41.81 38.12
C SER D 391 10.20 -41.07 37.05
N SER D 392 11.06 -41.81 36.37
CA SER D 392 11.87 -41.25 35.29
C SER D 392 10.99 -40.79 34.13
N ILE D 393 9.81 -41.39 34.01
CA ILE D 393 8.85 -41.03 32.98
C ILE D 393 8.03 -39.80 33.38
N THR D 394 7.54 -39.78 34.62
CA THR D 394 6.67 -38.71 35.08
C THR D 394 7.41 -37.45 35.55
N ALA D 395 8.51 -37.64 36.29
CA ALA D 395 9.23 -36.52 36.87
C ALA D 395 10.49 -36.20 36.07
N GLY D 396 10.80 -37.04 35.11
CA GLY D 396 11.95 -36.82 34.25
C GLY D 396 11.55 -36.45 32.82
N LEU D 397 10.94 -37.40 32.12
CA LEU D 397 10.57 -37.19 30.72
C LEU D 397 9.45 -36.18 30.54
N CYS D 398 8.53 -36.12 31.50
CA CYS D 398 7.42 -35.18 31.42
C CYS D 398 7.79 -33.82 31.99
N MET D 399 9.09 -33.63 32.20
CA MET D 399 9.65 -32.30 32.44
C MET D 399 10.45 -31.93 31.21
N ALA D 400 11.19 -32.91 30.69
CA ALA D 400 12.07 -32.68 29.53
C ALA D 400 11.30 -32.53 28.23
N ASN D 401 10.01 -32.88 28.24
CA ASN D 401 9.18 -32.77 27.04
C ASN D 401 8.55 -31.39 26.88
N ARG D 402 7.87 -31.18 25.76
CA ARG D 402 7.31 -29.88 25.41
C ARG D 402 5.93 -29.66 26.01
N GLY D 403 5.88 -29.41 27.32
CA GLY D 403 4.64 -29.08 28.00
C GLY D 403 3.55 -30.15 27.95
N GLY D 404 2.30 -29.71 28.00
CA GLY D 404 1.16 -30.61 28.03
C GLY D 404 1.01 -31.48 26.80
N SER D 405 1.32 -30.92 25.62
CA SER D 405 1.25 -31.69 24.39
C SER D 405 2.29 -32.79 24.39
N GLY D 406 3.44 -32.51 24.99
CA GLY D 406 4.51 -33.48 25.10
C GLY D 406 4.18 -34.60 26.06
N ASP D 407 3.45 -34.27 27.12
CA ASP D 407 3.02 -35.28 28.09
C ASP D 407 2.19 -36.36 27.41
N LEU D 408 1.27 -35.92 26.56
CA LEU D 408 0.39 -36.83 25.83
C LEU D 408 1.21 -37.74 24.91
N GLU D 409 2.22 -37.18 24.28
CA GLU D 409 3.10 -37.94 23.39
C GLU D 409 3.98 -38.92 24.16
N VAL D 410 4.47 -38.50 25.31
CA VAL D 410 5.34 -39.33 26.14
C VAL D 410 4.57 -40.48 26.78
N LEU D 411 3.43 -40.17 27.40
CA LEU D 411 2.61 -41.19 28.03
C LEU D 411 1.99 -42.16 27.03
N SER D 412 1.78 -41.70 25.80
CA SER D 412 1.33 -42.56 24.72
C SER D 412 2.38 -43.59 24.35
N ALA D 413 3.64 -43.17 24.39
CA ALA D 413 4.76 -44.03 24.01
C ALA D 413 5.09 -45.06 25.08
N CYS D 414 4.76 -44.77 26.33
CA CYS D 414 5.01 -45.70 27.42
C CYS D 414 3.72 -46.36 27.91
N ASN D 415 2.62 -46.04 27.23
CA ASN D 415 1.30 -46.57 27.57
C ASN D 415 0.93 -46.39 29.04
N ARG D 416 1.13 -45.17 29.54
CA ARG D 416 0.80 -44.83 30.92
C ARG D 416 0.02 -43.52 31.01
N MET D 417 -1.10 -43.46 30.30
CA MET D 417 -1.96 -42.28 30.31
C MET D 417 -2.66 -42.12 31.66
N ASN D 418 -2.57 -43.14 32.50
CA ASN D 418 -3.13 -43.10 33.85
C ASN D 418 -2.33 -42.17 34.76
N LEU D 419 -1.06 -41.94 34.41
CA LEU D 419 -0.19 -41.09 35.20
C LEU D 419 -0.33 -39.62 34.81
N ILE D 420 -1.33 -39.33 33.97
CA ILE D 420 -1.51 -37.99 33.40
C ILE D 420 -1.58 -36.88 34.45
N SER D 421 -2.15 -37.20 35.62
CA SER D 421 -2.23 -36.23 36.70
C SER D 421 -0.85 -35.83 37.21
N TYR D 422 0.07 -36.78 37.24
CA TYR D 422 1.44 -36.51 37.67
C TYR D 422 2.21 -35.72 36.62
N ALA D 423 2.01 -36.07 35.35
CA ALA D 423 2.64 -35.34 34.25
C ALA D 423 2.13 -33.90 34.21
N GLN D 424 0.88 -33.72 34.63
CA GLN D 424 0.30 -32.38 34.71
C GLN D 424 0.97 -31.55 35.80
N ILE D 425 1.36 -32.21 36.88
CA ILE D 425 2.08 -31.53 37.96
C ILE D 425 3.46 -31.07 37.47
N SER D 426 4.14 -31.94 36.73
CA SER D 426 5.44 -31.62 36.17
C SER D 426 5.39 -30.44 35.20
N SER D 427 4.47 -30.52 34.23
CA SER D 427 4.33 -29.48 33.22
C SER D 427 3.91 -28.13 33.79
N ARG D 428 3.16 -28.15 34.88
CA ARG D 428 2.60 -26.92 35.44
C ARG D 428 3.37 -26.40 36.66
N LEU D 429 3.44 -27.21 37.71
CA LEU D 429 4.17 -26.81 38.91
C LEU D 429 5.67 -26.79 38.66
N GLY D 430 6.21 -27.90 38.16
CA GLY D 430 7.62 -27.98 37.85
C GLY D 430 8.02 -27.05 36.73
N GLY D 431 7.06 -26.69 35.88
CA GLY D 431 7.31 -25.77 34.79
C GLY D 431 7.43 -24.34 35.29
N GLY D 432 6.67 -24.00 36.31
CA GLY D 432 6.75 -22.70 36.94
C GLY D 432 7.94 -22.62 37.88
N ILE D 433 8.28 -23.78 38.45
CA ILE D 433 9.45 -23.90 39.32
C ILE D 433 10.73 -23.64 38.53
N VAL D 434 10.78 -24.15 37.30
CA VAL D 434 11.90 -23.90 36.40
C VAL D 434 12.08 -22.40 36.16
N LEU D 435 10.97 -21.67 36.06
CA LEU D 435 11.01 -20.22 35.90
C LEU D 435 11.63 -19.54 37.12
N VAL D 436 11.40 -20.11 38.30
CA VAL D 436 11.97 -19.59 39.55
C VAL D 436 13.45 -19.91 39.63
N ILE D 437 13.80 -21.16 39.39
CA ILE D 437 15.18 -21.60 39.33
C ILE D 437 15.97 -20.78 38.31
N ALA D 438 15.36 -20.58 37.13
CA ALA D 438 15.99 -19.82 36.05
C ALA D 438 16.33 -18.40 36.48
N SER D 439 15.40 -17.73 37.13
CA SER D 439 15.64 -16.36 37.60
C SER D 439 16.83 -16.33 38.56
N ILE D 440 16.83 -17.25 39.52
CA ILE D 440 17.93 -17.39 40.46
C ILE D 440 19.24 -17.72 39.76
N VAL D 441 19.18 -18.69 38.84
CA VAL D 441 20.37 -19.10 38.09
C VAL D 441 20.87 -18.01 37.16
N PHE D 442 19.97 -17.35 36.43
CA PHE D 442 20.35 -16.28 35.51
C PHE D 442 21.04 -15.14 36.23
N SER D 443 20.51 -14.74 37.38
CA SER D 443 21.07 -13.65 38.17
C SER D 443 22.44 -13.98 38.73
N MET D 444 22.61 -15.21 39.18
CA MET D 444 23.90 -15.67 39.72
C MET D 444 24.99 -15.70 38.66
N MET D 445 24.59 -15.97 37.41
CA MET D 445 25.55 -16.09 36.31
C MET D 445 26.13 -14.75 35.87
N VAL D 446 25.35 -13.68 36.00
CA VAL D 446 25.82 -12.36 35.58
C VAL D 446 26.58 -11.62 36.69
N LEU D 447 26.44 -12.08 37.91
CA LEU D 447 27.22 -11.56 39.03
C LEU D 447 28.65 -12.09 38.94
N GLU D 448 29.62 -11.18 39.05
CA GLU D 448 31.03 -11.55 39.00
C GLU D 448 31.60 -11.70 40.41
NA NA E . 11.24 22.01 -5.70
NA NA F . 15.22 24.67 -3.39
CAC FLC G . 13.98 22.47 -13.44
CA FLC G . 15.35 22.03 -13.95
CB FLC G . 16.33 21.74 -12.84
CBC FLC G . 16.82 23.02 -12.20
CG FLC G . 17.51 21.01 -13.43
CGC FLC G . 18.72 21.08 -12.51
OA1 FLC G . 13.85 23.06 -12.32
OA2 FLC G . 12.97 22.26 -14.16
OB1 FLC G . 17.22 23.97 -12.93
OB2 FLC G . 16.82 23.15 -10.96
OG1 FLC G . 19.70 21.83 -12.82
OG2 FLC G . 18.76 20.40 -11.46
OHB FLC G . 15.72 20.92 -11.86
C1 BOG H . -3.95 16.97 -7.10
O1 BOG H . -3.02 17.85 -7.69
C2 BOG H . -3.34 15.60 -6.94
O2 BOG H . -3.07 15.05 -8.20
C3 BOG H . -4.29 14.67 -6.20
O3 BOG H . -3.57 13.54 -5.76
C4 BOG H . -4.91 15.35 -5.00
O4 BOG H . -5.99 14.58 -4.56
C5 BOG H . -5.41 16.72 -5.39
O5 BOG H . -4.32 17.47 -5.83
C6 BOG H . -6.07 17.38 -4.20
O6 BOG H . -5.16 17.46 -3.13
C1' BOG H . -3.59 18.71 -8.65
C2' BOG H . -4.35 19.82 -7.95
C3' BOG H . -3.42 20.72 -7.19
C4' BOG H . -3.32 22.06 -7.90
C5' BOG H . -3.66 23.17 -6.94
C6' BOG H . -3.37 24.51 -7.57
C7' BOG H . -4.26 24.72 -8.78
C8' BOG H . -4.21 26.18 -9.17
C1 UND I . 7.65 10.25 -26.70
C2 UND I . 7.27 8.98 -25.97
C3 UND I . 5.77 8.89 -25.88
C4 UND I . 5.37 7.63 -25.16
C5 UND I . 3.88 7.56 -24.99
C6 UND I . 3.46 6.13 -24.71
C7 UND I . 2.00 6.08 -24.32
C8 UND I . 1.54 4.64 -24.31
C9 UND I . 0.18 4.53 -23.67
C10 UND I . -0.28 3.10 -23.73
C11 UND I . -1.62 2.97 -23.02
CL CL J . 28.79 43.34 -14.94
CAC FLC K . 28.33 40.76 2.76
CA FLC K . 29.53 40.65 3.67
CB FLC K . 29.36 39.54 4.66
CBC FLC K . 29.93 39.98 5.99
CG FLC K . 30.07 38.30 4.15
CGC FLC K . 29.99 37.16 5.15
OA1 FLC K . 27.30 41.38 3.14
OA2 FLC K . 28.36 40.22 1.62
OB1 FLC K . 29.48 39.52 7.08
OB2 FLC K . 30.87 40.82 6.02
OG1 FLC K . 28.98 37.02 5.88
OG2 FLC K . 30.93 36.32 5.22
OHB FLC K . 27.98 39.23 4.80
CAC FLC L . -19.37 8.85 -25.53
CA FLC L . -19.53 7.36 -25.31
CB FLC L . -19.47 7.07 -23.84
CBC FLC L . -18.20 6.32 -23.52
CG FLC L . -20.68 6.23 -23.45
CGC FLC L . -20.74 6.06 -21.95
OA1 FLC L . -18.26 9.41 -25.30
OA2 FLC L . -20.34 9.53 -25.94
OB1 FLC L . -17.98 5.19 -24.02
OB2 FLC L . -17.34 6.85 -22.76
OG1 FLC L . -21.23 5.03 -21.45
OG2 FLC L . -20.30 6.98 -21.21
OHB FLC L . -19.52 8.27 -23.11
C1 PTY M . -7.40 30.03 3.33
C2 PTY M . -10.14 23.24 0.24
C3 PTY M . -9.76 23.50 1.69
O4 PTY M . -6.82 30.67 4.46
C5 PTY M . -8.25 27.81 2.52
C6 PTY M . -7.85 28.64 3.75
O7 PTY M . -8.93 28.75 4.63
C8 PTY M . -8.62 28.47 5.99
O10 PTY M . -8.76 27.35 6.43
C11 PTY M . -8.29 29.62 6.95
C12 PTY M . -6.96 29.30 7.72
C13 PTY M . -6.65 30.41 8.72
C14 PTY M . -5.56 29.91 9.70
C15 PTY M . -4.93 31.11 10.46
C16 PTY M . -4.11 30.56 11.66
C17 PTY M . -5.06 29.78 12.64
C18 PTY M . -4.74 30.17 14.10
C19 PTY M . -5.10 28.98 15.05
C20 PTY M . -4.27 29.11 16.36
C21 PTY M . -5.13 29.79 17.47
C22 PTY M . -4.49 31.15 17.87
C23 PTY M . -2.98 30.97 18.08
C24 PTY M . -2.36 32.32 18.52
C25 PTY M . -2.72 33.40 17.51
C26 PTY M . -3.06 34.69 18.24
C27 PTY M . -1.78 35.30 18.83
C28 PTY M . -1.96 35.54 20.32
C29 PTY M . -0.64 36.02 20.93
C30 PTY M . -6.20 31.94 4.21
C31 PTY M . -7.07 33.22 4.34
O30 PTY M . -5.00 32.03 4.37
C32 PTY M . -6.67 34.25 3.24
C33 PTY M . -5.40 35.01 3.66
C34 PTY M . -4.85 35.80 2.44
C35 PTY M . -4.83 34.91 1.19
C36 PTY M . -3.67 33.88 1.27
C37 PTY M . -2.44 34.44 0.52
C38 PTY M . -2.88 34.96 -0.86
C39 PTY M . -1.85 36.07 -1.36
C40 PTY M . -2.57 37.07 -2.31
C41 PTY M . -2.02 36.92 -3.76
C42 PTY M . -2.51 35.58 -4.37
C43 PTY M . -3.35 35.87 -5.62
C44 PTY M . -3.91 34.55 -6.16
P1 PTY M . -8.35 25.21 3.05
O11 PTY M . -8.61 24.36 1.73
O12 PTY M . -6.85 25.38 3.25
O13 PTY M . -8.91 24.48 4.24
O14 PTY M . -9.04 26.68 2.92
N1 PTY M . -11.23 22.32 0.19
C1 BOG N . -12.78 28.74 -9.32
O1 BOG N . -11.97 28.27 -10.38
C2 BOG N . -13.55 29.97 -9.74
O2 BOG N . -12.68 30.93 -10.29
C3 BOG N . -14.22 30.52 -8.50
O3 BOG N . -15.05 31.61 -8.85
C4 BOG N . -15.05 29.44 -7.83
O4 BOG N . -15.46 29.89 -6.57
C5 BOG N . -14.23 28.17 -7.67
O5 BOG N . -13.70 27.76 -8.91
C6 BOG N . -15.10 27.07 -7.10
O6 BOG N . -16.09 27.64 -6.26
C1' BOG N . -10.59 28.45 -10.14
C2' BOG N . -9.79 27.73 -11.20
C3' BOG N . -8.90 28.71 -11.91
C4' BOG N . -7.60 28.89 -11.16
C5' BOG N . -7.03 30.28 -11.42
C6' BOG N . -6.79 30.45 -12.91
C7' BOG N . -6.23 31.82 -13.17
C8' BOG N . -5.76 31.93 -14.61
NA NA O . 4.02 -1.19 -51.01
CAC FLC P . -0.59 -0.17 -38.31
CA FLC P . 0.60 0.71 -38.67
CB FLC P . 1.54 0.07 -39.66
CBC FLC P . 2.53 -0.84 -38.96
CG FLC P . 2.36 1.14 -40.35
CGC FLC P . 1.61 1.76 -41.51
OA1 FLC P . -1.70 0.37 -38.06
OA2 FLC P . -0.51 -1.42 -38.26
OB1 FLC P . 2.14 -1.73 -38.15
OB2 FLC P . 3.76 -0.71 -39.18
OG1 FLC P . 0.84 1.05 -42.21
OG2 FLC P . 1.79 2.97 -41.78
OHB FLC P . 0.81 -0.65 -40.62
CAC FLC Q . -6.48 -6.41 -36.64
CA FLC Q . -6.83 -5.14 -37.39
CB FLC Q . -5.65 -4.69 -38.24
CBC FLC Q . -4.45 -4.38 -37.36
CG FLC Q . -6.04 -3.46 -39.03
CGC FLC Q . -5.04 -3.22 -40.13
OA1 FLC Q . -6.17 -6.37 -35.42
OA2 FLC Q . -6.53 -7.52 -37.24
OB1 FLC Q . -3.77 -5.31 -36.84
OB2 FLC Q . -4.14 -3.18 -37.13
OG1 FLC Q . -4.26 -2.22 -40.09
OG2 FLC Q . -4.96 -4.03 -41.09
OHB FLC Q . -5.32 -5.73 -39.13
NA NA R . -24.25 8.44 20.45
NA NA S . -24.11 13.47 20.46
CAC FLC T . -16.46 7.11 19.98
CA FLC T . -15.33 7.65 20.83
CB FLC T . -15.81 8.71 21.80
CBC FLC T . -16.07 10.01 21.07
CG FLC T . -14.74 8.94 22.85
CGC FLC T . -15.14 10.05 23.79
OA1 FLC T . -17.25 7.89 19.38
OA2 FLC T . -16.62 5.87 19.88
OB1 FLC T . -15.16 10.52 20.38
OB2 FLC T . -17.19 10.56 21.16
OG1 FLC T . -16.13 9.91 24.55
OG2 FLC T . -14.47 11.12 23.83
OHB FLC T . -16.99 8.28 22.43
C1 BOG U . -30.58 -6.55 17.48
O1 BOG U . -29.60 -5.66 17.03
C2 BOG U . -30.58 -6.60 18.98
O2 BOG U . -29.32 -7.05 19.45
C3 BOG U . -31.65 -7.54 19.47
O3 BOG U . -31.78 -7.42 20.86
C4 BOG U . -32.98 -7.22 18.82
O4 BOG U . -33.89 -8.24 19.09
C5 BOG U . -32.77 -7.11 17.31
O5 BOG U . -31.84 -6.10 17.05
C6 BOG U . -34.09 -6.76 16.66
O6 BOG U . -33.99 -5.50 16.05
C1' BOG U . -29.01 -6.00 15.78
C2' BOG U . -29.81 -5.40 14.65
C3' BOG U . -29.62 -3.90 14.59
C4' BOG U . -30.15 -3.36 13.27
C5' BOG U . -29.28 -3.83 12.13
C6' BOG U . -29.50 -2.93 10.92
C7' BOG U . -28.94 -3.60 9.68
C8' BOG U . -28.47 -2.55 8.71
C1 BOG V . 6.67 3.56 50.80
O1 BOG V . 5.79 2.54 51.22
C2 BOG V . 7.86 2.97 50.08
O2 BOG V . 8.53 2.08 50.94
C3 BOG V . 8.79 4.08 49.66
O3 BOG V . 9.78 3.56 48.80
C4 BOG V . 8.04 5.18 48.95
O4 BOG V . 8.88 6.31 48.80
C5 BOG V . 6.81 5.57 49.75
O5 BOG V . 6.00 4.45 49.94
C6 BOG V . 6.03 6.63 49.01
O6 BOG V . 5.09 7.22 49.87
C1' BOG V . 4.43 2.81 50.98
C2' BOG V . 3.58 2.19 52.06
C3' BOG V . 3.56 0.69 51.88
C4' BOG V . 2.54 0.07 52.82
C5' BOG V . 1.15 0.23 52.23
C6' BOG V . 0.18 -0.69 52.96
C7' BOG V . -1.12 -0.76 52.19
C8' BOG V . -2.10 -1.64 52.93
NA NA W . 5.79 -31.85 30.51
NA NA X . 10.32 -29.26 29.08
CAC FLC Y . 0.89 -27.06 24.51
CA FLC Y . 0.33 -26.33 25.72
CB FLC Y . 1.41 -26.10 26.74
CBC FLC Y . 0.84 -26.18 28.14
CG FLC Y . 2.04 -24.73 26.54
CGC FLC Y . 1.00 -23.71 26.12
OA1 FLC Y . 1.80 -27.91 24.65
OA2 FLC Y . 0.42 -26.83 23.37
OB1 FLC Y . 1.57 -26.59 29.08
OB2 FLC Y . -0.35 -25.84 28.36
OG1 FLC Y . 1.08 -23.17 24.99
OG2 FLC Y . 0.07 -23.39 26.91
OHB FLC Y . 2.42 -27.07 26.59
C1 UND Z . -8.28 -8.87 25.64
C2 UND Z . -9.14 -10.07 25.29
C3 UND Z . -10.11 -10.35 26.42
C4 UND Z . -10.17 -11.84 26.63
C5 UND Z . -11.62 -12.28 26.80
C6 UND Z . -11.68 -13.79 26.82
C7 UND Z . -13.12 -14.26 26.75
C8 UND Z . -13.14 -15.75 26.97
C9 UND Z . -14.56 -16.21 27.27
C10 UND Z . -14.52 -17.57 27.91
C11 UND Z . -15.93 -18.04 28.20
CL CL AA . 5.17 -0.44 4.12
CL CL BA . -3.95 3.15 8.31
O1 MES CA . 14.45 -10.35 14.68
C2 MES CA . 14.44 -9.61 15.85
C3 MES CA . 13.13 -8.84 15.96
N4 MES CA . 13.03 -7.93 14.87
C5 MES CA . 13.09 -8.62 13.64
C6 MES CA . 14.40 -9.44 13.58
C7 MES CA . 11.78 -7.21 14.94
C8 MES CA . 11.76 -6.35 16.19
S MES CA . 10.08 -5.85 16.52
O1S MES CA . 9.73 -4.61 15.74
O2S MES CA . 9.84 -5.68 18.00
O3S MES CA . 9.13 -6.98 16.21
C1 BOG DA . 16.78 -9.22 0.97
O1 BOG DA . 18.04 -8.85 1.49
C2 BOG DA . 16.95 -9.90 -0.37
O2 BOG DA . 17.87 -9.21 -1.16
C3 BOG DA . 15.60 -9.92 -1.04
O3 BOG DA . 15.56 -10.95 -1.99
C4 BOG DA . 14.45 -10.09 -0.04
O4 BOG DA . 13.69 -8.90 -0.02
C5 BOG DA . 14.84 -10.47 1.39
O5 BOG DA . 16.15 -10.15 1.82
C6 BOG DA . 14.62 -11.97 1.58
O6 BOG DA . 15.13 -12.69 0.49
C1' BOG DA . 18.89 -9.93 1.83
C2' BOG DA . 20.33 -9.47 1.77
C3' BOG DA . 20.72 -9.24 0.32
C4' BOG DA . 21.78 -8.17 0.23
C5' BOG DA . 23.12 -8.76 0.59
C6' BOG DA . 24.19 -7.68 0.54
C7' BOG DA . 24.35 -7.20 -0.90
C8' BOG DA . 24.90 -8.33 -1.75
#